data_2GOY
#
_entry.id   2GOY
#
_cell.length_a   60.027
_cell.length_b   102.788
_cell.length_c   139.374
_cell.angle_alpha   90.10
_cell.angle_beta   102.57
_cell.angle_gamma   89.95
#
_symmetry.space_group_name_H-M   'P 1'
#
loop_
_entity.id
_entity.type
_entity.pdbx_description
1 polymer 'adenosine phosphosulfate reductase'
2 non-polymer 'IRON/SULFUR CLUSTER'
3 non-polymer "ADENOSINE-5'-PHOSPHOSULFATE"
4 water water
#
_entity_poly.entity_id   1
_entity_poly.type   'polypeptide(L)'
_entity_poly.pdbx_seq_one_letter_code
;MLPFATIPATERNSAAQHQDPSPMSQPFDLPALASSLADKSPQDILKAAFEHFGDELWISFSGAEDVVLVDMAWKLNRNV
KVFSLDTGRLHPETYRFIDQVREHYGIAIDVLSPDPRLLEPLVKEKGLFSFYRDGHGECCGIRKIEPLKRKLAGVRAWAT
GQRRDQSPGTRSQVAVLEIDGAFSTPEKPLYKFNPLSSMTSEEVWGYIRMLELPYNSLHERGYISIGCEPCTRPVLPNQH
EREGRWWWEEATHKECGLHAGNLISKALEHHHHHH
;
_entity_poly.pdbx_strand_id   A,B,C,D,E,F,G,H
#
loop_
_chem_comp.id
_chem_comp.type
_chem_comp.name
_chem_comp.formula
ADX RNA linking ADENOSINE-5'-PHOSPHOSULFATE 'C10 H14 N5 O10 P S'
SF4 non-polymer 'IRON/SULFUR CLUSTER' 'Fe4 S4'
#
# COMPACT_ATOMS: atom_id res chain seq x y z
N PHE A 28 56.68 -63.37 49.45
CA PHE A 28 55.37 -64.09 49.48
C PHE A 28 55.31 -65.15 48.38
N ASP A 29 54.15 -65.79 48.22
CA ASP A 29 53.97 -66.84 47.22
C ASP A 29 53.11 -66.35 46.06
N LEU A 30 53.75 -65.89 44.99
CA LEU A 30 53.04 -65.37 43.83
C LEU A 30 51.99 -66.34 43.26
N PRO A 31 52.44 -67.53 42.79
CA PRO A 31 51.50 -68.51 42.23
C PRO A 31 50.36 -68.90 43.16
N ALA A 32 50.67 -69.09 44.43
CA ALA A 32 49.67 -69.46 45.42
C ALA A 32 48.63 -68.36 45.52
N LEU A 33 49.12 -67.15 45.74
CA LEU A 33 48.27 -65.98 45.91
C LEU A 33 47.48 -65.63 44.66
N ALA A 34 48.09 -65.74 43.49
CA ALA A 34 47.41 -65.44 42.24
C ALA A 34 46.17 -66.33 42.09
N SER A 35 46.28 -67.57 42.57
CA SER A 35 45.20 -68.54 42.51
C SER A 35 44.12 -68.25 43.55
N SER A 36 44.50 -68.20 44.82
CA SER A 36 43.53 -67.93 45.86
C SER A 36 42.67 -66.70 45.58
N LEU A 37 43.33 -65.61 45.19
CA LEU A 37 42.65 -64.35 44.90
C LEU A 37 41.74 -64.35 43.69
N ALA A 38 42.13 -65.09 42.65
CA ALA A 38 41.38 -65.18 41.40
C ALA A 38 39.89 -64.82 41.43
N ASP A 39 39.11 -65.51 42.26
CA ASP A 39 37.66 -65.26 42.32
C ASP A 39 37.15 -64.41 43.47
N LYS A 40 38.06 -63.82 44.26
CA LYS A 40 37.64 -63.00 45.38
C LYS A 40 37.23 -61.58 44.99
N SER A 41 36.62 -60.89 45.94
CA SER A 41 36.17 -59.52 45.69
C SER A 41 37.35 -58.57 45.49
N PRO A 42 37.08 -57.40 44.90
CA PRO A 42 38.13 -56.41 44.66
C PRO A 42 38.75 -55.99 45.99
N GLN A 43 37.90 -55.81 47.00
CA GLN A 43 38.37 -55.44 48.33
C GLN A 43 39.28 -56.51 48.90
N ASP A 44 38.85 -57.77 48.80
CA ASP A 44 39.67 -58.87 49.31
C ASP A 44 41.02 -58.89 48.62
N ILE A 45 41.05 -58.52 47.34
CA ILE A 45 42.30 -58.49 46.58
C ILE A 45 43.17 -57.33 47.08
N LEU A 46 42.55 -56.20 47.39
CA LEU A 46 43.34 -55.08 47.90
C LEU A 46 43.85 -55.42 49.30
N LYS A 47 43.00 -56.04 50.13
CA LYS A 47 43.40 -56.44 51.47
C LYS A 47 44.64 -57.31 51.38
N ALA A 48 44.64 -58.20 50.40
CA ALA A 48 45.74 -59.11 50.16
C ALA A 48 47.01 -58.37 49.81
N ALA A 49 46.88 -57.44 48.87
CA ALA A 49 48.01 -56.66 48.40
C ALA A 49 48.61 -55.83 49.53
N PHE A 50 47.74 -55.12 50.27
CA PHE A 50 48.20 -54.31 51.38
C PHE A 50 48.90 -55.15 52.45
N GLU A 51 48.29 -56.27 52.82
CA GLU A 51 48.85 -57.17 53.80
C GLU A 51 50.28 -57.58 53.48
N HIS A 52 50.60 -57.73 52.19
CA HIS A 52 51.93 -58.14 51.79
C HIS A 52 52.90 -57.02 51.44
N PHE A 53 52.36 -55.83 51.14
CA PHE A 53 53.23 -54.72 50.78
C PHE A 53 52.97 -53.43 51.58
N GLY A 54 51.91 -53.43 52.38
CA GLY A 54 51.58 -52.27 53.18
C GLY A 54 51.73 -50.94 52.47
N ASP A 55 52.43 -50.01 53.12
CA ASP A 55 52.66 -48.67 52.58
C ASP A 55 53.78 -48.62 51.53
N GLU A 56 53.74 -49.54 50.59
CA GLU A 56 54.72 -49.61 49.51
C GLU A 56 54.01 -50.11 48.25
N LEU A 57 52.69 -50.20 48.36
CA LEU A 57 51.83 -50.64 47.28
C LEU A 57 51.25 -49.40 46.61
N TRP A 58 51.71 -49.11 45.39
CA TRP A 58 51.22 -47.93 44.69
C TRP A 58 50.00 -48.18 43.82
N ILE A 59 49.01 -47.30 43.98
CA ILE A 59 47.79 -47.39 43.23
C ILE A 59 47.86 -46.40 42.07
N SER A 60 47.70 -46.91 40.87
CA SER A 60 47.73 -46.10 39.65
C SER A 60 46.34 -45.54 39.39
N PHE A 61 46.24 -44.22 39.28
CA PHE A 61 44.97 -43.54 39.03
C PHE A 61 45.04 -42.75 37.73
N SER A 62 44.13 -43.02 36.80
CA SER A 62 44.13 -42.33 35.52
C SER A 62 43.07 -41.23 35.37
N GLY A 63 42.29 -40.99 36.42
CA GLY A 63 41.29 -39.93 36.36
C GLY A 63 39.96 -40.34 35.77
N ALA A 64 39.74 -41.63 35.61
CA ALA A 64 38.47 -42.10 35.08
C ALA A 64 37.75 -42.93 36.14
N GLU A 65 37.01 -43.93 35.67
CA GLU A 65 36.25 -44.82 36.52
C GLU A 65 37.09 -45.54 37.57
N ASP A 66 38.40 -45.59 37.38
CA ASP A 66 39.27 -46.27 38.33
C ASP A 66 39.22 -45.61 39.70
N VAL A 67 38.44 -44.54 39.80
CA VAL A 67 38.30 -43.84 41.07
C VAL A 67 37.81 -44.88 42.07
N VAL A 68 37.06 -45.88 41.57
CA VAL A 68 36.54 -46.96 42.40
C VAL A 68 37.70 -47.65 43.11
N LEU A 69 38.76 -47.92 42.37
CA LEU A 69 39.94 -48.55 42.94
C LEU A 69 40.52 -47.67 44.05
N VAL A 70 40.56 -46.36 43.80
CA VAL A 70 41.09 -45.42 44.77
C VAL A 70 40.21 -45.41 46.02
N ASP A 71 38.91 -45.29 45.85
CA ASP A 71 37.97 -45.27 46.97
C ASP A 71 38.12 -46.54 47.83
N MET A 72 38.12 -47.70 47.17
CA MET A 72 38.26 -48.97 47.88
C MET A 72 39.58 -49.04 48.62
N ALA A 73 40.68 -48.77 47.92
CA ALA A 73 41.99 -48.83 48.55
C ALA A 73 42.13 -47.80 49.66
N TRP A 74 41.49 -46.65 49.48
CA TRP A 74 41.58 -45.59 50.46
C TRP A 74 40.89 -46.02 51.77
N LYS A 75 39.78 -46.74 51.64
CA LYS A 75 39.04 -47.21 52.80
C LYS A 75 39.72 -48.36 53.53
N LEU A 76 40.64 -49.03 52.85
CA LEU A 76 41.37 -50.12 53.48
C LEU A 76 42.62 -49.54 54.10
N ASN A 77 43.14 -48.48 53.48
CA ASN A 77 44.33 -47.79 53.95
C ASN A 77 44.22 -46.32 53.57
N ARG A 78 44.17 -45.46 54.58
CA ARG A 78 44.06 -44.03 54.35
C ARG A 78 45.35 -43.49 53.76
N ASN A 79 46.48 -44.04 54.21
CA ASN A 79 47.77 -43.59 53.72
C ASN A 79 48.10 -44.10 52.32
N VAL A 80 47.17 -44.85 51.71
CA VAL A 80 47.39 -45.40 50.37
C VAL A 80 48.11 -44.48 49.38
N LYS A 81 49.28 -44.91 48.92
CA LYS A 81 50.05 -44.15 47.95
C LYS A 81 49.29 -44.20 46.62
N VAL A 82 49.27 -43.08 45.91
CA VAL A 82 48.56 -43.02 44.63
C VAL A 82 49.30 -42.10 43.69
N PHE A 83 49.44 -42.49 42.43
CA PHE A 83 50.09 -41.64 41.47
C PHE A 83 49.29 -41.59 40.18
N SER A 84 49.52 -40.54 39.40
CA SER A 84 48.82 -40.36 38.13
C SER A 84 49.79 -39.91 37.07
N LEU A 85 49.57 -40.33 35.84
CA LEU A 85 50.46 -39.96 34.75
C LEU A 85 49.88 -38.78 33.99
N ASP A 86 50.50 -37.62 34.15
CA ASP A 86 50.07 -36.43 33.46
C ASP A 86 50.85 -36.35 32.15
N THR A 87 50.22 -36.82 31.08
CA THR A 87 50.81 -36.82 29.76
C THR A 87 51.01 -35.40 29.28
N GLY A 88 50.39 -34.45 29.96
CA GLY A 88 50.49 -33.06 29.55
C GLY A 88 49.44 -32.79 28.48
N ARG A 89 48.66 -33.81 28.16
CA ARG A 89 47.62 -33.69 27.14
C ARG A 89 46.28 -34.18 27.67
N LEU A 90 46.14 -34.26 28.99
CA LEU A 90 44.89 -34.73 29.58
C LEU A 90 43.77 -33.71 29.42
N HIS A 91 42.54 -34.16 29.59
CA HIS A 91 41.38 -33.30 29.50
C HIS A 91 41.42 -32.35 30.70
N PRO A 92 40.99 -31.10 30.52
CA PRO A 92 40.98 -30.18 31.66
C PRO A 92 40.09 -30.80 32.74
N GLU A 93 39.00 -31.46 32.30
CA GLU A 93 38.08 -32.09 33.23
C GLU A 93 38.81 -33.16 34.04
N THR A 94 39.74 -33.85 33.39
CA THR A 94 40.52 -34.87 34.06
C THR A 94 41.44 -34.21 35.09
N TYR A 95 41.98 -33.04 34.75
CA TYR A 95 42.86 -32.34 35.70
C TYR A 95 42.05 -31.97 36.93
N ARG A 96 40.86 -31.44 36.69
CA ARG A 96 40.01 -31.05 37.79
C ARG A 96 39.63 -32.26 38.64
N PHE A 97 39.21 -33.35 38.00
CA PHE A 97 38.80 -34.56 38.72
C PHE A 97 39.92 -35.14 39.58
N ILE A 98 41.10 -35.31 38.99
CA ILE A 98 42.23 -35.84 39.70
C ILE A 98 42.49 -35.06 40.99
N ASP A 99 42.36 -33.74 40.89
CA ASP A 99 42.59 -32.88 42.04
C ASP A 99 41.42 -32.98 43.01
N GLN A 100 40.22 -33.10 42.46
CA GLN A 100 39.03 -33.25 43.28
C GLN A 100 39.10 -34.52 44.13
N VAL A 101 39.65 -35.58 43.51
CA VAL A 101 39.82 -36.83 44.23
C VAL A 101 40.83 -36.56 45.35
N ARG A 102 41.95 -35.98 44.96
CA ARG A 102 43.02 -35.63 45.90
C ARG A 102 42.43 -34.93 47.13
N GLU A 103 41.79 -33.80 46.87
CA GLU A 103 41.19 -33.00 47.92
C GLU A 103 40.17 -33.79 48.72
N HIS A 104 39.33 -34.55 48.02
CA HIS A 104 38.28 -35.33 48.64
C HIS A 104 38.77 -36.35 49.65
N TYR A 105 39.61 -37.29 49.20
CA TYR A 105 40.11 -38.31 50.11
C TYR A 105 41.29 -37.83 50.93
N GLY A 106 41.78 -36.63 50.62
CA GLY A 106 42.92 -36.11 51.35
C GLY A 106 44.14 -36.93 51.03
N ILE A 107 44.42 -37.07 49.74
CA ILE A 107 45.54 -37.85 49.24
C ILE A 107 46.50 -36.96 48.45
N ALA A 108 47.78 -37.01 48.81
CA ALA A 108 48.76 -36.21 48.08
C ALA A 108 49.19 -36.99 46.86
N ILE A 109 48.27 -37.13 45.91
CA ILE A 109 48.55 -37.88 44.67
C ILE A 109 49.83 -37.45 43.97
N ASP A 110 50.60 -38.40 43.47
CA ASP A 110 51.82 -38.07 42.77
C ASP A 110 51.58 -37.93 41.27
N VAL A 111 51.39 -36.70 40.82
CA VAL A 111 51.17 -36.43 39.39
C VAL A 111 52.52 -36.33 38.70
N LEU A 112 52.83 -37.32 37.85
CA LEU A 112 54.10 -37.40 37.12
C LEU A 112 54.02 -36.84 35.70
N SER A 113 55.08 -36.20 35.26
CA SER A 113 55.09 -35.60 33.93
C SER A 113 56.14 -36.20 33.00
N PRO A 114 56.06 -35.88 31.70
CA PRO A 114 57.03 -36.42 30.74
C PRO A 114 58.40 -35.81 30.91
N ASP A 115 59.40 -36.41 30.28
CA ASP A 115 60.77 -35.94 30.34
C ASP A 115 60.99 -35.07 29.11
N PRO A 116 61.11 -33.74 29.30
CA PRO A 116 61.32 -32.85 28.15
C PRO A 116 62.46 -33.26 27.25
N ARG A 117 63.47 -33.93 27.82
CA ARG A 117 64.61 -34.35 27.01
C ARG A 117 64.19 -35.40 25.99
N LEU A 118 63.01 -35.97 26.18
CA LEU A 118 62.49 -36.99 25.27
C LEU A 118 61.33 -36.46 24.44
N LEU A 119 60.40 -35.75 25.08
CA LEU A 119 59.23 -35.21 24.41
C LEU A 119 59.57 -34.09 23.42
N GLU A 120 60.31 -33.08 23.89
CA GLU A 120 60.67 -31.95 23.04
C GLU A 120 61.11 -32.33 21.64
N PRO A 121 62.07 -33.27 21.53
CA PRO A 121 62.51 -33.66 20.19
C PRO A 121 61.45 -34.40 19.36
N LEU A 122 60.47 -35.01 20.01
CA LEU A 122 59.42 -35.70 19.27
C LEU A 122 58.47 -34.65 18.70
N VAL A 123 58.07 -33.71 19.54
CA VAL A 123 57.17 -32.66 19.12
C VAL A 123 57.85 -31.74 18.11
N LYS A 124 59.18 -31.63 18.23
CA LYS A 124 59.94 -30.78 17.34
C LYS A 124 59.80 -31.28 15.91
N GLU A 125 60.22 -32.53 15.72
CA GLU A 125 60.17 -33.16 14.41
C GLU A 125 58.77 -33.47 13.92
N LYS A 126 58.04 -34.26 14.70
CA LYS A 126 56.71 -34.69 14.29
C LYS A 126 55.52 -33.80 14.63
N GLY A 127 55.69 -32.83 15.51
CA GLY A 127 54.54 -32.00 15.83
C GLY A 127 53.75 -32.46 17.04
N LEU A 128 52.56 -31.90 17.22
CA LEU A 128 51.73 -32.22 18.38
C LEU A 128 50.69 -33.32 18.23
N PHE A 129 50.48 -33.78 17.01
CA PHE A 129 49.48 -34.80 16.75
C PHE A 129 50.03 -35.91 15.89
N SER A 130 51.30 -36.24 16.11
CA SER A 130 51.95 -37.29 15.34
C SER A 130 51.16 -38.60 15.45
N PHE A 131 50.62 -38.88 16.63
CA PHE A 131 49.87 -40.11 16.86
C PHE A 131 48.74 -40.34 15.87
N TYR A 132 48.18 -39.26 15.34
CA TYR A 132 47.10 -39.39 14.38
C TYR A 132 47.58 -40.14 13.15
N ARG A 133 48.84 -39.93 12.77
CA ARG A 133 49.41 -40.59 11.58
C ARG A 133 50.45 -41.68 11.84
N ASP A 134 50.94 -41.80 13.07
CA ASP A 134 51.95 -42.83 13.39
C ASP A 134 51.39 -43.89 14.35
N GLY A 135 50.28 -43.58 15.03
CA GLY A 135 49.72 -44.52 15.99
C GLY A 135 50.19 -44.09 17.37
N HIS A 136 49.31 -44.15 18.37
CA HIS A 136 49.66 -43.72 19.71
C HIS A 136 50.92 -44.31 20.31
N GLY A 137 51.54 -45.26 19.61
CA GLY A 137 52.75 -45.89 20.13
C GLY A 137 53.81 -44.93 20.65
N GLU A 138 54.54 -44.31 19.73
CA GLU A 138 55.61 -43.38 20.07
C GLU A 138 55.25 -42.33 21.11
N CYS A 139 54.18 -41.59 20.89
CA CYS A 139 53.79 -40.55 21.85
C CYS A 139 53.59 -41.18 23.22
N CYS A 140 52.59 -42.06 23.35
CA CYS A 140 52.31 -42.74 24.61
C CYS A 140 53.61 -43.25 25.25
N GLY A 141 54.48 -43.79 24.40
CA GLY A 141 55.74 -44.32 24.90
C GLY A 141 56.51 -43.28 25.70
N ILE A 142 56.48 -42.04 25.24
CA ILE A 142 57.19 -40.96 25.90
C ILE A 142 56.42 -40.26 27.00
N ARG A 143 55.14 -39.99 26.77
CA ARG A 143 54.34 -39.30 27.76
C ARG A 143 53.75 -40.18 28.88
N LYS A 144 53.64 -41.48 28.64
CA LYS A 144 53.08 -42.36 29.66
C LYS A 144 54.05 -43.45 30.09
N ILE A 145 54.36 -44.35 29.16
CA ILE A 145 55.24 -45.46 29.45
C ILE A 145 56.56 -45.06 30.11
N GLU A 146 57.36 -44.26 29.40
CA GLU A 146 58.67 -43.86 29.94
C GLU A 146 58.56 -43.33 31.36
N PRO A 147 57.68 -42.35 31.61
CA PRO A 147 57.62 -41.88 32.99
C PRO A 147 57.05 -42.94 33.96
N LEU A 148 56.24 -43.86 33.43
CA LEU A 148 55.68 -44.94 34.25
C LEU A 148 56.82 -45.85 34.71
N LYS A 149 57.62 -46.29 33.76
CA LYS A 149 58.74 -47.16 34.04
C LYS A 149 59.59 -46.61 35.18
N ARG A 150 59.99 -45.33 35.06
CA ARG A 150 60.81 -44.68 36.09
C ARG A 150 60.16 -44.82 37.46
N LYS A 151 58.89 -44.46 37.53
CA LYS A 151 58.16 -44.53 38.79
C LYS A 151 58.22 -45.94 39.36
N LEU A 152 57.71 -46.89 38.60
CA LEU A 152 57.67 -48.29 39.01
C LEU A 152 59.04 -48.89 39.25
N ALA A 153 60.08 -48.27 38.69
CA ALA A 153 61.45 -48.77 38.85
C ALA A 153 61.86 -48.99 40.30
N GLY A 154 61.35 -48.16 41.20
CA GLY A 154 61.67 -48.30 42.60
C GLY A 154 60.42 -48.56 43.40
N VAL A 155 59.64 -49.54 42.96
CA VAL A 155 58.40 -49.91 43.60
C VAL A 155 58.28 -51.42 43.69
N ARG A 156 57.81 -51.95 44.81
CA ARG A 156 57.68 -53.40 44.95
C ARG A 156 56.41 -53.94 44.29
N ALA A 157 55.34 -53.16 44.34
CA ALA A 157 54.08 -53.58 43.74
C ALA A 157 53.14 -52.41 43.50
N TRP A 158 52.24 -52.55 42.52
CA TRP A 158 51.27 -51.51 42.22
C TRP A 158 49.97 -52.16 41.80
N ALA A 159 48.94 -51.34 41.58
CA ALA A 159 47.64 -51.84 41.19
C ALA A 159 46.94 -50.90 40.22
N THR A 160 46.15 -51.44 39.30
CA THR A 160 45.45 -50.61 38.33
C THR A 160 43.95 -50.91 38.34
N GLY A 161 43.19 -50.08 37.64
CA GLY A 161 41.75 -50.26 37.58
C GLY A 161 41.33 -51.00 36.34
N GLN A 162 42.30 -51.66 35.71
CA GLN A 162 42.02 -52.43 34.50
C GLN A 162 40.99 -53.53 34.76
N ARG A 163 40.09 -53.73 33.81
CA ARG A 163 39.04 -54.75 33.95
C ARG A 163 38.90 -55.57 32.69
N ARG A 164 38.55 -56.85 32.82
CA ARG A 164 38.36 -57.71 31.65
C ARG A 164 37.29 -57.05 30.77
N ASP A 165 36.34 -56.41 31.44
CA ASP A 165 35.23 -55.73 30.82
C ASP A 165 35.61 -54.63 29.83
N GLN A 166 36.73 -53.96 30.08
CA GLN A 166 37.19 -52.84 29.24
C GLN A 166 37.62 -53.10 27.80
N SER A 167 37.94 -54.34 27.49
CA SER A 167 38.34 -54.70 26.13
C SER A 167 37.34 -55.73 25.67
N PRO A 168 37.04 -55.77 24.36
CA PRO A 168 36.07 -56.75 23.87
C PRO A 168 36.58 -58.20 23.99
N GLY A 169 36.86 -58.61 25.23
CA GLY A 169 37.34 -59.95 25.51
C GLY A 169 38.26 -60.58 24.46
N THR A 170 39.42 -59.97 24.25
CA THR A 170 40.38 -60.45 23.26
C THR A 170 41.24 -61.62 23.77
N ARG A 171 42.38 -61.82 23.12
CA ARG A 171 43.32 -62.89 23.44
C ARG A 171 43.95 -62.90 24.84
N SER A 172 44.09 -61.74 25.46
CA SER A 172 44.68 -61.66 26.80
C SER A 172 43.77 -61.00 27.81
N GLN A 173 43.54 -61.67 28.94
CA GLN A 173 42.69 -61.14 29.99
C GLN A 173 43.53 -60.66 31.18
N VAL A 174 42.85 -60.00 32.12
CA VAL A 174 43.52 -59.44 33.29
C VAL A 174 43.56 -60.33 34.52
N ALA A 175 44.76 -60.67 34.95
CA ALA A 175 44.94 -61.49 36.13
C ALA A 175 44.83 -60.58 37.35
N VAL A 176 44.03 -60.99 38.32
CA VAL A 176 43.86 -60.20 39.53
C VAL A 176 45.22 -59.91 40.19
N LEU A 177 46.21 -60.75 39.88
CA LEU A 177 47.57 -60.61 40.42
C LEU A 177 48.50 -61.24 39.40
N GLU A 178 49.66 -60.63 39.17
CA GLU A 178 50.59 -61.15 38.19
C GLU A 178 51.96 -60.49 38.30
N ILE A 179 52.93 -61.06 37.62
CA ILE A 179 54.27 -60.48 37.60
C ILE A 179 54.19 -59.43 36.50
N ASP A 180 54.80 -58.27 36.73
CA ASP A 180 54.78 -57.24 35.71
C ASP A 180 55.97 -57.47 34.79
N GLY A 181 55.73 -58.27 33.76
CA GLY A 181 56.80 -58.59 32.82
C GLY A 181 57.29 -57.37 32.07
N ALA A 182 56.40 -56.41 31.87
CA ALA A 182 56.77 -55.20 31.15
C ALA A 182 57.81 -54.35 31.87
N PHE A 183 57.70 -54.24 33.19
CA PHE A 183 58.62 -53.39 33.97
C PHE A 183 59.49 -54.04 35.03
N SER A 184 59.72 -55.34 34.95
CA SER A 184 60.55 -55.97 35.95
C SER A 184 61.48 -56.99 35.33
N THR A 185 62.75 -56.94 35.73
CA THR A 185 63.73 -57.87 35.22
C THR A 185 63.49 -59.23 35.87
N PRO A 186 63.85 -60.32 35.18
CA PRO A 186 63.64 -61.64 35.76
C PRO A 186 64.16 -61.71 37.20
N GLU A 187 65.36 -61.22 37.44
CA GLU A 187 65.96 -61.23 38.77
C GLU A 187 65.25 -60.32 39.76
N LYS A 188 64.86 -59.12 39.32
CA LYS A 188 64.17 -58.16 40.17
C LYS A 188 62.72 -57.97 39.71
N PRO A 189 61.81 -58.85 40.16
CA PRO A 189 60.40 -58.76 39.77
C PRO A 189 59.64 -57.61 40.41
N LEU A 190 58.50 -57.29 39.78
CA LEU A 190 57.58 -56.24 40.22
C LEU A 190 56.21 -56.88 40.17
N TYR A 191 55.40 -56.70 41.20
CA TYR A 191 54.09 -57.31 41.22
C TYR A 191 52.96 -56.33 40.93
N LYS A 192 52.02 -56.79 40.10
CA LYS A 192 50.90 -55.96 39.68
C LYS A 192 49.55 -56.57 40.04
N PHE A 193 48.72 -55.78 40.71
CA PHE A 193 47.38 -56.21 41.12
C PHE A 193 46.32 -55.46 40.32
N ASN A 194 45.29 -56.17 39.89
CA ASN A 194 44.19 -55.54 39.17
C ASN A 194 42.91 -55.97 39.87
N PRO A 195 42.64 -55.40 41.05
CA PRO A 195 41.46 -55.71 41.86
C PRO A 195 40.12 -55.65 41.14
N LEU A 196 40.01 -54.79 40.14
CA LEU A 196 38.75 -54.66 39.42
C LEU A 196 38.70 -55.56 38.20
N SER A 197 39.68 -56.46 38.11
CA SER A 197 39.76 -57.39 36.99
C SER A 197 38.39 -57.89 36.58
N SER A 198 37.71 -58.50 37.53
CA SER A 198 36.39 -59.07 37.31
C SER A 198 35.19 -58.14 37.53
N MET A 199 35.41 -56.91 37.96
CA MET A 199 34.29 -56.00 38.17
C MET A 199 33.85 -55.45 36.82
N THR A 200 32.53 -55.36 36.61
CA THR A 200 32.00 -54.88 35.33
C THR A 200 31.57 -53.41 35.35
N SER A 201 31.63 -52.77 34.19
CA SER A 201 31.25 -51.36 34.04
C SER A 201 29.99 -51.06 34.83
N GLU A 202 28.93 -51.80 34.55
CA GLU A 202 27.66 -51.60 35.24
C GLU A 202 27.83 -51.63 36.75
N GLU A 203 28.63 -52.57 37.24
CA GLU A 203 28.86 -52.68 38.67
C GLU A 203 29.68 -51.49 39.14
N VAL A 204 30.68 -51.12 38.35
CA VAL A 204 31.54 -49.99 38.66
C VAL A 204 30.69 -48.74 38.89
N TRP A 205 29.80 -48.45 37.95
CA TRP A 205 28.97 -47.28 38.10
C TRP A 205 27.96 -47.37 39.22
N GLY A 206 27.47 -48.57 39.50
CA GLY A 206 26.53 -48.73 40.58
C GLY A 206 27.27 -48.34 41.85
N TYR A 207 28.50 -48.80 41.96
CA TYR A 207 29.33 -48.49 43.12
C TYR A 207 29.51 -46.98 43.21
N ILE A 208 29.87 -46.37 42.07
CA ILE A 208 30.08 -44.93 42.00
C ILE A 208 28.82 -44.18 42.45
N ARG A 209 27.70 -44.50 41.82
CA ARG A 209 26.44 -43.84 42.12
C ARG A 209 25.90 -44.16 43.51
N MET A 210 26.03 -45.42 43.93
CA MET A 210 25.53 -45.83 45.24
C MET A 210 26.23 -45.12 46.40
N LEU A 211 27.57 -45.12 46.38
CA LEU A 211 28.31 -44.48 47.45
C LEU A 211 28.54 -43.00 47.15
N GLU A 212 27.90 -42.52 46.08
CA GLU A 212 28.00 -41.13 45.69
C GLU A 212 29.44 -40.65 45.53
N LEU A 213 30.28 -41.49 44.92
CA LEU A 213 31.68 -41.13 44.69
C LEU A 213 31.78 -40.01 43.66
N PRO A 214 32.88 -39.27 43.65
CA PRO A 214 33.05 -38.18 42.68
C PRO A 214 33.59 -38.83 41.41
N TYR A 215 33.21 -38.31 40.25
CA TYR A 215 33.67 -38.88 39.00
C TYR A 215 33.95 -37.82 37.95
N ASN A 216 34.77 -38.17 36.96
CA ASN A 216 35.12 -37.25 35.90
C ASN A 216 33.85 -36.68 35.28
N SER A 217 33.91 -35.43 34.87
CA SER A 217 32.76 -34.75 34.28
C SER A 217 32.47 -35.31 32.91
N LEU A 218 33.50 -35.71 32.18
CA LEU A 218 33.37 -36.29 30.85
C LEU A 218 32.45 -37.51 30.81
N HIS A 219 32.18 -38.11 31.94
CA HIS A 219 31.16 -39.16 32.07
C HIS A 219 29.76 -38.70 31.80
N GLU A 220 29.49 -37.43 32.10
CA GLU A 220 28.16 -36.85 31.84
C GLU A 220 28.08 -36.31 30.40
N ARG A 221 29.13 -36.47 29.59
CA ARG A 221 29.14 -35.93 28.24
C ARG A 221 29.29 -37.02 27.19
N GLY A 222 29.10 -38.27 27.59
CA GLY A 222 29.20 -39.36 26.63
C GLY A 222 30.50 -40.11 26.65
N TYR A 223 31.33 -39.85 27.65
CA TYR A 223 32.61 -40.53 27.74
C TYR A 223 32.50 -41.70 28.70
N ILE A 224 33.00 -42.86 28.29
CA ILE A 224 33.01 -44.01 29.18
C ILE A 224 34.48 -44.21 29.49
N SER A 225 35.24 -44.61 28.48
CA SER A 225 36.68 -44.78 28.63
C SER A 225 37.25 -43.35 28.53
N ILE A 226 38.34 -43.09 29.24
CA ILE A 226 38.93 -41.74 29.23
C ILE A 226 40.44 -41.70 29.19
N GLY A 227 40.97 -41.17 28.11
CA GLY A 227 42.42 -41.06 27.98
C GLY A 227 42.74 -39.60 27.74
N CYS A 228 43.80 -39.32 27.00
CA CYS A 228 44.15 -37.94 26.70
C CYS A 228 43.12 -37.31 25.77
N GLU A 229 42.92 -36.00 25.93
CA GLU A 229 41.97 -35.24 25.14
C GLU A 229 42.01 -35.51 23.62
N PRO A 230 43.20 -35.48 23.00
CA PRO A 230 43.24 -35.74 21.55
C PRO A 230 43.03 -37.18 21.08
N CYS A 231 43.11 -38.14 21.98
CA CYS A 231 42.96 -39.54 21.61
C CYS A 231 41.74 -40.22 22.19
N THR A 232 40.85 -39.44 22.78
CA THR A 232 39.64 -39.98 23.36
C THR A 232 38.48 -39.27 22.70
N ARG A 233 37.31 -39.89 22.74
CA ARG A 233 36.11 -39.30 22.17
C ARG A 233 34.92 -40.04 22.74
N PRO A 234 33.79 -39.36 22.90
CA PRO A 234 32.61 -40.03 23.46
C PRO A 234 32.11 -41.12 22.50
N VAL A 235 31.36 -42.08 23.04
CA VAL A 235 30.82 -43.17 22.24
C VAL A 235 29.30 -43.07 22.13
N LEU A 236 28.75 -43.58 21.04
CA LEU A 236 27.31 -43.54 20.82
C LEU A 236 26.64 -44.56 21.74
N PRO A 237 25.30 -44.52 21.84
CA PRO A 237 24.59 -45.48 22.70
C PRO A 237 24.90 -46.91 22.25
N ASN A 238 25.16 -47.79 23.22
CA ASN A 238 25.45 -49.21 22.97
C ASN A 238 26.78 -49.47 22.26
N GLN A 239 27.46 -48.42 21.83
CA GLN A 239 28.76 -48.60 21.17
C GLN A 239 29.75 -49.01 22.26
N HIS A 240 30.66 -49.92 21.95
CA HIS A 240 31.63 -50.36 22.97
C HIS A 240 32.57 -49.25 23.38
N GLU A 241 32.89 -49.19 24.68
CA GLU A 241 33.75 -48.15 25.19
C GLU A 241 35.14 -48.08 24.59
N ARG A 242 35.71 -49.21 24.20
CA ARG A 242 37.06 -49.20 23.64
C ARG A 242 37.10 -48.48 22.30
N GLU A 243 35.94 -48.35 21.65
CA GLU A 243 35.85 -47.70 20.35
C GLU A 243 36.02 -46.19 20.44
N GLY A 244 36.22 -45.70 21.67
CA GLY A 244 36.40 -44.27 21.88
C GLY A 244 37.84 -43.92 22.21
N ARG A 245 38.76 -44.81 21.85
CA ARG A 245 40.18 -44.59 22.11
C ARG A 245 40.99 -44.98 20.87
N TRP A 246 41.72 -44.02 20.32
CA TRP A 246 42.53 -44.26 19.13
C TRP A 246 41.70 -44.88 18.02
N TRP A 247 40.46 -44.41 17.91
CA TRP A 247 39.50 -44.87 16.92
C TRP A 247 40.03 -44.92 15.50
N TRP A 248 40.99 -44.06 15.16
CA TRP A 248 41.52 -44.04 13.81
C TRP A 248 42.47 -45.18 13.49
N GLU A 249 42.98 -45.86 14.51
CA GLU A 249 43.90 -46.97 14.30
C GLU A 249 43.24 -48.27 13.83
N PRO B 27 -10.22 -51.84 3.59
CA PRO B 27 -11.14 -52.94 3.96
C PRO B 27 -11.08 -53.24 5.46
N PHE B 28 -12.12 -53.88 5.97
CA PHE B 28 -12.22 -54.23 7.38
C PHE B 28 -11.21 -55.27 7.85
N ASP B 29 -10.92 -55.25 9.14
CA ASP B 29 -9.97 -56.18 9.75
C ASP B 29 -10.32 -56.31 11.23
N LEU B 30 -9.78 -57.34 11.89
CA LEU B 30 -10.04 -57.53 13.31
C LEU B 30 -8.78 -57.34 14.16
N PRO B 31 -8.94 -56.98 15.44
CA PRO B 31 -7.82 -56.76 16.36
C PRO B 31 -6.96 -58.00 16.59
N ALA B 32 -7.30 -59.09 15.91
CA ALA B 32 -6.51 -60.31 16.02
C ALA B 32 -5.23 -60.08 15.25
N LEU B 33 -5.28 -59.12 14.33
CA LEU B 33 -4.14 -58.74 13.50
C LEU B 33 -3.02 -58.26 14.41
N ALA B 34 -3.41 -57.63 15.52
CA ALA B 34 -2.46 -57.13 16.50
C ALA B 34 -1.80 -58.28 17.24
N SER B 35 -2.42 -59.45 17.16
CA SER B 35 -1.89 -60.65 17.80
C SER B 35 -0.96 -61.32 16.80
N SER B 36 -1.29 -61.14 15.52
CA SER B 36 -0.53 -61.69 14.41
C SER B 36 0.85 -61.05 14.29
N LEU B 37 0.85 -59.74 14.12
CA LEU B 37 2.08 -58.95 13.96
C LEU B 37 2.97 -58.89 15.20
N ALA B 38 2.46 -59.34 16.33
CA ALA B 38 3.21 -59.33 17.58
C ALA B 38 4.70 -59.59 17.44
N ASP B 39 5.07 -60.74 16.89
CA ASP B 39 6.50 -61.08 16.76
C ASP B 39 7.17 -60.71 15.46
N LYS B 40 6.40 -60.40 14.43
CA LYS B 40 7.00 -60.06 13.16
C LYS B 40 7.92 -58.85 13.24
N SER B 41 8.88 -58.77 12.33
CA SER B 41 9.83 -57.67 12.28
C SER B 41 9.09 -56.35 12.11
N PRO B 42 9.73 -55.24 12.50
CA PRO B 42 9.10 -53.91 12.37
C PRO B 42 8.74 -53.59 10.93
N GLN B 43 9.63 -53.94 10.00
CA GLN B 43 9.38 -53.68 8.60
C GLN B 43 8.09 -54.35 8.13
N ASP B 44 7.85 -55.57 8.62
CA ASP B 44 6.62 -56.30 8.25
C ASP B 44 5.42 -55.56 8.81
N ILE B 45 5.51 -55.18 10.08
CA ILE B 45 4.44 -54.45 10.74
C ILE B 45 4.13 -53.17 9.99
N LEU B 46 5.14 -52.60 9.33
CA LEU B 46 4.92 -51.39 8.56
C LEU B 46 4.23 -51.73 7.24
N LYS B 47 4.62 -52.84 6.62
CA LYS B 47 4.00 -53.26 5.37
C LYS B 47 2.52 -53.49 5.70
N ALA B 48 2.27 -54.26 6.76
CA ALA B 48 0.92 -54.57 7.21
C ALA B 48 0.16 -53.27 7.35
N ALA B 49 0.76 -52.32 8.06
CA ALA B 49 0.13 -51.01 8.27
C ALA B 49 -0.12 -50.31 6.94
N PHE B 50 0.91 -50.22 6.10
CA PHE B 50 0.76 -49.57 4.81
C PHE B 50 -0.29 -50.24 3.94
N GLU B 51 -0.47 -51.53 4.12
CA GLU B 51 -1.45 -52.29 3.35
C GLU B 51 -2.88 -51.82 3.62
N HIS B 52 -3.25 -51.80 4.90
CA HIS B 52 -4.59 -51.39 5.30
C HIS B 52 -4.86 -49.89 5.20
N PHE B 53 -3.89 -49.07 5.60
CA PHE B 53 -4.09 -47.62 5.60
C PHE B 53 -3.35 -46.81 4.53
N GLY B 54 -2.50 -47.48 3.76
CA GLY B 54 -1.76 -46.83 2.69
C GLY B 54 -1.11 -45.50 3.00
N ASP B 55 -1.02 -44.63 1.99
CA ASP B 55 -0.40 -43.32 2.15
C ASP B 55 -1.06 -42.48 3.25
N GLU B 56 -2.09 -43.02 3.88
CA GLU B 56 -2.77 -42.30 4.96
C GLU B 56 -2.13 -42.53 6.33
N LEU B 57 -1.27 -43.55 6.44
CA LEU B 57 -0.61 -43.85 7.70
C LEU B 57 0.45 -42.80 8.02
N TRP B 58 0.26 -42.08 9.12
CA TRP B 58 1.22 -41.06 9.51
C TRP B 58 2.28 -41.58 10.45
N ILE B 59 3.50 -41.11 10.23
CA ILE B 59 4.63 -41.50 11.06
C ILE B 59 4.99 -40.35 12.00
N SER B 60 5.03 -40.67 13.28
CA SER B 60 5.36 -39.68 14.29
C SER B 60 6.87 -39.68 14.44
N PHE B 61 7.53 -38.55 14.13
CA PHE B 61 8.99 -38.45 14.22
C PHE B 61 9.46 -37.43 15.28
N SER B 62 10.12 -37.91 16.33
CA SER B 62 10.58 -37.05 17.43
C SER B 62 12.02 -36.52 17.36
N GLY B 63 12.65 -36.63 16.20
CA GLY B 63 14.03 -36.17 16.08
C GLY B 63 15.03 -36.93 16.92
N ALA B 64 14.66 -38.15 17.36
CA ALA B 64 15.55 -38.98 18.17
C ALA B 64 15.96 -40.27 17.46
N GLU B 65 16.24 -41.32 18.24
CA GLU B 65 16.64 -42.59 17.63
C GLU B 65 15.49 -43.24 16.87
N ASP B 66 14.30 -42.65 16.95
CA ASP B 66 13.15 -43.17 16.24
C ASP B 66 13.36 -42.96 14.74
N VAL B 67 14.48 -42.32 14.40
CA VAL B 67 14.83 -42.07 13.00
C VAL B 67 14.78 -43.40 12.25
N VAL B 68 14.95 -44.49 12.99
CA VAL B 68 14.92 -45.82 12.39
C VAL B 68 13.55 -46.07 11.79
N LEU B 69 12.50 -45.67 12.51
CA LEU B 69 11.15 -45.87 11.99
C LEU B 69 10.99 -45.16 10.66
N VAL B 70 11.46 -43.92 10.59
CA VAL B 70 11.39 -43.13 9.37
C VAL B 70 12.09 -43.86 8.23
N ASP B 71 13.30 -44.35 8.50
CA ASP B 71 14.09 -45.06 7.49
C ASP B 71 13.30 -46.28 6.96
N MET B 72 12.75 -47.08 7.87
CA MET B 72 11.99 -48.27 7.50
C MET B 72 10.74 -47.93 6.68
N ALA B 73 9.90 -47.06 7.24
CA ALA B 73 8.68 -46.66 6.55
C ALA B 73 8.98 -46.07 5.17
N TRP B 74 9.98 -45.20 5.11
CA TRP B 74 10.35 -44.55 3.85
C TRP B 74 10.90 -45.53 2.83
N LYS B 75 11.60 -46.56 3.30
CA LYS B 75 12.16 -47.54 2.39
C LYS B 75 11.00 -48.30 1.72
N LEU B 76 9.92 -48.51 2.47
CA LEU B 76 8.77 -49.21 1.93
C LEU B 76 7.96 -48.25 1.05
N ASN B 77 7.60 -47.10 1.62
CA ASN B 77 6.80 -46.10 0.91
C ASN B 77 7.53 -44.76 0.75
N ARG B 78 8.06 -44.48 -0.44
CA ARG B 78 8.77 -43.22 -0.68
C ARG B 78 7.87 -42.00 -0.53
N ASN B 79 6.58 -42.23 -0.37
CA ASN B 79 5.62 -41.13 -0.23
C ASN B 79 5.10 -41.02 1.20
N VAL B 80 5.68 -41.81 2.09
CA VAL B 80 5.31 -41.83 3.50
C VAL B 80 5.11 -40.42 4.04
N LYS B 81 4.06 -40.25 4.84
CA LYS B 81 3.76 -38.95 5.45
C LYS B 81 4.26 -39.01 6.87
N VAL B 82 4.88 -37.94 7.34
CA VAL B 82 5.41 -37.90 8.70
C VAL B 82 5.31 -36.52 9.32
N PHE B 83 5.08 -36.47 10.63
CA PHE B 83 4.97 -35.21 11.35
C PHE B 83 5.82 -35.23 12.62
N SER B 84 6.14 -34.04 13.12
CA SER B 84 6.91 -33.91 14.34
C SER B 84 6.30 -32.78 15.15
N LEU B 85 6.19 -32.98 16.45
CA LEU B 85 5.62 -31.97 17.33
C LEU B 85 6.74 -31.07 17.84
N ASP B 86 6.73 -29.83 17.34
CA ASP B 86 7.72 -28.81 17.70
C ASP B 86 7.17 -28.03 18.89
N THR B 87 7.55 -28.44 20.09
CA THR B 87 7.08 -27.80 21.32
C THR B 87 7.57 -26.38 21.48
N GLY B 88 8.44 -25.94 20.57
CA GLY B 88 8.98 -24.60 20.65
C GLY B 88 10.08 -24.57 21.71
N ARG B 89 10.48 -25.75 22.18
CA ARG B 89 11.53 -25.88 23.18
C ARG B 89 12.43 -27.09 22.91
N LEU B 90 12.76 -27.32 21.65
CA LEU B 90 13.62 -28.44 21.30
C LEU B 90 15.08 -28.00 21.23
N HIS B 91 16.01 -28.93 21.47
CA HIS B 91 17.42 -28.61 21.39
C HIS B 91 17.69 -28.11 19.98
N PRO B 92 18.61 -27.13 19.84
CA PRO B 92 18.85 -26.69 18.46
C PRO B 92 19.34 -27.90 17.68
N GLU B 93 19.99 -28.83 18.38
CA GLU B 93 20.50 -30.05 17.76
C GLU B 93 19.36 -30.81 17.12
N THR B 94 18.20 -30.78 17.77
CA THR B 94 17.05 -31.47 17.25
C THR B 94 16.51 -30.82 15.98
N TYR B 95 16.35 -29.50 15.99
CA TYR B 95 15.84 -28.82 14.79
C TYR B 95 16.72 -29.11 13.59
N ARG B 96 18.04 -29.09 13.79
CA ARG B 96 18.97 -29.36 12.71
C ARG B 96 18.82 -30.78 12.18
N PHE B 97 18.51 -31.73 13.06
CA PHE B 97 18.35 -33.12 12.69
C PHE B 97 17.06 -33.32 11.88
N ILE B 98 15.93 -32.96 12.48
CA ILE B 98 14.64 -33.09 11.81
C ILE B 98 14.75 -32.57 10.38
N ASP B 99 15.42 -31.44 10.20
CA ASP B 99 15.58 -30.86 8.88
C ASP B 99 16.51 -31.72 8.02
N GLN B 100 17.46 -32.38 8.67
CA GLN B 100 18.38 -33.24 7.95
C GLN B 100 17.62 -34.44 7.39
N VAL B 101 16.82 -35.08 8.23
CA VAL B 101 16.02 -36.23 7.80
C VAL B 101 15.16 -35.78 6.62
N ARG B 102 14.62 -34.57 6.73
CA ARG B 102 13.80 -33.99 5.68
C ARG B 102 14.58 -33.95 4.37
N GLU B 103 15.71 -33.26 4.37
CA GLU B 103 16.52 -33.16 3.16
C GLU B 103 17.26 -34.44 2.81
N HIS B 104 17.42 -35.34 3.77
CA HIS B 104 18.13 -36.58 3.51
C HIS B 104 17.27 -37.63 2.79
N TYR B 105 16.01 -37.73 3.19
CA TYR B 105 15.13 -38.71 2.57
C TYR B 105 14.27 -38.11 1.48
N GLY B 106 13.98 -36.81 1.61
CA GLY B 106 13.14 -36.15 0.62
C GLY B 106 11.71 -36.26 1.13
N ILE B 107 11.55 -35.93 2.41
CA ILE B 107 10.26 -36.00 3.07
C ILE B 107 9.85 -34.63 3.61
N ALA B 108 8.80 -34.06 3.04
CA ALA B 108 8.33 -32.76 3.49
C ALA B 108 7.64 -32.98 4.82
N ILE B 109 8.43 -33.13 5.88
CA ILE B 109 7.89 -33.35 7.21
C ILE B 109 6.93 -32.26 7.67
N ASP B 110 5.97 -32.67 8.49
CA ASP B 110 4.98 -31.76 9.03
C ASP B 110 5.43 -31.38 10.44
N VAL B 111 5.86 -30.14 10.58
CA VAL B 111 6.33 -29.65 11.88
C VAL B 111 5.17 -28.89 12.49
N LEU B 112 4.69 -29.38 13.62
CA LEU B 112 3.56 -28.77 14.32
C LEU B 112 3.95 -27.92 15.51
N SER B 113 3.35 -26.73 15.60
CA SER B 113 3.62 -25.79 16.69
C SER B 113 2.42 -25.65 17.62
N PRO B 114 2.65 -25.20 18.88
CA PRO B 114 1.60 -25.02 19.88
C PRO B 114 0.67 -23.85 19.56
N ASP B 115 -0.48 -23.81 20.22
CA ASP B 115 -1.44 -22.74 20.00
C ASP B 115 -1.19 -21.59 20.96
N PRO B 116 -0.84 -20.41 20.43
CA PRO B 116 -0.57 -19.24 21.27
C PRO B 116 -1.66 -19.07 22.32
N ARG B 117 -2.90 -19.03 21.86
CA ARG B 117 -4.07 -18.86 22.73
C ARG B 117 -4.10 -19.86 23.89
N LEU B 118 -3.28 -20.90 23.82
CA LEU B 118 -3.20 -21.93 24.87
C LEU B 118 -1.89 -21.82 25.65
N LEU B 119 -0.82 -21.54 24.92
CA LEU B 119 0.51 -21.42 25.51
C LEU B 119 0.69 -20.10 26.23
N GLU B 120 0.58 -19.01 25.48
CA GLU B 120 0.76 -17.65 26.01
C GLU B 120 0.24 -17.45 27.43
N PRO B 121 -1.01 -17.85 27.71
CA PRO B 121 -1.54 -17.68 29.06
C PRO B 121 -0.78 -18.49 30.12
N LEU B 122 -0.30 -19.66 29.74
CA LEU B 122 0.44 -20.52 30.67
C LEU B 122 1.77 -19.89 31.09
N VAL B 123 2.47 -19.31 30.12
CA VAL B 123 3.76 -18.69 30.38
C VAL B 123 3.56 -17.39 31.15
N LYS B 124 2.50 -16.67 30.81
CA LYS B 124 2.23 -15.41 31.46
C LYS B 124 2.19 -15.50 32.99
N GLU B 125 1.51 -16.51 33.51
CA GLU B 125 1.41 -16.64 34.95
C GLU B 125 2.35 -17.66 35.57
N LYS B 126 3.03 -18.47 34.76
CA LYS B 126 3.92 -19.48 35.33
C LYS B 126 5.37 -19.46 34.88
N GLY B 127 5.68 -18.69 33.83
CA GLY B 127 7.05 -18.63 33.36
C GLY B 127 7.34 -19.54 32.18
N LEU B 128 8.61 -19.90 32.00
CA LEU B 128 9.02 -20.76 30.91
C LEU B 128 9.61 -22.08 31.43
N PHE B 129 9.51 -22.29 32.74
CA PHE B 129 10.05 -23.49 33.37
C PHE B 129 9.14 -24.02 34.47
N SER B 130 7.84 -23.76 34.36
CA SER B 130 6.89 -24.22 35.36
C SER B 130 6.97 -25.73 35.63
N PHE B 131 7.15 -26.52 34.57
CA PHE B 131 7.24 -27.97 34.71
C PHE B 131 8.24 -28.45 35.77
N TYR B 132 9.14 -27.58 36.18
CA TYR B 132 10.12 -27.94 37.19
C TYR B 132 9.49 -28.12 38.56
N ARG B 133 8.47 -27.33 38.85
CA ARG B 133 7.78 -27.40 40.13
C ARG B 133 6.36 -27.96 40.04
N ASP B 134 5.71 -27.74 38.90
CA ASP B 134 4.33 -28.23 38.70
C ASP B 134 4.30 -29.56 37.96
N GLY B 135 5.45 -30.20 37.77
CA GLY B 135 5.47 -31.45 37.03
C GLY B 135 5.35 -31.12 35.55
N HIS B 136 5.79 -32.04 34.69
CA HIS B 136 5.76 -31.77 33.25
C HIS B 136 4.40 -31.86 32.55
N GLY B 137 3.46 -32.58 33.15
CA GLY B 137 2.13 -32.76 32.58
C GLY B 137 1.48 -31.57 31.90
N GLU B 138 1.33 -30.46 32.61
CA GLU B 138 0.70 -29.26 32.07
C GLU B 138 1.35 -28.67 30.80
N CYS B 139 2.66 -28.45 30.84
CA CYS B 139 3.37 -27.89 29.68
C CYS B 139 3.30 -28.86 28.49
N CYS B 140 3.60 -30.14 28.75
CA CYS B 140 3.51 -31.15 27.69
C CYS B 140 2.12 -31.08 27.07
N GLY B 141 1.11 -31.02 27.93
CA GLY B 141 -0.25 -30.94 27.48
C GLY B 141 -0.50 -29.87 26.44
N ILE B 142 0.03 -28.66 26.68
CA ILE B 142 -0.17 -27.55 25.76
C ILE B 142 0.74 -27.50 24.53
N ARG B 143 2.03 -27.74 24.74
CA ARG B 143 3.00 -27.69 23.65
C ARG B 143 3.10 -28.99 22.84
N LYS B 144 2.90 -30.12 23.51
CA LYS B 144 3.03 -31.41 22.85
C LYS B 144 1.71 -32.14 22.59
N ILE B 145 1.00 -32.51 23.65
CA ILE B 145 -0.24 -33.25 23.54
C ILE B 145 -1.39 -32.63 22.75
N GLU B 146 -1.79 -31.42 23.09
CA GLU B 146 -2.89 -30.78 22.39
C GLU B 146 -2.70 -30.81 20.86
N PRO B 147 -1.61 -30.20 20.35
CA PRO B 147 -1.39 -30.22 18.89
C PRO B 147 -1.31 -31.61 18.27
N LEU B 148 -1.04 -32.62 19.11
CA LEU B 148 -0.97 -34.00 18.64
C LEU B 148 -2.40 -34.47 18.37
N LYS B 149 -3.31 -34.06 19.24
CA LYS B 149 -4.70 -34.41 19.12
C LYS B 149 -5.25 -33.78 17.85
N ARG B 150 -5.00 -32.49 17.69
CA ARG B 150 -5.47 -31.75 16.53
C ARG B 150 -5.00 -32.37 15.22
N LYS B 151 -3.91 -33.13 15.27
CA LYS B 151 -3.38 -33.79 14.08
C LYS B 151 -4.10 -35.11 13.83
N LEU B 152 -4.07 -35.99 14.83
CA LEU B 152 -4.70 -37.30 14.73
C LEU B 152 -6.20 -37.24 14.50
N ALA B 153 -6.73 -36.03 14.34
CA ALA B 153 -8.14 -35.85 14.08
C ALA B 153 -8.43 -36.53 12.76
N GLY B 154 -8.14 -35.83 11.67
CA GLY B 154 -8.37 -36.39 10.35
C GLY B 154 -7.32 -37.44 10.04
N VAL B 155 -7.22 -38.44 10.92
CA VAL B 155 -6.25 -39.52 10.75
C VAL B 155 -6.87 -40.85 11.17
N ARG B 156 -6.67 -41.87 10.34
CA ARG B 156 -7.20 -43.22 10.59
C ARG B 156 -6.27 -44.03 11.49
N ALA B 157 -4.98 -43.97 11.20
CA ALA B 157 -3.97 -44.69 11.97
C ALA B 157 -2.62 -43.99 11.91
N TRP B 158 -1.75 -44.29 12.87
CA TRP B 158 -0.42 -43.68 12.91
C TRP B 158 0.53 -44.61 13.65
N ALA B 159 1.84 -44.44 13.39
CA ALA B 159 2.85 -45.26 14.02
C ALA B 159 3.93 -44.43 14.70
N THR B 160 4.39 -44.91 15.85
CA THR B 160 5.44 -44.24 16.62
C THR B 160 6.53 -45.25 16.90
N GLY B 161 7.74 -44.77 17.17
CA GLY B 161 8.85 -45.65 17.45
C GLY B 161 9.00 -46.03 18.91
N GLN B 162 7.92 -45.95 19.68
CA GLN B 162 7.99 -46.32 21.09
C GLN B 162 8.55 -47.73 21.19
N ARG B 163 9.46 -47.97 22.13
CA ARG B 163 10.02 -49.30 22.26
C ARG B 163 9.80 -49.83 23.66
N ARG B 164 9.74 -51.15 23.78
CA ARG B 164 9.53 -51.78 25.06
C ARG B 164 10.66 -51.45 26.04
N ASP B 165 11.89 -51.82 25.69
CA ASP B 165 13.05 -51.58 26.55
C ASP B 165 13.35 -50.11 26.84
N GLN B 166 12.74 -49.21 26.07
CA GLN B 166 13.00 -47.80 26.28
C GLN B 166 12.21 -47.31 27.49
N SER B 167 11.57 -48.26 28.17
CA SER B 167 10.77 -47.98 29.36
C SER B 167 11.58 -48.43 30.57
N PRO B 168 11.41 -47.75 31.71
CA PRO B 168 12.10 -48.05 32.96
C PRO B 168 12.34 -49.54 33.19
N GLY B 169 11.25 -50.29 33.26
CA GLY B 169 11.35 -51.72 33.48
C GLY B 169 10.05 -52.27 34.00
N THR B 170 9.02 -51.42 34.05
CA THR B 170 7.69 -51.84 34.50
C THR B 170 7.18 -52.85 33.46
N ARG B 171 8.13 -53.54 32.84
CA ARG B 171 7.91 -54.56 31.82
C ARG B 171 7.52 -54.05 30.45
N SER B 172 7.08 -54.98 29.60
CA SER B 172 6.67 -54.67 28.23
C SER B 172 5.19 -54.32 28.25
N GLN B 173 4.88 -53.06 27.98
CA GLN B 173 3.50 -52.62 27.99
C GLN B 173 3.02 -52.27 26.59
N VAL B 174 3.96 -52.15 25.66
CA VAL B 174 3.59 -51.79 24.30
C VAL B 174 3.39 -52.96 23.35
N ALA B 175 2.25 -52.93 22.67
CA ALA B 175 1.88 -53.93 21.69
C ALA B 175 2.16 -53.29 20.34
N VAL B 176 2.44 -54.10 19.33
CA VAL B 176 2.76 -53.56 18.01
C VAL B 176 1.57 -52.87 17.34
N LEU B 177 0.36 -53.26 17.74
CA LEU B 177 -0.87 -52.70 17.20
C LEU B 177 -1.96 -52.66 18.27
N GLU B 178 -2.68 -51.54 18.34
CA GLU B 178 -3.73 -51.37 19.33
C GLU B 178 -4.56 -50.16 18.97
N ILE B 179 -5.68 -49.98 19.67
CA ILE B 179 -6.55 -48.84 19.44
C ILE B 179 -6.00 -47.72 20.28
N ASP B 180 -5.78 -46.56 19.66
CA ASP B 180 -5.25 -45.42 20.38
C ASP B 180 -6.11 -45.13 21.60
N GLY B 181 -5.64 -45.57 22.76
CA GLY B 181 -6.38 -45.37 23.99
C GLY B 181 -6.42 -43.95 24.52
N ALA B 182 -5.93 -42.99 23.74
CA ALA B 182 -5.94 -41.61 24.18
C ALA B 182 -6.74 -40.69 23.27
N PHE B 183 -6.71 -40.96 21.97
CA PHE B 183 -7.43 -40.11 21.01
C PHE B 183 -8.55 -40.83 20.25
N SER B 184 -8.63 -42.14 20.42
CA SER B 184 -9.66 -42.91 19.73
C SER B 184 -10.99 -42.78 20.46
N THR B 185 -12.08 -42.89 19.71
CA THR B 185 -13.42 -42.82 20.28
C THR B 185 -14.27 -43.88 19.56
N PRO B 186 -15.30 -44.41 20.24
CA PRO B 186 -16.15 -45.43 19.62
C PRO B 186 -16.65 -44.94 18.27
N GLU B 187 -17.02 -43.66 18.23
CA GLU B 187 -17.53 -43.00 17.04
C GLU B 187 -16.45 -42.97 15.95
N LYS B 188 -15.34 -42.29 16.24
CA LYS B 188 -14.23 -42.20 15.31
C LYS B 188 -13.00 -42.86 15.93
N PRO B 189 -12.78 -44.14 15.61
CA PRO B 189 -11.65 -44.90 16.14
C PRO B 189 -10.33 -44.47 15.50
N LEU B 190 -9.24 -44.79 16.19
CA LEU B 190 -7.91 -44.44 15.72
C LEU B 190 -6.98 -45.60 16.06
N TYR B 191 -6.36 -46.19 15.05
CA TYR B 191 -5.45 -47.31 15.26
C TYR B 191 -4.01 -46.81 15.32
N LYS B 192 -3.22 -47.38 16.21
CA LYS B 192 -1.83 -46.96 16.36
C LYS B 192 -0.87 -48.15 16.32
N PHE B 193 0.16 -48.05 15.48
CA PHE B 193 1.15 -49.11 15.38
C PHE B 193 2.41 -48.71 16.12
N ASN B 194 3.15 -49.71 16.58
CA ASN B 194 4.41 -49.50 17.29
C ASN B 194 5.43 -50.50 16.77
N PRO B 195 5.88 -50.32 15.51
CA PRO B 195 6.86 -51.20 14.87
C PRO B 195 8.07 -51.59 15.71
N LEU B 196 8.76 -50.59 16.26
CA LEU B 196 9.96 -50.80 17.08
C LEU B 196 9.69 -51.32 18.49
N SER B 197 8.45 -51.69 18.77
CA SER B 197 8.06 -52.21 20.09
C SER B 197 9.02 -53.24 20.67
N SER B 198 9.32 -54.28 19.90
CA SER B 198 10.20 -55.34 20.37
C SER B 198 11.68 -55.15 20.05
N MET B 199 12.02 -54.03 19.44
CA MET B 199 13.41 -53.76 19.09
C MET B 199 14.18 -53.15 20.27
N THR B 200 15.34 -53.73 20.58
CA THR B 200 16.17 -53.26 21.69
C THR B 200 17.04 -52.07 21.27
N SER B 201 17.46 -51.28 22.26
CA SER B 201 18.30 -50.11 22.02
C SER B 201 19.51 -50.51 21.20
N GLU B 202 20.21 -51.54 21.66
CA GLU B 202 21.38 -52.02 20.95
C GLU B 202 21.08 -52.28 19.48
N GLU B 203 19.92 -52.86 19.21
CA GLU B 203 19.51 -53.18 17.84
C GLU B 203 19.15 -51.93 17.05
N VAL B 204 18.55 -50.96 17.72
CA VAL B 204 18.19 -49.71 17.06
C VAL B 204 19.47 -49.01 16.60
N TRP B 205 20.48 -49.00 17.46
CA TRP B 205 21.74 -48.36 17.10
C TRP B 205 22.58 -49.19 16.14
N GLY B 206 22.49 -50.50 16.26
CA GLY B 206 23.24 -51.35 15.36
C GLY B 206 22.70 -51.06 13.97
N TYR B 207 21.39 -50.84 13.90
CA TYR B 207 20.70 -50.54 12.65
C TYR B 207 21.18 -49.21 12.10
N ILE B 208 20.94 -48.15 12.86
CA ILE B 208 21.33 -46.81 12.43
C ILE B 208 22.81 -46.73 12.06
N ARG B 209 23.70 -47.25 12.91
CA ARG B 209 25.12 -47.20 12.60
C ARG B 209 25.44 -47.98 11.33
N MET B 210 24.84 -49.16 11.20
CA MET B 210 25.05 -50.04 10.04
C MET B 210 24.73 -49.42 8.69
N LEU B 211 23.47 -49.05 8.48
CA LEU B 211 23.07 -48.46 7.21
C LEU B 211 23.53 -47.01 7.12
N GLU B 212 24.27 -46.57 8.14
CA GLU B 212 24.79 -45.22 8.20
C GLU B 212 23.75 -44.12 8.05
N LEU B 213 22.71 -44.24 8.86
CA LEU B 213 21.63 -43.27 8.88
C LEU B 213 22.15 -42.07 9.64
N PRO B 214 21.44 -40.94 9.55
CA PRO B 214 21.86 -39.74 10.26
C PRO B 214 21.20 -39.83 11.63
N TYR B 215 21.81 -39.25 12.65
CA TYR B 215 21.24 -39.28 13.99
C TYR B 215 21.50 -37.97 14.71
N ASN B 216 20.61 -37.63 15.64
CA ASN B 216 20.74 -36.40 16.40
C ASN B 216 22.16 -36.27 16.97
N SER B 217 22.75 -35.10 16.83
CA SER B 217 24.11 -34.84 17.31
C SER B 217 24.24 -35.14 18.81
N LEU B 218 23.13 -35.00 19.54
CA LEU B 218 23.13 -35.23 20.98
C LEU B 218 23.58 -36.64 21.38
N HIS B 219 23.41 -37.61 20.48
CA HIS B 219 23.81 -38.99 20.77
C HIS B 219 25.31 -39.12 20.98
N GLU B 220 26.04 -38.12 20.55
CA GLU B 220 27.49 -38.11 20.69
C GLU B 220 27.92 -37.32 21.91
N ARG B 221 26.95 -36.81 22.66
CA ARG B 221 27.22 -36.01 23.86
C ARG B 221 26.69 -36.68 25.13
N GLY B 222 26.24 -37.92 25.03
CA GLY B 222 25.74 -38.61 26.20
C GLY B 222 24.23 -38.81 26.26
N TYR B 223 23.54 -38.33 25.23
CA TYR B 223 22.08 -38.46 25.16
C TYR B 223 21.65 -39.76 24.49
N ILE B 224 20.72 -40.45 25.13
CA ILE B 224 20.18 -41.68 24.59
C ILE B 224 18.72 -41.39 24.27
N SER B 225 17.98 -40.93 25.27
CA SER B 225 16.58 -40.55 25.10
C SER B 225 16.54 -39.03 24.94
N ILE B 226 15.86 -38.54 23.90
CA ILE B 226 15.80 -37.11 23.65
C ILE B 226 14.42 -36.47 23.64
N GLY B 227 14.21 -35.53 24.56
CA GLY B 227 12.95 -34.81 24.63
C GLY B 227 13.26 -33.35 24.40
N CYS B 228 12.48 -32.45 25.00
CA CYS B 228 12.74 -31.02 24.85
C CYS B 228 14.04 -30.68 25.60
N GLU B 229 14.64 -29.56 25.25
CA GLU B 229 15.88 -29.12 25.87
C GLU B 229 15.81 -28.96 27.41
N PRO B 230 14.83 -28.22 27.92
CA PRO B 230 14.76 -28.06 29.38
C PRO B 230 14.40 -29.29 30.20
N CYS B 231 13.81 -30.30 29.59
CA CYS B 231 13.43 -31.51 30.33
C CYS B 231 14.23 -32.75 29.97
N THR B 232 15.38 -32.55 29.33
CA THR B 232 16.21 -33.66 28.93
C THR B 232 17.67 -33.43 29.30
N ARG B 233 18.29 -34.45 29.89
CA ARG B 233 19.69 -34.34 30.28
C ARG B 233 20.36 -35.65 29.87
N PRO B 234 21.64 -35.60 29.53
CA PRO B 234 22.32 -36.85 29.14
C PRO B 234 22.37 -37.75 30.37
N VAL B 235 22.73 -39.01 30.18
CA VAL B 235 22.79 -39.94 31.31
C VAL B 235 24.16 -40.59 31.41
N LEU B 236 24.48 -41.09 32.61
CA LEU B 236 25.76 -41.72 32.88
C LEU B 236 25.99 -43.07 32.22
N PRO B 237 27.19 -43.63 32.36
CA PRO B 237 27.42 -44.94 31.74
C PRO B 237 26.54 -45.96 32.47
N ASN B 238 25.81 -46.76 31.70
CA ASN B 238 24.94 -47.79 32.27
C ASN B 238 23.64 -47.27 32.86
N GLN B 239 23.54 -45.97 33.09
CA GLN B 239 22.33 -45.41 33.65
C GLN B 239 21.18 -45.61 32.65
N HIS B 240 19.98 -45.89 33.15
CA HIS B 240 18.86 -46.11 32.25
C HIS B 240 18.46 -44.88 31.44
N GLU B 241 18.11 -45.10 30.18
CA GLU B 241 17.75 -43.99 29.29
C GLU B 241 16.52 -43.16 29.68
N ARG B 242 15.71 -43.66 30.61
CA ARG B 242 14.53 -42.91 31.01
C ARG B 242 14.87 -41.90 32.10
N GLU B 243 15.99 -42.12 32.77
CA GLU B 243 16.41 -41.22 33.84
C GLU B 243 16.94 -39.88 33.32
N GLY B 244 16.99 -39.73 32.00
CA GLY B 244 17.45 -38.48 31.44
C GLY B 244 16.26 -37.61 31.03
N ARG B 245 15.07 -38.03 31.45
CA ARG B 245 13.83 -37.31 31.12
C ARG B 245 13.04 -36.98 32.38
N TRP B 246 12.75 -35.71 32.59
CA TRP B 246 12.00 -35.27 33.75
C TRP B 246 12.57 -35.93 35.01
N TRP B 247 13.89 -35.86 35.14
CA TRP B 247 14.58 -36.47 36.27
C TRP B 247 14.17 -35.95 37.64
N TRP B 248 13.66 -34.71 37.69
CA TRP B 248 13.25 -34.12 38.96
C TRP B 248 11.94 -34.66 39.50
N GLU B 249 11.22 -35.42 38.67
CA GLU B 249 9.94 -35.99 39.09
C GLU B 249 10.08 -37.37 39.72
N PHE C 28 76.31 -4.77 17.80
CA PHE C 28 75.49 -3.67 17.21
C PHE C 28 75.26 -2.54 18.23
N ASP C 29 74.43 -1.56 17.89
CA ASP C 29 74.18 -0.42 18.77
C ASP C 29 72.77 -0.45 19.40
N LEU C 30 72.68 -0.93 20.64
CA LEU C 30 71.39 -1.03 21.33
C LEU C 30 70.66 0.31 21.43
N PRO C 31 71.26 1.32 22.08
CA PRO C 31 70.62 2.63 22.20
C PRO C 31 70.29 3.30 20.86
N ALA C 32 71.17 3.12 19.89
CA ALA C 32 70.93 3.73 18.60
C ALA C 32 69.64 3.15 18.02
N LEU C 33 69.63 1.82 17.90
CA LEU C 33 68.52 1.05 17.34
C LEU C 33 67.22 1.14 18.13
N ALA C 34 67.32 1.10 19.45
CA ALA C 34 66.12 1.17 20.28
C ALA C 34 65.35 2.47 19.99
N SER C 35 66.10 3.50 19.59
CA SER C 35 65.53 4.81 19.27
C SER C 35 65.01 4.85 17.85
N SER C 36 65.88 4.59 16.88
CA SER C 36 65.42 4.65 15.51
C SER C 36 64.14 3.83 15.30
N LEU C 37 64.14 2.59 15.79
CA LEU C 37 62.98 1.68 15.65
C LEU C 37 61.70 2.10 16.35
N ALA C 38 61.84 2.76 17.50
CA ALA C 38 60.70 3.20 18.31
C ALA C 38 59.36 3.45 17.61
N ASP C 39 59.35 4.26 16.57
CA ASP C 39 58.10 4.59 15.86
C ASP C 39 57.90 3.87 14.54
N LYS C 40 58.74 2.88 14.24
CA LYS C 40 58.62 2.15 12.98
C LYS C 40 57.61 1.01 13.04
N SER C 41 57.21 0.54 11.86
CA SER C 41 56.25 -0.55 11.75
C SER C 41 56.84 -1.85 12.29
N PRO C 42 55.98 -2.80 12.67
CA PRO C 42 56.45 -4.08 13.21
C PRO C 42 57.34 -4.77 12.19
N GLN C 43 56.95 -4.73 10.92
CA GLN C 43 57.72 -5.35 9.86
C GLN C 43 59.12 -4.76 9.83
N ASP C 44 59.19 -3.44 9.92
CA ASP C 44 60.49 -2.75 9.91
C ASP C 44 61.32 -3.15 11.13
N ILE C 45 60.69 -3.27 12.28
CA ILE C 45 61.40 -3.71 13.47
C ILE C 45 61.94 -5.12 13.24
N LEU C 46 61.12 -5.99 12.66
CA LEU C 46 61.58 -7.36 12.39
C LEU C 46 62.71 -7.37 11.37
N LYS C 47 62.64 -6.53 10.34
CA LYS C 47 63.73 -6.48 9.36
C LYS C 47 65.02 -6.10 10.07
N ALA C 48 64.90 -5.23 11.07
CA ALA C 48 66.04 -4.76 11.84
C ALA C 48 66.62 -5.92 12.63
N ALA C 49 65.74 -6.66 13.30
CA ALA C 49 66.15 -7.80 14.11
C ALA C 49 66.83 -8.87 13.29
N PHE C 50 66.20 -9.28 12.18
CA PHE C 50 66.79 -10.30 11.34
C PHE C 50 68.11 -9.87 10.73
N GLU C 51 68.17 -8.60 10.30
CA GLU C 51 69.37 -8.03 9.72
C GLU C 51 70.54 -8.12 10.68
N HIS C 52 70.30 -7.91 11.98
CA HIS C 52 71.36 -7.95 12.98
C HIS C 52 71.63 -9.30 13.62
N PHE C 53 70.63 -10.17 13.69
CA PHE C 53 70.81 -11.46 14.32
C PHE C 53 70.59 -12.67 13.41
N GLY C 54 69.97 -12.44 12.26
CA GLY C 54 69.71 -13.49 11.31
C GLY C 54 69.00 -14.72 11.86
N ASP C 55 69.42 -15.89 11.37
CA ASP C 55 68.86 -17.18 11.76
C ASP C 55 69.21 -17.55 13.20
N GLU C 56 69.20 -16.57 14.09
CA GLU C 56 69.48 -16.79 15.49
C GLU C 56 68.53 -15.96 16.33
N LEU C 57 67.60 -15.30 15.65
CA LEU C 57 66.58 -14.48 16.28
C LEU C 57 65.40 -15.40 16.53
N TRP C 58 65.12 -15.71 17.79
CA TRP C 58 64.01 -16.59 18.11
C TRP C 58 62.71 -15.86 18.38
N ILE C 59 61.64 -16.34 17.73
CA ILE C 59 60.32 -15.77 17.89
C ILE C 59 59.51 -16.60 18.87
N SER C 60 59.08 -16.00 19.97
CA SER C 60 58.27 -16.69 20.96
C SER C 60 56.80 -16.62 20.55
N PHE C 61 56.16 -17.79 20.44
CA PHE C 61 54.76 -17.89 20.03
C PHE C 61 53.89 -18.56 21.09
N SER C 62 52.94 -17.81 21.65
CA SER C 62 52.06 -18.33 22.69
C SER C 62 50.71 -18.88 22.21
N GLY C 63 50.57 -19.14 20.93
CA GLY C 63 49.32 -19.68 20.41
C GLY C 63 48.09 -18.78 20.50
N ALA C 64 48.30 -17.47 20.47
CA ALA C 64 47.19 -16.53 20.50
C ALA C 64 47.31 -15.57 19.33
N GLU C 65 46.92 -14.32 19.57
CA GLU C 65 46.97 -13.30 18.54
C GLU C 65 48.38 -13.01 18.03
N ASP C 66 49.38 -13.40 18.80
CA ASP C 66 50.77 -13.17 18.38
C ASP C 66 51.10 -13.93 17.12
N VAL C 67 50.11 -14.63 16.57
CA VAL C 67 50.32 -15.38 15.33
C VAL C 67 50.68 -14.34 14.28
N VAL C 68 50.25 -13.10 14.53
CA VAL C 68 50.55 -12.00 13.62
C VAL C 68 52.06 -11.83 13.58
N LEU C 69 52.68 -11.91 14.74
CA LEU C 69 54.13 -11.80 14.81
C LEU C 69 54.77 -12.93 13.99
N VAL C 70 54.31 -14.16 14.22
CA VAL C 70 54.84 -15.30 13.49
C VAL C 70 54.69 -15.04 12.00
N ASP C 71 53.48 -14.69 11.56
CA ASP C 71 53.23 -14.43 10.15
C ASP C 71 54.20 -13.40 9.57
N MET C 72 54.26 -12.21 10.18
CA MET C 72 55.16 -11.17 9.71
C MET C 72 56.60 -11.67 9.60
N ALA C 73 57.10 -12.27 10.69
CA ALA C 73 58.46 -12.78 10.72
C ALA C 73 58.68 -13.83 9.66
N TRP C 74 57.71 -14.73 9.52
CA TRP C 74 57.81 -15.81 8.54
C TRP C 74 57.92 -15.27 7.12
N LYS C 75 57.24 -14.16 6.84
CA LYS C 75 57.29 -13.56 5.50
C LYS C 75 58.61 -12.87 5.20
N LEU C 76 59.33 -12.46 6.26
CA LEU C 76 60.62 -11.82 6.10
C LEU C 76 61.69 -12.89 6.07
N ASN C 77 61.42 -14.01 6.74
CA ASN C 77 62.39 -15.10 6.81
C ASN C 77 61.74 -16.46 7.00
N ARG C 78 61.58 -17.19 5.90
CA ARG C 78 60.97 -18.51 5.90
C ARG C 78 61.56 -19.41 6.99
N ASN C 79 62.85 -19.26 7.25
CA ASN C 79 63.53 -20.08 8.24
C ASN C 79 63.41 -19.58 9.67
N VAL C 80 62.56 -18.59 9.89
CA VAL C 80 62.38 -18.05 11.23
C VAL C 80 62.20 -19.11 12.32
N LYS C 81 63.15 -19.14 13.26
CA LYS C 81 63.08 -20.07 14.37
C LYS C 81 61.94 -19.61 15.27
N VAL C 82 61.11 -20.54 15.73
CA VAL C 82 59.99 -20.20 16.60
C VAL C 82 59.86 -21.22 17.72
N PHE C 83 59.41 -20.79 18.89
CA PHE C 83 59.24 -21.72 20.00
C PHE C 83 58.03 -21.36 20.86
N SER C 84 57.41 -22.39 21.43
CA SER C 84 56.22 -22.20 22.28
C SER C 84 56.41 -22.87 23.63
N LEU C 85 55.95 -22.22 24.68
CA LEU C 85 56.07 -22.76 26.02
C LEU C 85 54.85 -23.61 26.34
N ASP C 86 55.02 -24.92 26.30
CA ASP C 86 53.93 -25.83 26.62
C ASP C 86 53.98 -26.09 28.12
N THR C 87 53.13 -25.36 28.84
CA THR C 87 53.05 -25.48 30.29
C THR C 87 52.39 -26.78 30.68
N GLY C 88 52.00 -27.57 29.69
CA GLY C 88 51.32 -28.82 29.98
C GLY C 88 49.92 -28.56 30.55
N ARG C 89 49.44 -27.33 30.41
CA ARG C 89 48.11 -26.96 30.90
C ARG C 89 47.41 -26.01 29.95
N LEU C 90 47.80 -26.05 28.67
CA LEU C 90 47.19 -25.18 27.66
C LEU C 90 45.84 -25.71 27.19
N HIS C 91 45.01 -24.83 26.62
CA HIS C 91 43.71 -25.23 26.10
C HIS C 91 43.94 -26.18 24.92
N PRO C 92 43.15 -27.25 24.83
CA PRO C 92 43.33 -28.16 23.70
C PRO C 92 43.27 -27.35 22.40
N GLU C 93 42.44 -26.31 22.41
CA GLU C 93 42.29 -25.44 21.23
C GLU C 93 43.65 -24.80 20.89
N THR C 94 44.43 -24.52 21.93
CA THR C 94 45.74 -23.93 21.74
C THR C 94 46.71 -24.96 21.17
N TYR C 95 46.61 -26.20 21.63
CA TYR C 95 47.49 -27.23 21.11
C TYR C 95 47.19 -27.38 19.64
N ARG C 96 45.91 -27.38 19.31
CA ARG C 96 45.49 -27.52 17.92
C ARG C 96 45.97 -26.33 17.09
N PHE C 97 45.76 -25.12 17.61
CA PHE C 97 46.17 -23.92 16.87
C PHE C 97 47.67 -23.90 16.61
N ILE C 98 48.47 -24.09 17.66
CA ILE C 98 49.90 -24.07 17.48
C ILE C 98 50.34 -24.99 16.35
N ASP C 99 49.83 -26.21 16.36
CA ASP C 99 50.19 -27.18 15.33
C ASP C 99 49.73 -26.72 13.95
N GLN C 100 48.55 -26.10 13.90
CA GLN C 100 48.01 -25.60 12.64
C GLN C 100 48.98 -24.56 12.06
N VAL C 101 49.51 -23.70 12.92
CA VAL C 101 50.48 -22.68 12.49
C VAL C 101 51.71 -23.38 11.97
N ARG C 102 52.20 -24.36 12.74
CA ARG C 102 53.36 -25.15 12.38
C ARG C 102 53.21 -25.68 10.96
N GLU C 103 52.13 -26.43 10.76
CA GLU C 103 51.87 -27.03 9.47
C GLU C 103 51.64 -26.01 8.37
N HIS C 104 50.83 -25.00 8.68
CA HIS C 104 50.50 -23.95 7.71
C HIS C 104 51.75 -23.29 7.12
N TYR C 105 52.57 -22.70 7.97
CA TYR C 105 53.76 -22.02 7.48
C TYR C 105 54.91 -22.99 7.24
N GLY C 106 54.77 -24.21 7.73
CA GLY C 106 55.82 -25.19 7.55
C GLY C 106 56.98 -24.85 8.44
N ILE C 107 56.66 -24.57 9.70
CA ILE C 107 57.64 -24.20 10.70
C ILE C 107 57.72 -25.29 11.76
N ALA C 108 58.92 -25.80 11.99
CA ALA C 108 59.14 -26.83 12.98
C ALA C 108 59.24 -26.18 14.36
N ILE C 109 58.13 -25.62 14.84
CA ILE C 109 58.10 -24.97 16.15
C ILE C 109 58.71 -25.82 17.27
N ASP C 110 59.50 -25.19 18.13
CA ASP C 110 60.09 -25.92 19.25
C ASP C 110 59.17 -25.80 20.45
N VAL C 111 58.41 -26.85 20.73
CA VAL C 111 57.49 -26.84 21.86
C VAL C 111 58.21 -27.36 23.10
N LEU C 112 58.52 -26.44 24.01
CA LEU C 112 59.26 -26.73 25.23
C LEU C 112 58.35 -27.10 26.41
N SER C 113 58.81 -28.01 27.26
CA SER C 113 58.00 -28.42 28.42
C SER C 113 58.67 -28.22 29.78
N PRO C 114 57.89 -28.31 30.86
CA PRO C 114 58.38 -28.15 32.24
C PRO C 114 59.34 -29.27 32.64
N ASP C 115 60.17 -28.99 33.65
CA ASP C 115 61.11 -29.99 34.15
C ASP C 115 60.37 -30.78 35.22
N PRO C 116 60.15 -32.08 34.98
CA PRO C 116 59.41 -32.84 35.99
C PRO C 116 60.04 -32.76 37.38
N ARG C 117 61.35 -32.58 37.42
CA ARG C 117 62.07 -32.49 38.69
C ARG C 117 61.68 -31.25 39.48
N LEU C 118 61.04 -30.30 38.82
CA LEU C 118 60.60 -29.07 39.46
C LEU C 118 59.09 -29.05 39.62
N LEU C 119 58.38 -29.44 38.56
CA LEU C 119 56.92 -29.44 38.56
C LEU C 119 56.32 -30.52 39.47
N GLU C 120 56.86 -31.72 39.41
CA GLU C 120 56.36 -32.83 40.22
C GLU C 120 56.20 -32.51 41.71
N PRO C 121 57.28 -32.05 42.37
CA PRO C 121 57.15 -31.73 43.79
C PRO C 121 56.13 -30.62 44.08
N LEU C 122 55.96 -29.71 43.15
CA LEU C 122 55.00 -28.62 43.34
C LEU C 122 53.58 -29.18 43.33
N VAL C 123 53.31 -30.10 42.41
CA VAL C 123 51.99 -30.69 42.27
C VAL C 123 51.71 -31.66 43.41
N LYS C 124 52.78 -32.32 43.89
CA LYS C 124 52.66 -33.29 44.98
C LYS C 124 52.11 -32.62 46.22
N GLU C 125 52.77 -31.55 46.62
CA GLU C 125 52.38 -30.80 47.81
C GLU C 125 51.13 -29.95 47.64
N LYS C 126 51.14 -29.04 46.67
CA LYS C 126 50.02 -28.13 46.49
C LYS C 126 48.90 -28.59 45.55
N GLY C 127 49.09 -29.70 44.87
CA GLY C 127 48.04 -30.16 43.98
C GLY C 127 48.12 -29.58 42.58
N LEU C 128 46.99 -29.54 41.88
CA LEU C 128 46.93 -29.07 40.50
C LEU C 128 46.37 -27.69 40.23
N PHE C 129 45.84 -27.03 41.25
CA PHE C 129 45.26 -25.71 41.08
C PHE C 129 45.70 -24.79 42.19
N SER C 130 46.92 -25.01 42.67
CA SER C 130 47.49 -24.20 43.73
C SER C 130 47.41 -22.72 43.41
N PHE C 131 47.64 -22.37 42.15
CA PHE C 131 47.62 -20.98 41.72
C PHE C 131 46.32 -20.26 42.04
N TYR C 132 45.27 -21.01 42.34
CA TYR C 132 44.01 -20.38 42.68
C TYR C 132 44.13 -19.74 44.06
N ARG C 133 44.86 -20.39 44.95
CA ARG C 133 45.01 -19.87 46.31
C ARG C 133 46.36 -19.19 46.59
N ASP C 134 47.37 -19.43 45.75
CA ASP C 134 48.68 -18.80 45.95
C ASP C 134 49.02 -17.74 44.90
N GLY C 135 48.24 -17.67 43.82
CA GLY C 135 48.54 -16.71 42.79
C GLY C 135 49.41 -17.42 41.78
N HIS C 136 49.29 -17.07 40.51
CA HIS C 136 50.03 -17.73 39.44
C HIS C 136 51.55 -17.68 39.56
N GLY C 137 52.05 -16.86 40.47
CA GLY C 137 53.48 -16.74 40.61
C GLY C 137 54.27 -18.03 40.57
N GLU C 138 54.04 -18.89 41.57
CA GLU C 138 54.78 -20.14 41.66
C GLU C 138 54.65 -21.04 40.45
N CYS C 139 53.42 -21.43 40.12
CA CYS C 139 53.20 -22.32 38.98
C CYS C 139 53.87 -21.80 37.70
N CYS C 140 53.49 -20.60 37.27
CA CYS C 140 54.09 -20.02 36.05
C CYS C 140 55.61 -20.06 36.17
N GLY C 141 56.10 -19.82 37.39
CA GLY C 141 57.54 -19.84 37.60
C GLY C 141 58.14 -21.14 37.11
N ILE C 142 57.50 -22.25 37.50
CA ILE C 142 57.98 -23.58 37.15
C ILE C 142 57.58 -24.08 35.76
N ARG C 143 56.36 -23.78 35.33
CA ARG C 143 55.92 -24.25 34.02
C ARG C 143 56.32 -23.40 32.82
N LYS C 144 56.45 -22.09 32.99
CA LYS C 144 56.81 -21.20 31.87
C LYS C 144 58.20 -20.59 31.96
N ILE C 145 58.40 -19.78 33.00
CA ILE C 145 59.65 -19.07 33.22
C ILE C 145 60.92 -19.91 33.22
N GLU C 146 61.00 -20.90 34.10
CA GLU C 146 62.19 -21.73 34.17
C GLU C 146 62.49 -22.36 32.82
N PRO C 147 61.48 -22.98 32.18
CA PRO C 147 61.82 -23.57 30.88
C PRO C 147 62.17 -22.50 29.84
N LEU C 148 61.67 -21.28 30.03
CA LEU C 148 61.97 -20.19 29.12
C LEU C 148 63.45 -19.82 29.31
N LYS C 149 63.80 -19.56 30.56
CA LYS C 149 65.17 -19.21 30.93
C LYS C 149 66.19 -20.16 30.28
N ARG C 150 65.94 -21.46 30.39
CA ARG C 150 66.85 -22.46 29.80
C ARG C 150 66.99 -22.22 28.29
N LYS C 151 65.87 -22.00 27.61
CA LYS C 151 65.88 -21.76 26.17
C LYS C 151 66.59 -20.47 25.80
N LEU C 152 66.14 -19.36 26.39
CA LEU C 152 66.73 -18.06 26.12
C LEU C 152 68.22 -18.02 26.47
N ALA C 153 68.61 -18.82 27.45
CA ALA C 153 69.99 -18.86 27.91
C ALA C 153 71.00 -19.06 26.78
N GLY C 154 70.62 -19.82 25.76
CA GLY C 154 71.53 -20.05 24.66
C GLY C 154 71.07 -19.33 23.41
N VAL C 155 70.61 -18.08 23.60
CA VAL C 155 70.11 -17.29 22.50
C VAL C 155 70.69 -15.89 22.51
N ARG C 156 70.84 -15.29 21.33
CA ARG C 156 71.37 -13.94 21.23
C ARG C 156 70.27 -12.88 21.29
N ALA C 157 69.11 -13.19 20.71
CA ALA C 157 67.98 -12.25 20.70
C ALA C 157 66.68 -12.98 20.41
N TRP C 158 65.57 -12.45 20.93
CA TRP C 158 64.27 -13.05 20.69
C TRP C 158 63.22 -11.97 20.52
N ALA C 159 62.00 -12.38 20.18
CA ALA C 159 60.90 -11.45 19.99
C ALA C 159 59.59 -11.98 20.58
N THR C 160 58.66 -11.09 20.88
CA THR C 160 57.38 -11.51 21.44
C THR C 160 56.30 -10.59 20.92
N GLY C 161 55.05 -11.05 21.03
CA GLY C 161 53.93 -10.27 20.53
C GLY C 161 53.35 -9.31 21.54
N GLN C 162 54.10 -9.06 22.61
CA GLN C 162 53.63 -8.15 23.65
C GLN C 162 53.31 -6.77 23.07
N ARG C 163 52.13 -6.25 23.41
CA ARG C 163 51.70 -4.94 22.91
C ARG C 163 51.32 -4.05 24.09
N ARG C 164 51.62 -2.75 23.98
CA ARG C 164 51.29 -1.81 25.05
C ARG C 164 49.81 -2.02 25.35
N ASP C 165 49.08 -2.18 24.27
CA ASP C 165 47.66 -2.39 24.21
C ASP C 165 47.07 -3.42 25.18
N GLN C 166 47.82 -4.49 25.43
CA GLN C 166 47.38 -5.62 26.27
C GLN C 166 47.16 -5.41 27.78
N SER C 167 47.74 -4.36 28.33
CA SER C 167 47.56 -4.06 29.74
C SER C 167 46.89 -2.71 29.75
N PRO C 168 46.14 -2.38 30.81
CA PRO C 168 45.50 -1.07 30.83
C PRO C 168 46.52 0.07 30.94
N GLY C 169 47.56 0.01 30.10
CA GLY C 169 48.60 1.03 30.10
C GLY C 169 49.00 1.46 31.50
N THR C 170 49.75 0.60 32.19
CA THR C 170 50.18 0.87 33.55
C THR C 170 51.56 1.54 33.61
N ARG C 171 52.18 1.49 34.79
CA ARG C 171 53.49 2.09 35.04
C ARG C 171 54.62 1.75 34.07
N SER C 172 54.48 0.63 33.35
CA SER C 172 55.51 0.23 32.40
C SER C 172 54.93 -0.05 31.02
N GLN C 173 55.63 0.42 29.99
CA GLN C 173 55.20 0.19 28.62
C GLN C 173 56.21 -0.67 27.88
N VAL C 174 55.78 -1.24 26.77
CA VAL C 174 56.62 -2.13 25.97
C VAL C 174 57.57 -1.40 25.05
N ALA C 175 58.83 -1.81 25.08
CA ALA C 175 59.86 -1.21 24.25
C ALA C 175 60.04 -2.08 23.01
N VAL C 176 59.99 -1.49 21.83
CA VAL C 176 60.16 -2.26 20.62
C VAL C 176 61.50 -2.98 20.62
N LEU C 177 62.47 -2.45 21.37
CA LEU C 177 63.81 -3.06 21.47
C LEU C 177 64.27 -2.78 22.89
N GLU C 178 65.00 -3.71 23.48
CA GLU C 178 65.46 -3.53 24.85
C GLU C 178 66.37 -4.66 25.29
N ILE C 179 67.06 -4.45 26.39
CA ILE C 179 67.94 -5.46 26.93
C ILE C 179 67.05 -6.30 27.82
N ASP C 180 67.09 -7.62 27.67
CA ASP C 180 66.24 -8.45 28.49
C ASP C 180 66.84 -8.55 29.89
N GLY C 181 66.33 -7.72 30.79
CA GLY C 181 66.83 -7.72 32.14
C GLY C 181 66.59 -9.01 32.89
N ALA C 182 65.48 -9.65 32.58
CA ALA C 182 65.10 -10.90 33.24
C ALA C 182 65.97 -12.11 32.98
N PHE C 183 66.42 -12.29 31.74
CA PHE C 183 67.23 -13.47 31.40
C PHE C 183 68.62 -13.23 30.84
N SER C 184 69.31 -12.18 31.29
CA SER C 184 70.66 -11.92 30.78
C SER C 184 71.52 -11.25 31.84
N THR C 185 72.78 -11.68 31.92
CA THR C 185 73.73 -11.13 32.88
C THR C 185 74.38 -9.87 32.33
N PRO C 186 74.64 -8.88 33.20
CA PRO C 186 75.27 -7.64 32.75
C PRO C 186 76.37 -7.92 31.73
N GLU C 187 77.23 -8.88 32.06
CA GLU C 187 78.33 -9.26 31.18
C GLU C 187 77.85 -9.91 29.89
N LYS C 188 76.87 -10.81 29.99
CA LYS C 188 76.32 -11.50 28.80
C LYS C 188 74.87 -11.10 28.56
N PRO C 189 74.66 -10.03 27.78
CA PRO C 189 73.32 -9.53 27.47
C PRO C 189 72.54 -10.32 26.42
N LEU C 190 71.22 -10.22 26.54
CA LEU C 190 70.27 -10.86 25.65
C LEU C 190 69.37 -9.73 25.15
N TYR C 191 69.11 -9.68 23.86
CA TYR C 191 68.26 -8.63 23.33
C TYR C 191 66.84 -9.11 23.06
N LYS C 192 65.87 -8.26 23.33
CA LYS C 192 64.48 -8.61 23.16
C LYS C 192 63.70 -7.62 22.31
N PHE C 193 63.09 -8.11 21.24
CA PHE C 193 62.29 -7.27 20.35
C PHE C 193 60.79 -7.48 20.54
N ASN C 194 60.03 -6.40 20.63
CA ASN C 194 58.59 -6.49 20.76
C ASN C 194 58.00 -5.70 19.58
N PRO C 195 58.15 -6.22 18.36
CA PRO C 195 57.64 -5.57 17.15
C PRO C 195 56.21 -5.06 17.23
N LEU C 196 55.31 -5.84 17.79
CA LEU C 196 53.91 -5.46 17.88
C LEU C 196 53.65 -4.49 19.02
N SER C 197 54.72 -4.05 19.67
CA SER C 197 54.62 -3.12 20.79
C SER C 197 53.54 -2.07 20.62
N SER C 198 53.60 -1.36 19.50
CA SER C 198 52.64 -0.30 19.21
C SER C 198 51.40 -0.68 18.40
N MET C 199 51.25 -1.95 18.04
CA MET C 199 50.08 -2.35 17.27
C MET C 199 48.91 -2.54 18.23
N THR C 200 47.71 -2.15 17.81
CA THR C 200 46.54 -2.29 18.67
C THR C 200 45.75 -3.56 18.38
N SER C 201 44.92 -3.96 19.34
CA SER C 201 44.07 -5.13 19.23
C SER C 201 43.28 -5.09 17.93
N GLU C 202 42.63 -3.97 17.67
CA GLU C 202 41.84 -3.80 16.46
C GLU C 202 42.70 -3.98 15.23
N GLU C 203 43.93 -3.48 15.29
CA GLU C 203 44.83 -3.59 14.16
C GLU C 203 45.31 -5.03 14.01
N VAL C 204 45.56 -5.68 15.13
CA VAL C 204 45.99 -7.07 15.13
C VAL C 204 44.92 -7.91 14.43
N TRP C 205 43.68 -7.78 14.86
CA TRP C 205 42.62 -8.56 14.25
C TRP C 205 42.32 -8.21 12.81
N GLY C 206 42.42 -6.93 12.48
CA GLY C 206 42.19 -6.52 11.12
C GLY C 206 43.22 -7.25 10.28
N TYR C 207 44.44 -7.31 10.78
CA TYR C 207 45.50 -8.00 10.05
C TYR C 207 45.13 -9.47 9.91
N ILE C 208 44.76 -10.09 11.02
CA ILE C 208 44.37 -11.49 11.02
C ILE C 208 43.27 -11.76 10.01
N ARG C 209 42.18 -11.00 10.13
CA ARG C 209 41.04 -11.16 9.24
C ARG C 209 41.35 -10.81 7.78
N MET C 210 42.02 -9.69 7.54
CA MET C 210 42.35 -9.28 6.20
C MET C 210 43.21 -10.31 5.46
N LEU C 211 44.30 -10.74 6.08
CA LEU C 211 45.18 -11.71 5.46
C LEU C 211 44.71 -13.14 5.70
N GLU C 212 43.50 -13.25 6.22
CA GLU C 212 42.90 -14.54 6.50
C GLU C 212 43.82 -15.48 7.26
N LEU C 213 44.58 -14.95 8.20
CA LEU C 213 45.49 -15.77 9.00
C LEU C 213 44.69 -16.80 9.81
N PRO C 214 45.37 -17.84 10.32
CA PRO C 214 44.68 -18.85 11.12
C PRO C 214 44.75 -18.36 12.56
N TYR C 215 43.71 -18.62 13.35
CA TYR C 215 43.71 -18.17 14.74
C TYR C 215 43.08 -19.18 15.68
N ASN C 216 43.42 -19.04 16.96
CA ASN C 216 42.91 -19.90 18.00
C ASN C 216 41.38 -19.94 17.96
N SER C 217 40.80 -21.10 18.27
CA SER C 217 39.35 -21.25 18.25
C SER C 217 38.73 -20.49 19.41
N LEU C 218 39.46 -20.38 20.52
CA LEU C 218 38.93 -19.70 21.69
C LEU C 218 38.48 -18.28 21.33
N HIS C 219 39.13 -17.68 20.35
CA HIS C 219 38.80 -16.32 19.92
C HIS C 219 37.38 -16.20 19.38
N GLU C 220 36.76 -17.33 19.11
CA GLU C 220 35.39 -17.35 18.62
C GLU C 220 34.45 -17.73 19.77
N ARG C 221 34.96 -17.74 20.99
CA ARG C 221 34.13 -18.10 22.13
C ARG C 221 34.22 -17.09 23.27
N GLY C 222 34.64 -15.88 22.95
CA GLY C 222 34.74 -14.85 23.98
C GLY C 222 36.14 -14.61 24.54
N TYR C 223 37.11 -15.36 24.05
CA TYR C 223 38.49 -15.20 24.54
C TYR C 223 39.26 -14.19 23.70
N ILE C 224 39.89 -13.23 24.37
CA ILE C 224 40.71 -12.27 23.67
C ILE C 224 42.13 -12.68 24.05
N SER C 225 42.46 -12.47 25.32
CA SER C 225 43.77 -12.85 25.83
C SER C 225 43.72 -14.37 26.01
N ILE C 226 44.81 -15.08 25.75
CA ILE C 226 44.78 -16.53 25.90
C ILE C 226 45.94 -17.16 26.65
N GLY C 227 45.69 -17.51 27.91
CA GLY C 227 46.72 -18.14 28.71
C GLY C 227 46.45 -19.64 28.82
N CYS C 228 46.75 -20.23 29.96
CA CYS C 228 46.49 -21.66 30.17
C CYS C 228 45.00 -21.82 30.46
N GLU C 229 44.48 -23.00 30.16
CA GLU C 229 43.06 -23.30 30.37
C GLU C 229 42.49 -22.99 31.78
N PRO C 230 43.24 -23.32 32.84
CA PRO C 230 42.70 -23.02 34.18
C PRO C 230 42.79 -21.56 34.67
N CYS C 231 43.63 -20.76 34.03
CA CYS C 231 43.83 -19.37 34.44
C CYS C 231 43.37 -18.33 33.43
N THR C 232 42.54 -18.76 32.49
CA THR C 232 42.04 -17.87 31.47
C THR C 232 40.52 -18.06 31.41
N ARG C 233 39.81 -17.01 31.03
CA ARG C 233 38.37 -17.08 30.92
C ARG C 233 37.93 -16.03 29.92
N PRO C 234 36.85 -16.30 29.17
CA PRO C 234 36.42 -15.30 28.20
C PRO C 234 35.95 -14.04 28.92
N VAL C 235 35.95 -12.90 28.24
CA VAL C 235 35.50 -11.67 28.88
C VAL C 235 34.18 -11.22 28.26
N LEU C 236 33.40 -10.47 29.05
CA LEU C 236 32.11 -9.95 28.59
C LEU C 236 32.37 -8.83 27.59
N PRO C 237 31.33 -8.38 26.89
CA PRO C 237 31.52 -7.30 25.92
C PRO C 237 32.06 -6.04 26.58
N ASN C 238 33.07 -5.45 25.96
CA ASN C 238 33.71 -4.21 26.45
C ASN C 238 34.57 -4.32 27.70
N GLN C 239 34.61 -5.51 28.30
CA GLN C 239 35.42 -5.74 29.48
C GLN C 239 36.85 -5.82 28.97
N HIS C 240 37.81 -5.20 29.67
CA HIS C 240 39.19 -5.25 29.19
C HIS C 240 39.74 -6.67 29.10
N GLU C 241 40.49 -6.95 28.05
CA GLU C 241 41.03 -8.27 27.84
C GLU C 241 41.88 -8.85 28.97
N ARG C 242 42.63 -7.99 29.66
CA ARG C 242 43.49 -8.47 30.75
C ARG C 242 42.65 -8.95 31.92
N GLU C 243 41.39 -8.56 31.93
CA GLU C 243 40.49 -8.94 33.00
C GLU C 243 40.11 -10.40 32.89
N GLY C 244 40.70 -11.08 31.90
CA GLY C 244 40.42 -12.48 31.68
C GLY C 244 41.54 -13.41 32.06
N ARG C 245 42.55 -12.89 32.75
CA ARG C 245 43.69 -13.69 33.18
C ARG C 245 43.88 -13.53 34.68
N TRP C 246 44.00 -14.65 35.38
CA TRP C 246 44.19 -14.62 36.84
C TRP C 246 43.23 -13.64 37.49
N TRP C 247 41.98 -13.69 37.05
CA TRP C 247 40.92 -12.82 37.55
C TRP C 247 40.74 -12.81 39.07
N TRP C 248 41.11 -13.90 39.73
CA TRP C 248 40.94 -13.98 41.18
C TRP C 248 42.01 -13.21 41.94
N GLU C 249 43.09 -12.85 41.27
CA GLU C 249 44.17 -12.12 41.91
C GLU C 249 43.87 -10.63 42.11
N PRO D 27 -2.93 13.13 28.05
CA PRO D 27 -3.21 14.45 27.42
C PRO D 27 -2.44 14.63 26.12
N PHE D 28 -2.91 15.55 25.28
CA PHE D 28 -2.28 15.82 23.99
C PHE D 28 -0.85 16.37 24.10
N ASP D 29 -0.08 16.17 23.03
CA ASP D 29 1.29 16.66 22.97
C ASP D 29 1.71 16.78 21.51
N LEU D 30 2.92 17.27 21.29
CA LEU D 30 3.44 17.43 19.93
C LEU D 30 4.75 16.67 19.77
N PRO D 31 5.10 16.30 18.52
CA PRO D 31 6.35 15.57 18.26
C PRO D 31 7.59 16.36 18.69
N ALA D 32 7.39 17.62 19.04
CA ALA D 32 8.49 18.47 19.49
C ALA D 32 9.07 17.87 20.77
N LEU D 33 8.29 17.01 21.41
CA LEU D 33 8.74 16.34 22.64
C LEU D 33 9.92 15.47 22.27
N ALA D 34 9.83 14.84 21.10
CA ALA D 34 10.88 13.98 20.58
C ALA D 34 12.17 14.78 20.36
N SER D 35 12.01 16.10 20.20
CA SER D 35 13.14 16.99 20.00
C SER D 35 13.69 17.37 21.37
N SER D 36 12.78 17.52 22.32
CA SER D 36 13.11 17.86 23.70
C SER D 36 13.88 16.76 24.42
N LEU D 37 13.50 15.51 24.18
CA LEU D 37 14.13 14.36 24.84
C LEU D 37 15.32 13.79 24.07
N ALA D 38 15.71 14.48 23.00
CA ALA D 38 16.83 14.04 22.17
C ALA D 38 18.08 13.62 22.94
N ASP D 39 18.56 14.50 23.81
CA ASP D 39 19.78 14.23 24.57
C ASP D 39 19.54 13.87 26.02
N LYS D 40 18.29 13.94 26.45
CA LYS D 40 17.95 13.59 27.83
C LYS D 40 18.32 12.14 28.09
N SER D 41 18.75 11.85 29.31
CA SER D 41 19.15 10.49 29.69
C SER D 41 18.02 9.51 29.40
N PRO D 42 18.35 8.22 29.30
CA PRO D 42 17.33 7.20 29.03
C PRO D 42 16.27 7.18 30.12
N GLN D 43 16.71 7.19 31.39
CA GLN D 43 15.78 7.17 32.51
C GLN D 43 14.79 8.33 32.42
N ASP D 44 15.27 9.50 32.01
CA ASP D 44 14.38 10.64 31.88
C ASP D 44 13.43 10.40 30.71
N ILE D 45 13.97 9.88 29.59
CA ILE D 45 13.12 9.60 28.44
C ILE D 45 12.03 8.61 28.85
N LEU D 46 12.36 7.69 29.75
CA LEU D 46 11.38 6.74 30.22
C LEU D 46 10.32 7.45 31.05
N LYS D 47 10.77 8.29 31.99
CA LYS D 47 9.83 9.03 32.83
C LYS D 47 8.82 9.74 31.93
N ALA D 48 9.32 10.39 30.88
CA ALA D 48 8.46 11.10 29.94
C ALA D 48 7.37 10.17 29.44
N ALA D 49 7.78 9.02 28.89
CA ALA D 49 6.83 8.05 28.37
C ALA D 49 5.85 7.62 29.47
N PHE D 50 6.39 7.24 30.63
CA PHE D 50 5.54 6.82 31.73
C PHE D 50 4.54 7.90 32.16
N GLU D 51 4.90 9.16 31.92
CA GLU D 51 4.01 10.26 32.27
C GLU D 51 2.84 10.30 31.31
N HIS D 52 3.14 10.48 30.02
CA HIS D 52 2.11 10.55 28.99
C HIS D 52 1.27 9.30 28.82
N PHE D 53 1.91 8.12 28.89
CA PHE D 53 1.20 6.86 28.68
C PHE D 53 1.00 5.97 29.90
N GLY D 54 1.52 6.38 31.05
CA GLY D 54 1.35 5.62 32.27
C GLY D 54 1.61 4.13 32.17
N ASP D 55 0.85 3.34 32.91
CA ASP D 55 1.02 1.89 32.88
C ASP D 55 0.64 1.26 31.55
N GLU D 56 0.30 2.09 30.57
CA GLU D 56 -0.08 1.61 29.25
C GLU D 56 1.13 1.41 28.32
N LEU D 57 2.30 1.87 28.77
CA LEU D 57 3.52 1.74 27.99
C LEU D 57 4.07 0.31 28.10
N TRP D 58 4.27 -0.33 26.95
CA TRP D 58 4.79 -1.69 26.92
C TRP D 58 6.26 -1.71 26.56
N ILE D 59 7.03 -2.48 27.32
CA ILE D 59 8.46 -2.62 27.10
C ILE D 59 8.78 -3.87 26.30
N SER D 60 9.49 -3.69 25.21
CA SER D 60 9.88 -4.79 24.35
C SER D 60 11.19 -5.37 24.90
N PHE D 61 11.16 -6.62 25.38
CA PHE D 61 12.35 -7.26 25.93
C PHE D 61 12.80 -8.50 25.13
N SER D 62 13.98 -8.41 24.49
CA SER D 62 14.52 -9.50 23.67
C SER D 62 15.46 -10.48 24.34
N GLY D 63 15.58 -10.42 25.66
CA GLY D 63 16.46 -11.33 26.37
C GLY D 63 17.94 -11.08 26.13
N ALA D 64 18.29 -9.85 25.74
CA ALA D 64 19.69 -9.49 25.48
C ALA D 64 20.17 -8.37 26.41
N GLU D 65 21.09 -7.53 25.93
CA GLU D 65 21.61 -6.43 26.75
C GLU D 65 20.53 -5.39 26.99
N ASP D 66 19.40 -5.54 26.31
CA ASP D 66 18.30 -4.62 26.49
C ASP D 66 17.66 -4.87 27.85
N VAL D 67 18.33 -5.69 28.67
CA VAL D 67 17.84 -5.97 30.02
C VAL D 67 17.97 -4.66 30.80
N VAL D 68 18.83 -3.78 30.32
CA VAL D 68 19.05 -2.48 30.93
C VAL D 68 17.78 -1.65 30.85
N LEU D 69 17.08 -1.72 29.72
CA LEU D 69 15.84 -0.99 29.54
C LEU D 69 14.82 -1.51 30.56
N VAL D 70 14.79 -2.82 30.72
CA VAL D 70 13.87 -3.43 31.68
C VAL D 70 14.22 -2.98 33.11
N ASP D 71 15.52 -2.88 33.40
CA ASP D 71 15.96 -2.47 34.73
C ASP D 71 15.55 -1.03 35.04
N MET D 72 15.83 -0.12 34.11
CA MET D 72 15.47 1.29 34.30
C MET D 72 13.96 1.42 34.42
N ALA D 73 13.26 0.91 33.40
CA ALA D 73 11.80 0.98 33.38
C ALA D 73 11.19 0.46 34.68
N TRP D 74 11.64 -0.72 35.12
CA TRP D 74 11.12 -1.30 36.34
C TRP D 74 11.47 -0.49 37.58
N LYS D 75 12.60 0.20 37.53
CA LYS D 75 13.00 1.02 38.69
C LYS D 75 12.03 2.19 38.79
N LEU D 76 11.66 2.76 37.65
CA LEU D 76 10.74 3.89 37.65
C LEU D 76 9.32 3.42 37.93
N ASN D 77 8.98 2.25 37.40
CA ASN D 77 7.63 1.69 37.56
C ASN D 77 7.70 0.21 37.94
N ARG D 78 7.33 -0.14 39.16
CA ARG D 78 7.37 -1.55 39.56
C ARG D 78 6.29 -2.37 38.88
N ASN D 79 5.37 -1.70 38.20
CA ASN D 79 4.27 -2.39 37.50
C ASN D 79 4.41 -2.26 35.99
N VAL D 80 5.62 -1.96 35.53
CA VAL D 80 5.88 -1.80 34.11
C VAL D 80 5.44 -3.03 33.33
N LYS D 81 4.86 -2.81 32.16
CA LYS D 81 4.40 -3.91 31.32
C LYS D 81 5.44 -4.23 30.26
N VAL D 82 5.83 -5.51 30.18
CA VAL D 82 6.82 -5.95 29.20
C VAL D 82 6.49 -7.29 28.55
N PHE D 83 6.83 -7.41 27.26
CA PHE D 83 6.57 -8.63 26.49
C PHE D 83 7.82 -9.05 25.73
N SER D 84 8.00 -10.36 25.55
CA SER D 84 9.15 -10.87 24.81
C SER D 84 8.61 -11.69 23.65
N LEU D 85 9.20 -11.53 22.47
CA LEU D 85 8.76 -12.28 21.30
C LEU D 85 9.49 -13.59 21.18
N ASP D 86 8.86 -14.66 21.67
CA ASP D 86 9.42 -16.00 21.62
C ASP D 86 9.11 -16.59 20.25
N THR D 87 10.12 -16.63 19.38
CA THR D 87 9.97 -17.13 18.02
C THR D 87 9.96 -18.65 17.93
N GLY D 88 10.12 -19.31 19.06
CA GLY D 88 10.14 -20.76 19.08
C GLY D 88 11.51 -21.30 18.70
N ARG D 89 12.42 -20.39 18.36
CA ARG D 89 13.78 -20.78 17.99
C ARG D 89 14.85 -20.04 18.78
N LEU D 90 14.51 -19.55 19.97
CA LEU D 90 15.46 -18.84 20.80
C LEU D 90 16.49 -19.79 21.42
N HIS D 91 17.65 -19.26 21.80
CA HIS D 91 18.69 -20.06 22.43
C HIS D 91 18.14 -20.56 23.76
N PRO D 92 18.53 -21.77 24.17
CA PRO D 92 18.02 -22.24 25.46
C PRO D 92 18.47 -21.21 26.51
N GLU D 93 19.65 -20.62 26.26
CA GLU D 93 20.20 -19.62 27.18
C GLU D 93 19.26 -18.42 27.28
N THR D 94 18.67 -18.04 26.16
CA THR D 94 17.76 -16.91 26.17
C THR D 94 16.48 -17.22 26.93
N TYR D 95 16.03 -18.48 26.90
CA TYR D 95 14.81 -18.85 27.61
C TYR D 95 15.08 -18.74 29.10
N ARG D 96 16.20 -19.30 29.53
CA ARG D 96 16.55 -19.26 30.94
C ARG D 96 16.66 -17.82 31.44
N PHE D 97 17.22 -16.93 30.61
CA PHE D 97 17.42 -15.53 30.98
C PHE D 97 16.09 -14.77 31.11
N ILE D 98 15.23 -14.88 30.12
CA ILE D 98 13.93 -14.20 30.16
C ILE D 98 13.21 -14.58 31.45
N ASP D 99 13.18 -15.87 31.76
CA ASP D 99 12.55 -16.35 32.98
C ASP D 99 13.27 -15.78 34.20
N GLN D 100 14.57 -15.56 34.06
CA GLN D 100 15.37 -15.00 35.15
C GLN D 100 14.96 -13.56 35.43
N VAL D 101 14.91 -12.74 34.38
CA VAL D 101 14.50 -11.35 34.55
C VAL D 101 13.12 -11.34 35.20
N ARG D 102 12.33 -12.37 34.90
CA ARG D 102 10.98 -12.51 35.43
C ARG D 102 11.02 -12.72 36.94
N GLU D 103 11.65 -13.81 37.37
CA GLU D 103 11.73 -14.12 38.78
C GLU D 103 12.72 -13.26 39.54
N HIS D 104 13.26 -12.24 38.87
CA HIS D 104 14.21 -11.35 39.53
C HIS D 104 13.58 -10.01 39.84
N TYR D 105 12.79 -9.49 38.91
CA TYR D 105 12.14 -8.21 39.13
C TYR D 105 10.70 -8.37 39.57
N GLY D 106 10.18 -9.58 39.50
CA GLY D 106 8.79 -9.80 39.86
C GLY D 106 7.95 -9.19 38.75
N ILE D 107 8.20 -9.64 37.53
CA ILE D 107 7.49 -9.16 36.34
C ILE D 107 6.93 -10.30 35.50
N ALA D 108 5.61 -10.41 35.45
CA ALA D 108 4.98 -11.44 34.64
C ALA D 108 5.14 -10.99 33.20
N ILE D 109 6.23 -11.41 32.56
CA ILE D 109 6.47 -11.04 31.18
C ILE D 109 5.49 -11.71 30.22
N ASP D 110 5.16 -11.00 29.14
CA ASP D 110 4.27 -11.52 28.12
C ASP D 110 5.11 -12.22 27.07
N VAL D 111 5.10 -13.55 27.08
CA VAL D 111 5.86 -14.31 26.11
C VAL D 111 4.97 -14.66 24.93
N LEU D 112 5.19 -13.98 23.81
CA LEU D 112 4.40 -14.17 22.61
C LEU D 112 4.94 -15.20 21.62
N SER D 113 4.09 -16.15 21.24
CA SER D 113 4.47 -17.21 20.31
C SER D 113 3.82 -17.02 18.94
N PRO D 114 4.37 -17.68 17.91
CA PRO D 114 3.87 -17.60 16.53
C PRO D 114 2.56 -18.35 16.32
N ASP D 115 1.85 -17.94 15.28
CA ASP D 115 0.56 -18.53 14.92
C ASP D 115 0.82 -19.73 14.00
N PRO D 116 0.53 -20.94 14.50
CA PRO D 116 0.74 -22.18 13.75
C PRO D 116 0.24 -22.11 12.30
N ARG D 117 -0.99 -21.64 12.12
CA ARG D 117 -1.58 -21.55 10.79
C ARG D 117 -0.78 -20.69 9.83
N LEU D 118 0.27 -20.04 10.34
CA LEU D 118 1.14 -19.19 9.53
C LEU D 118 2.51 -19.84 9.44
N LEU D 119 2.96 -20.34 10.58
CA LEU D 119 4.26 -20.97 10.70
C LEU D 119 4.27 -22.34 10.00
N GLU D 120 3.39 -23.21 10.45
CA GLU D 120 3.30 -24.57 9.90
C GLU D 120 3.44 -24.69 8.38
N PRO D 121 2.65 -23.92 7.61
CA PRO D 121 2.81 -24.04 6.17
C PRO D 121 4.24 -23.73 5.72
N LEU D 122 4.82 -22.68 6.29
CA LEU D 122 6.18 -22.27 5.93
C LEU D 122 7.18 -23.40 6.14
N VAL D 123 7.23 -23.93 7.35
CA VAL D 123 8.15 -25.01 7.67
C VAL D 123 7.89 -26.15 6.68
N LYS D 124 6.62 -26.53 6.58
CA LYS D 124 6.19 -27.62 5.71
C LYS D 124 6.83 -27.68 4.33
N GLU D 125 6.88 -26.56 3.62
CA GLU D 125 7.47 -26.59 2.30
C GLU D 125 8.90 -26.07 2.22
N LYS D 126 9.38 -25.43 3.28
CA LYS D 126 10.73 -24.88 3.23
C LYS D 126 11.75 -25.36 4.25
N GLY D 127 11.33 -26.18 5.20
CA GLY D 127 12.26 -26.67 6.21
C GLY D 127 12.32 -25.79 7.44
N LEU D 128 13.26 -26.07 8.34
CA LEU D 128 13.40 -25.30 9.57
C LEU D 128 14.60 -24.37 9.50
N PHE D 129 15.09 -24.12 8.30
CA PHE D 129 16.25 -23.25 8.10
C PHE D 129 16.18 -22.58 6.73
N SER D 130 14.99 -22.21 6.29
CA SER D 130 14.82 -21.57 4.98
C SER D 130 15.59 -20.25 4.89
N PHE D 131 15.61 -19.50 5.98
CA PHE D 131 16.30 -18.21 6.03
C PHE D 131 17.73 -18.23 5.50
N TYR D 132 18.38 -19.40 5.53
CA TYR D 132 19.76 -19.51 5.04
C TYR D 132 19.82 -19.30 3.53
N ARG D 133 18.78 -19.70 2.83
CA ARG D 133 18.75 -19.55 1.38
C ARG D 133 17.79 -18.49 0.87
N ASP D 134 16.80 -18.12 1.68
CA ASP D 134 15.82 -17.10 1.27
C ASP D 134 15.96 -15.80 2.05
N GLY D 135 17.01 -15.66 2.83
CA GLY D 135 17.15 -14.46 3.63
C GLY D 135 16.26 -14.61 4.85
N HIS D 136 16.53 -13.86 5.90
CA HIS D 136 15.75 -13.98 7.14
C HIS D 136 14.38 -13.34 7.11
N GLY D 137 14.15 -12.47 6.13
CA GLY D 137 12.89 -11.78 6.00
C GLY D 137 11.63 -12.59 6.28
N GLU D 138 11.37 -13.60 5.45
CA GLU D 138 10.19 -14.43 5.58
C GLU D 138 9.96 -15.06 6.97
N CYS D 139 10.90 -15.87 7.44
CA CYS D 139 10.74 -16.51 8.74
C CYS D 139 10.51 -15.49 9.86
N CYS D 140 11.33 -14.43 9.90
CA CYS D 140 11.17 -13.39 10.91
C CYS D 140 9.73 -12.90 10.87
N GLY D 141 9.28 -12.52 9.68
CA GLY D 141 7.92 -12.03 9.51
C GLY D 141 6.85 -12.87 10.17
N ILE D 142 7.03 -14.19 10.16
CA ILE D 142 6.02 -15.08 10.74
C ILE D 142 6.21 -15.38 12.23
N ARG D 143 7.45 -15.60 12.65
CA ARG D 143 7.75 -15.91 14.05
C ARG D 143 7.98 -14.67 14.90
N LYS D 144 8.39 -13.58 14.27
CA LYS D 144 8.69 -12.36 15.01
C LYS D 144 7.78 -11.19 14.68
N ILE D 145 7.82 -10.72 13.43
CA ILE D 145 7.03 -9.57 13.01
C ILE D 145 5.51 -9.68 13.21
N GLU D 146 4.91 -10.72 12.64
CA GLU D 146 3.45 -10.88 12.75
C GLU D 146 2.96 -10.84 14.19
N PRO D 147 3.46 -11.73 15.07
CA PRO D 147 2.98 -11.71 16.45
C PRO D 147 3.22 -10.35 17.15
N LEU D 148 4.23 -9.62 16.70
CA LEU D 148 4.52 -8.30 17.27
C LEU D 148 3.37 -7.36 16.89
N LYS D 149 3.01 -7.38 15.60
CA LYS D 149 1.93 -6.55 15.08
C LYS D 149 0.66 -6.77 15.87
N ARG D 150 0.37 -8.03 16.11
CA ARG D 150 -0.82 -8.43 16.85
C ARG D 150 -0.84 -7.82 18.25
N LYS D 151 0.33 -7.72 18.87
CA LYS D 151 0.43 -7.16 20.21
C LYS D 151 0.29 -5.65 20.24
N LEU D 152 1.08 -4.96 19.42
CA LEU D 152 1.04 -3.51 19.36
C LEU D 152 -0.30 -2.91 18.96
N ALA D 153 -1.21 -3.76 18.49
CA ALA D 153 -2.54 -3.29 18.09
C ALA D 153 -3.19 -2.61 19.29
N GLY D 154 -3.51 -3.40 20.31
CA GLY D 154 -4.13 -2.84 21.50
C GLY D 154 -3.10 -2.12 22.35
N VAL D 155 -2.31 -1.26 21.70
CA VAL D 155 -1.27 -0.49 22.39
C VAL D 155 -1.26 0.95 21.90
N ARG D 156 -0.87 1.87 22.79
CA ARG D 156 -0.82 3.29 22.45
C ARG D 156 0.61 3.65 22.07
N ALA D 157 1.56 3.17 22.88
CA ALA D 157 2.99 3.42 22.66
C ALA D 157 3.82 2.36 23.38
N TRP D 158 5.03 2.12 22.86
CA TRP D 158 5.92 1.12 23.45
C TRP D 158 7.37 1.58 23.33
N ALA D 159 8.28 0.88 24.03
CA ALA D 159 9.69 1.23 23.98
C ALA D 159 10.60 0.03 23.77
N THR D 160 11.64 0.23 22.97
CA THR D 160 12.63 -0.80 22.69
C THR D 160 14.01 -0.27 23.04
N GLY D 161 14.93 -1.17 23.35
CA GLY D 161 16.28 -0.77 23.71
C GLY D 161 17.22 -0.66 22.52
N GLN D 162 16.66 -0.41 21.34
CA GLN D 162 17.49 -0.26 20.16
C GLN D 162 18.52 0.81 20.48
N ARG D 163 19.72 0.67 19.93
CA ARG D 163 20.77 1.66 20.16
C ARG D 163 21.41 2.09 18.85
N ARG D 164 21.78 3.36 18.77
CA ARG D 164 22.41 3.91 17.59
C ARG D 164 23.68 3.15 17.21
N ASP D 165 24.58 2.97 18.18
CA ASP D 165 25.84 2.29 17.92
C ASP D 165 25.77 0.80 17.61
N GLN D 166 24.66 0.16 17.92
CA GLN D 166 24.56 -1.27 17.64
C GLN D 166 24.27 -1.50 16.16
N SER D 167 24.26 -0.40 15.41
CA SER D 167 23.99 -0.44 13.96
C SER D 167 25.32 -0.39 13.24
N PRO D 168 25.44 -1.12 12.12
CA PRO D 168 26.64 -1.19 11.29
C PRO D 168 27.54 0.03 11.39
N GLY D 169 26.96 1.20 11.05
CA GLY D 169 27.71 2.43 11.10
C GLY D 169 27.18 3.38 10.04
N THR D 170 26.09 2.96 9.40
CA THR D 170 25.44 3.76 8.37
C THR D 170 25.06 5.13 8.97
N ARG D 171 25.42 5.29 10.25
CA ARG D 171 25.20 6.48 11.06
C ARG D 171 24.13 6.25 12.12
N SER D 172 23.67 7.33 12.74
CA SER D 172 22.67 7.25 13.80
C SER D 172 21.30 7.55 13.19
N GLN D 173 20.51 6.49 13.01
CA GLN D 173 19.19 6.64 12.42
C GLN D 173 18.07 6.71 13.45
N VAL D 174 18.28 6.13 14.63
CA VAL D 174 17.25 6.12 15.66
C VAL D 174 17.09 7.38 16.47
N ALA D 175 15.82 7.73 16.71
CA ALA D 175 15.44 8.88 17.50
C ALA D 175 14.87 8.34 18.80
N VAL D 176 14.89 9.15 19.85
CA VAL D 176 14.39 8.70 21.14
C VAL D 176 12.88 8.58 21.19
N LEU D 177 12.20 9.31 20.30
CA LEU D 177 10.75 9.30 20.23
C LEU D 177 10.29 9.55 18.81
N GLU D 178 9.42 8.68 18.30
CA GLU D 178 8.92 8.83 16.94
C GLU D 178 7.63 8.05 16.75
N ILE D 179 6.95 8.33 15.64
CA ILE D 179 5.71 7.64 15.31
C ILE D 179 6.14 6.31 14.74
N ASP D 180 5.59 5.22 15.24
CA ASP D 180 5.95 3.90 14.76
C ASP D 180 5.67 3.77 13.27
N GLY D 181 6.68 4.08 12.46
CA GLY D 181 6.53 4.01 11.01
C GLY D 181 6.29 2.64 10.39
N ALA D 182 5.96 1.65 11.22
CA ALA D 182 5.72 0.30 10.72
C ALA D 182 4.32 -0.20 11.08
N PHE D 183 3.90 0.03 12.32
CA PHE D 183 2.58 -0.42 12.77
C PHE D 183 1.61 0.73 13.00
N SER D 184 2.04 1.95 12.72
CA SER D 184 1.18 3.10 12.93
C SER D 184 0.34 3.42 11.70
N THR D 185 -0.83 4.01 11.93
CA THR D 185 -1.74 4.39 10.86
C THR D 185 -2.31 5.76 11.22
N PRO D 186 -2.54 6.63 10.20
CA PRO D 186 -3.09 7.96 10.47
C PRO D 186 -4.31 7.83 11.37
N GLU D 187 -5.02 6.72 11.21
CA GLU D 187 -6.24 6.41 11.97
C GLU D 187 -5.86 6.09 13.42
N LYS D 188 -5.14 5.00 13.61
CA LYS D 188 -4.69 4.61 14.94
C LYS D 188 -3.16 4.71 15.00
N PRO D 189 -2.65 5.86 15.49
CA PRO D 189 -1.22 6.11 15.62
C PRO D 189 -0.56 5.34 16.76
N LEU D 190 0.69 4.94 16.56
CA LEU D 190 1.44 4.21 17.56
C LEU D 190 2.76 4.93 17.82
N TYR D 191 2.99 5.35 19.06
CA TYR D 191 4.22 6.05 19.40
C TYR D 191 5.25 5.09 19.94
N LYS D 192 6.51 5.27 19.54
CA LYS D 192 7.59 4.41 20.01
C LYS D 192 8.74 5.18 20.62
N PHE D 193 9.23 4.68 21.75
CA PHE D 193 10.35 5.29 22.44
C PHE D 193 11.57 4.39 22.34
N ASN D 194 12.74 4.99 22.16
CA ASN D 194 14.00 4.25 22.08
C ASN D 194 14.96 4.88 23.10
N PRO D 195 14.70 4.68 24.41
CA PRO D 195 15.48 5.21 25.53
C PRO D 195 17.00 5.02 25.45
N LEU D 196 17.44 3.85 25.00
CA LEU D 196 18.86 3.55 24.90
C LEU D 196 19.46 3.95 23.57
N SER D 197 18.79 4.84 22.85
CA SER D 197 19.27 5.27 21.54
C SER D 197 20.67 5.86 21.59
N SER D 198 20.83 6.88 22.41
CA SER D 198 22.11 7.56 22.53
C SER D 198 23.11 6.85 23.46
N MET D 199 22.76 5.65 23.91
CA MET D 199 23.65 4.90 24.79
C MET D 199 24.59 4.01 24.00
N THR D 200 25.83 3.90 24.48
CA THR D 200 26.85 3.10 23.85
C THR D 200 26.91 1.69 24.44
N SER D 201 27.41 0.75 23.66
CA SER D 201 27.54 -0.63 24.08
C SER D 201 28.31 -0.68 25.39
N GLU D 202 29.45 0.00 25.41
CA GLU D 202 30.30 0.05 26.58
C GLU D 202 29.52 0.59 27.78
N GLU D 203 28.71 1.62 27.54
CA GLU D 203 27.91 2.21 28.61
C GLU D 203 26.86 1.22 29.07
N VAL D 204 26.25 0.52 28.11
CA VAL D 204 25.25 -0.48 28.44
C VAL D 204 25.87 -1.50 29.39
N TRP D 205 27.03 -2.02 29.01
CA TRP D 205 27.68 -3.02 29.85
C TRP D 205 28.22 -2.50 31.16
N GLY D 206 28.60 -1.23 31.20
CA GLY D 206 29.09 -0.67 32.45
C GLY D 206 27.91 -0.71 33.40
N TYR D 207 26.77 -0.27 32.89
CA TYR D 207 25.53 -0.23 33.65
C TYR D 207 25.21 -1.62 34.19
N ILE D 208 24.99 -2.57 33.30
CA ILE D 208 24.66 -3.92 33.72
C ILE D 208 25.70 -4.50 34.70
N ARG D 209 26.99 -4.27 34.44
CA ARG D 209 28.03 -4.78 35.33
C ARG D 209 28.07 -4.07 36.67
N MET D 210 27.90 -2.75 36.65
CA MET D 210 27.92 -1.94 37.85
C MET D 210 26.85 -2.33 38.87
N LEU D 211 25.60 -2.24 38.47
CA LEU D 211 24.47 -2.56 39.34
C LEU D 211 24.24 -4.06 39.43
N GLU D 212 25.17 -4.84 38.85
CA GLU D 212 25.10 -6.29 38.87
C GLU D 212 23.77 -6.87 38.44
N LEU D 213 23.35 -6.51 37.24
CA LEU D 213 22.10 -6.99 36.66
C LEU D 213 22.35 -8.38 36.10
N PRO D 214 21.30 -9.20 36.02
CA PRO D 214 21.48 -10.54 35.47
C PRO D 214 21.56 -10.33 33.97
N TYR D 215 22.33 -11.17 33.28
CA TYR D 215 22.44 -11.05 31.83
C TYR D 215 22.50 -12.42 31.17
N ASN D 216 22.28 -12.45 29.85
CA ASN D 216 22.29 -13.70 29.10
C ASN D 216 23.65 -14.37 29.15
N SER D 217 23.65 -15.67 29.45
CA SER D 217 24.88 -16.45 29.54
C SER D 217 25.68 -16.37 28.25
N LEU D 218 25.00 -16.17 27.14
CA LEU D 218 25.67 -16.09 25.85
C LEU D 218 26.73 -14.99 25.81
N HIS D 219 26.58 -13.98 26.66
CA HIS D 219 27.53 -12.86 26.68
C HIS D 219 28.92 -13.27 27.18
N GLU D 220 28.98 -14.40 27.86
CA GLU D 220 30.24 -14.92 28.39
C GLU D 220 30.83 -15.94 27.42
N ARG D 221 30.29 -16.01 26.21
CA ARG D 221 30.75 -16.97 25.18
C ARG D 221 31.09 -16.31 23.86
N GLY D 222 31.14 -14.98 23.84
CA GLY D 222 31.47 -14.30 22.60
C GLY D 222 30.31 -13.65 21.89
N TYR D 223 29.14 -13.65 22.51
CA TYR D 223 27.95 -13.03 21.93
C TYR D 223 27.72 -11.62 22.45
N ILE D 224 27.71 -10.66 21.54
CA ILE D 224 27.45 -9.28 21.91
C ILE D 224 25.99 -9.03 21.54
N SER D 225 25.67 -9.27 20.28
CA SER D 225 24.30 -9.10 19.78
C SER D 225 23.63 -10.48 19.79
N ILE D 226 22.49 -10.61 20.46
CA ILE D 226 21.80 -11.89 20.55
C ILE D 226 20.47 -11.97 19.81
N GLY D 227 20.34 -12.95 18.93
CA GLY D 227 19.10 -13.15 18.19
C GLY D 227 18.62 -14.57 18.39
N CYS D 228 17.98 -15.16 17.39
CA CYS D 228 17.54 -16.55 17.51
C CYS D 228 18.78 -17.44 17.36
N GLU D 229 18.74 -18.63 17.93
CA GLU D 229 19.87 -19.55 17.86
C GLU D 229 20.43 -19.78 16.44
N PRO D 230 19.58 -20.21 15.50
CA PRO D 230 20.10 -20.44 14.14
C PRO D 230 20.56 -19.24 13.31
N CYS D 231 20.20 -18.02 13.70
CA CYS D 231 20.63 -16.85 12.92
C CYS D 231 21.60 -15.95 13.65
N THR D 232 22.11 -16.41 14.79
CA THR D 232 23.04 -15.64 15.57
C THR D 232 24.31 -16.44 15.88
N ARG D 233 25.46 -15.76 15.81
CA ARG D 233 26.74 -16.39 16.11
C ARG D 233 27.62 -15.40 16.84
N PRO D 234 28.66 -15.88 17.53
CA PRO D 234 29.53 -14.95 18.25
C PRO D 234 30.46 -14.25 17.25
N VAL D 235 31.00 -13.11 17.66
CA VAL D 235 31.91 -12.36 16.81
C VAL D 235 33.32 -12.40 17.37
N LEU D 236 34.30 -12.08 16.54
CA LEU D 236 35.71 -12.08 16.95
C LEU D 236 36.07 -10.83 17.75
N PRO D 237 37.32 -10.77 18.27
CA PRO D 237 37.70 -9.58 19.05
C PRO D 237 37.65 -8.38 18.11
N ASN D 238 37.05 -7.29 18.57
CA ASN D 238 36.97 -6.07 17.77
C ASN D 238 36.04 -6.15 16.58
N GLN D 239 35.40 -7.29 16.36
CA GLN D 239 34.48 -7.40 15.23
C GLN D 239 33.17 -6.71 15.62
N HIS D 240 32.55 -5.98 14.69
CA HIS D 240 31.31 -5.30 15.04
C HIS D 240 30.20 -6.28 15.42
N GLU D 241 29.41 -5.91 16.43
CA GLU D 241 28.36 -6.79 16.91
C GLU D 241 27.31 -7.22 15.89
N ARG D 242 27.01 -6.37 14.91
CA ARG D 242 26.01 -6.69 13.92
C ARG D 242 26.38 -7.86 13.02
N GLU D 243 27.67 -8.10 12.84
CA GLU D 243 28.12 -9.19 11.99
C GLU D 243 27.84 -10.55 12.59
N GLY D 244 27.27 -10.55 13.79
CA GLY D 244 26.95 -11.82 14.43
C GLY D 244 25.50 -12.18 14.11
N ARG D 245 24.86 -11.36 13.28
CA ARG D 245 23.47 -11.57 12.89
C ARG D 245 23.30 -11.66 11.39
N TRP D 246 22.65 -12.72 10.92
CA TRP D 246 22.42 -12.92 9.49
C TRP D 246 23.69 -12.58 8.71
N TRP D 247 24.76 -13.28 9.06
CA TRP D 247 26.05 -13.08 8.44
C TRP D 247 26.12 -13.59 7.01
N TRP D 248 25.32 -14.60 6.70
CA TRP D 248 25.32 -15.17 5.35
C TRP D 248 24.66 -14.22 4.35
N GLU D 249 23.96 -13.21 4.86
CA GLU D 249 23.30 -12.22 4.00
C GLU D 249 24.21 -11.05 3.63
N PHE E 28 -76.94 13.08 -8.06
CA PHE E 28 -76.21 12.37 -6.97
C PHE E 28 -76.19 13.20 -5.68
N ASP E 29 -75.38 12.78 -4.71
CA ASP E 29 -75.30 13.48 -3.42
C ASP E 29 -73.97 14.21 -3.24
N LEU E 30 -73.91 15.49 -3.59
CA LEU E 30 -72.68 16.27 -3.45
C LEU E 30 -72.09 16.25 -2.05
N PRO E 31 -72.83 16.74 -1.05
CA PRO E 31 -72.29 16.72 0.31
C PRO E 31 -71.84 15.35 0.81
N ALA E 32 -72.63 14.32 0.56
CA ALA E 32 -72.28 12.99 1.02
C ALA E 32 -70.99 12.53 0.37
N LEU E 33 -70.94 12.64 -0.96
CA LEU E 33 -69.79 12.21 -1.75
C LEU E 33 -68.52 13.02 -1.48
N ALA E 34 -68.66 14.32 -1.25
CA ALA E 34 -67.50 15.15 -0.97
C ALA E 34 -66.83 14.70 0.33
N SER E 35 -67.64 14.25 1.28
CA SER E 35 -67.14 13.78 2.56
C SER E 35 -66.47 12.42 2.40
N SER E 36 -67.20 11.44 1.88
CA SER E 36 -66.63 10.11 1.74
C SER E 36 -65.34 10.11 0.92
N LEU E 37 -65.28 10.91 -0.13
CA LEU E 37 -64.10 10.97 -0.99
C LEU E 37 -62.89 11.73 -0.45
N ALA E 38 -63.11 12.52 0.60
CA ALA E 38 -62.05 13.33 1.20
C ALA E 38 -60.67 12.69 1.37
N ASP E 39 -60.62 11.55 2.05
CA ASP E 39 -59.35 10.88 2.32
C ASP E 39 -59.01 9.72 1.40
N LYS E 40 -59.79 9.50 0.36
CA LYS E 40 -59.55 8.39 -0.55
C LYS E 40 -58.47 8.69 -1.58
N SER E 41 -57.97 7.65 -2.23
CA SER E 41 -56.93 7.81 -3.24
C SER E 41 -57.42 8.58 -4.47
N PRO E 42 -56.49 9.16 -5.23
CA PRO E 42 -56.88 9.90 -6.43
C PRO E 42 -57.64 8.97 -7.36
N GLN E 43 -57.18 7.73 -7.46
CA GLN E 43 -57.82 6.71 -8.30
C GLN E 43 -59.25 6.48 -7.85
N ASP E 44 -59.45 6.32 -6.54
CA ASP E 44 -60.78 6.10 -6.01
C ASP E 44 -61.67 7.30 -6.25
N ILE E 45 -61.12 8.50 -6.14
CA ILE E 45 -61.91 9.69 -6.39
C ILE E 45 -62.32 9.66 -7.86
N LEU E 46 -61.40 9.31 -8.74
CA LEU E 46 -61.73 9.23 -10.16
C LEU E 46 -62.78 8.14 -10.45
N LYS E 47 -62.67 7.00 -9.79
CA LYS E 47 -63.65 5.92 -9.99
C LYS E 47 -65.04 6.42 -9.68
N ALA E 48 -65.16 7.16 -8.58
CA ALA E 48 -66.43 7.71 -8.16
C ALA E 48 -66.91 8.73 -9.19
N ALA E 49 -65.98 9.54 -9.67
CA ALA E 49 -66.31 10.56 -10.65
C ALA E 49 -66.89 9.96 -11.92
N PHE E 50 -66.20 8.97 -12.48
CA PHE E 50 -66.68 8.30 -13.69
C PHE E 50 -68.00 7.57 -13.46
N GLU E 51 -68.11 6.95 -12.29
CA GLU E 51 -69.30 6.22 -11.89
C GLU E 51 -70.57 7.08 -11.97
N HIS E 52 -70.47 8.36 -11.63
CA HIS E 52 -71.64 9.23 -11.66
C HIS E 52 -71.80 10.08 -12.90
N PHE E 53 -70.73 10.30 -13.65
CA PHE E 53 -70.82 11.12 -14.84
C PHE E 53 -70.31 10.44 -16.12
N GLY E 54 -69.67 9.29 -15.96
CA GLY E 54 -69.16 8.55 -17.10
C GLY E 54 -68.47 9.39 -18.17
N ASP E 55 -68.78 9.10 -19.43
CA ASP E 55 -68.20 9.80 -20.58
C ASP E 55 -68.64 11.26 -20.70
N GLU E 56 -68.93 11.89 -19.57
CA GLU E 56 -69.33 13.29 -19.57
C GLU E 56 -68.50 14.07 -18.56
N LEU E 57 -67.50 13.38 -18.00
CA LEU E 57 -66.59 13.95 -17.03
C LEU E 57 -65.36 14.42 -17.79
N TRP E 58 -65.17 15.73 -17.89
CA TRP E 58 -64.01 16.24 -18.60
C TRP E 58 -62.79 16.44 -17.74
N ILE E 59 -61.66 15.91 -18.23
CA ILE E 59 -60.40 16.03 -17.54
C ILE E 59 -59.61 17.18 -18.15
N SER E 60 -59.26 18.16 -17.31
CA SER E 60 -58.49 19.31 -17.74
C SER E 60 -56.99 19.02 -17.61
N PHE E 61 -56.27 19.13 -18.72
CA PHE E 61 -54.83 18.86 -18.77
C PHE E 61 -54.07 20.12 -19.23
N SER E 62 -53.16 20.61 -18.37
CA SER E 62 -52.41 21.82 -18.67
C SER E 62 -50.99 21.62 -19.23
N GLY E 63 -50.60 20.38 -19.49
CA GLY E 63 -49.28 20.12 -20.04
C GLY E 63 -48.16 19.99 -19.02
N ALA E 64 -48.50 19.98 -17.74
CA ALA E 64 -47.49 19.86 -16.70
C ALA E 64 -47.54 18.49 -16.01
N GLU E 65 -47.35 18.50 -14.69
CA GLU E 65 -47.34 17.29 -13.89
C GLU E 65 -48.72 16.63 -13.81
N ASP E 66 -49.75 17.37 -14.21
CA ASP E 66 -51.09 16.83 -14.15
C ASP E 66 -51.27 15.71 -15.17
N VAL E 67 -50.17 15.35 -15.84
CA VAL E 67 -50.22 14.26 -16.80
C VAL E 67 -50.53 13.00 -15.95
N VAL E 68 -50.29 13.11 -14.65
CA VAL E 68 -50.56 12.00 -13.74
C VAL E 68 -52.07 11.81 -13.69
N LEU E 69 -52.80 12.91 -13.68
CA LEU E 69 -54.25 12.83 -13.66
C LEU E 69 -54.74 12.17 -14.94
N VAL E 70 -54.13 12.53 -16.06
CA VAL E 70 -54.53 11.95 -17.33
C VAL E 70 -54.32 10.43 -17.29
N ASP E 71 -53.11 10.01 -16.93
CA ASP E 71 -52.75 8.59 -16.86
C ASP E 71 -53.73 7.77 -15.95
N MET E 72 -53.91 8.22 -14.72
CA MET E 72 -54.80 7.53 -13.80
C MET E 72 -56.20 7.37 -14.40
N ALA E 73 -56.72 8.45 -14.98
CA ALA E 73 -58.07 8.42 -15.54
C ALA E 73 -58.15 7.63 -16.82
N TRP E 74 -57.10 7.70 -17.63
CA TRP E 74 -57.10 6.99 -18.90
C TRP E 74 -57.11 5.49 -18.62
N LYS E 75 -56.52 5.10 -17.50
CA LYS E 75 -56.47 3.69 -17.11
C LYS E 75 -57.81 3.24 -16.54
N LEU E 76 -58.58 4.19 -16.02
CA LEU E 76 -59.90 3.89 -15.47
C LEU E 76 -60.92 3.95 -16.60
N ASN E 77 -60.58 4.67 -17.67
CA ASN E 77 -61.46 4.84 -18.82
C ASN E 77 -60.68 5.33 -20.04
N ARG E 78 -60.53 4.44 -21.03
CA ARG E 78 -59.80 4.73 -22.24
C ARG E 78 -60.41 5.88 -23.04
N ASN E 79 -61.73 6.01 -22.97
CA ASN E 79 -62.42 7.05 -23.71
C ASN E 79 -62.44 8.38 -22.96
N VAL E 80 -61.65 8.49 -21.89
CA VAL E 80 -61.60 9.72 -21.09
C VAL E 80 -61.53 11.01 -21.91
N LYS E 81 -62.49 11.91 -21.69
CA LYS E 81 -62.49 13.18 -22.38
C LYS E 81 -61.45 14.08 -21.72
N VAL E 82 -60.66 14.75 -22.54
CA VAL E 82 -59.62 15.63 -22.03
C VAL E 82 -59.49 16.91 -22.85
N PHE E 83 -59.24 18.03 -22.19
CA PHE E 83 -59.08 19.28 -22.91
C PHE E 83 -57.94 20.12 -22.33
N SER E 84 -57.25 20.83 -23.22
CA SER E 84 -56.13 21.70 -22.83
C SER E 84 -56.39 23.15 -23.28
N LEU E 85 -56.16 24.09 -22.36
CA LEU E 85 -56.35 25.50 -22.68
C LEU E 85 -55.11 26.05 -23.35
N ASP E 86 -55.20 26.31 -24.65
CA ASP E 86 -54.07 26.84 -25.39
C ASP E 86 -54.21 28.35 -25.47
N THR E 87 -53.48 29.03 -24.58
CA THR E 87 -53.48 30.49 -24.51
C THR E 87 -52.84 31.12 -25.73
N GLY E 88 -52.02 30.36 -26.45
CA GLY E 88 -51.36 30.89 -27.62
C GLY E 88 -49.98 31.42 -27.21
N ARG E 89 -49.65 31.26 -25.94
CA ARG E 89 -48.36 31.71 -25.42
C ARG E 89 -47.72 30.60 -24.58
N LEU E 90 -48.05 29.35 -24.88
CA LEU E 90 -47.50 28.22 -24.15
C LEU E 90 -46.10 27.90 -24.64
N HIS E 91 -45.28 27.28 -23.80
CA HIS E 91 -43.94 26.91 -24.17
C HIS E 91 -43.95 25.96 -25.36
N PRO E 92 -43.05 26.15 -26.33
CA PRO E 92 -43.03 25.23 -27.47
C PRO E 92 -42.89 23.83 -26.90
N GLU E 93 -42.23 23.73 -25.74
CA GLU E 93 -42.05 22.44 -25.08
C GLU E 93 -43.39 21.88 -24.62
N THR E 94 -44.29 22.75 -24.18
CA THR E 94 -45.60 22.29 -23.73
C THR E 94 -46.43 21.81 -24.92
N TYR E 95 -46.26 22.44 -26.08
CA TYR E 95 -47.00 22.03 -27.26
C TYR E 95 -46.56 20.64 -27.63
N ARG E 96 -45.26 20.40 -27.56
CA ARG E 96 -44.70 19.10 -27.90
C ARG E 96 -45.12 18.03 -26.92
N PHE E 97 -45.26 18.39 -25.64
CA PHE E 97 -45.66 17.42 -24.61
C PHE E 97 -47.13 17.04 -24.71
N ILE E 98 -47.98 18.03 -24.92
CA ILE E 98 -49.41 17.79 -25.04
C ILE E 98 -49.69 16.83 -26.19
N ASP E 99 -49.06 17.05 -27.33
CA ASP E 99 -49.28 16.19 -28.49
C ASP E 99 -48.75 14.80 -28.17
N GLN E 100 -47.63 14.75 -27.46
CA GLN E 100 -47.00 13.50 -27.08
C GLN E 100 -47.94 12.68 -26.18
N VAL E 101 -48.68 13.35 -25.30
CA VAL E 101 -49.62 12.66 -24.42
C VAL E 101 -50.77 12.17 -25.28
N ARG E 102 -51.19 13.01 -26.22
CA ARG E 102 -52.26 12.69 -27.14
C ARG E 102 -51.94 11.39 -27.88
N GLU E 103 -50.75 11.37 -28.47
CA GLU E 103 -50.32 10.23 -29.25
C GLU E 103 -49.89 9.03 -28.42
N HIS E 104 -49.58 9.25 -27.16
CA HIS E 104 -49.13 8.14 -26.31
C HIS E 104 -50.31 7.31 -25.82
N TYR E 105 -51.30 7.98 -25.26
CA TYR E 105 -52.47 7.29 -24.75
C TYR E 105 -53.52 7.18 -25.86
N GLY E 106 -53.23 7.79 -27.01
CA GLY E 106 -54.18 7.77 -28.09
C GLY E 106 -55.46 8.44 -27.64
N ILE E 107 -55.34 9.71 -27.27
CA ILE E 107 -56.46 10.52 -26.80
C ILE E 107 -56.62 11.74 -27.69
N ALA E 108 -57.82 11.97 -28.21
CA ALA E 108 -58.03 13.13 -29.06
C ALA E 108 -58.31 14.35 -28.20
N ILE E 109 -57.27 14.88 -27.58
CA ILE E 109 -57.40 16.06 -26.71
C ILE E 109 -58.02 17.27 -27.41
N ASP E 110 -59.00 17.88 -26.75
CA ASP E 110 -59.65 19.08 -27.29
C ASP E 110 -58.78 20.25 -26.85
N VAL E 111 -58.02 20.82 -27.79
CA VAL E 111 -57.15 21.95 -27.48
C VAL E 111 -57.88 23.26 -27.79
N LEU E 112 -58.35 23.93 -26.76
CA LEU E 112 -59.09 25.18 -26.90
C LEU E 112 -58.24 26.45 -27.11
N SER E 113 -58.79 27.42 -27.84
CA SER E 113 -58.06 28.68 -28.10
C SER E 113 -58.85 29.95 -27.74
N PRO E 114 -58.15 31.08 -27.57
CA PRO E 114 -58.79 32.36 -27.22
C PRO E 114 -59.71 32.89 -28.33
N ASP E 115 -60.60 33.80 -27.95
CA ASP E 115 -61.52 34.42 -28.90
C ASP E 115 -60.84 35.67 -29.43
N PRO E 116 -60.38 35.63 -30.69
CA PRO E 116 -59.71 36.82 -31.22
C PRO E 116 -60.51 38.10 -31.01
N ARG E 117 -61.83 38.00 -31.01
CA ARG E 117 -62.66 39.18 -30.81
C ARG E 117 -62.42 39.80 -29.44
N LEU E 118 -61.79 39.04 -28.55
CA LEU E 118 -61.49 39.50 -27.20
C LEU E 118 -60.00 39.74 -26.99
N LEU E 119 -59.17 38.83 -27.51
CA LEU E 119 -57.73 38.94 -27.35
C LEU E 119 -57.14 40.06 -28.20
N GLU E 120 -57.60 40.15 -29.44
CA GLU E 120 -57.09 41.15 -30.36
C GLU E 120 -57.10 42.58 -29.84
N PRO E 121 -58.24 43.06 -29.33
CA PRO E 121 -58.21 44.43 -28.83
C PRO E 121 -57.30 44.62 -27.62
N LEU E 122 -57.10 43.58 -26.84
CA LEU E 122 -56.22 43.67 -25.66
C LEU E 122 -54.78 43.85 -26.10
N VAL E 123 -54.34 43.02 -27.03
CA VAL E 123 -52.98 43.09 -27.51
C VAL E 123 -52.75 44.35 -28.34
N LYS E 124 -53.82 44.87 -28.92
CA LYS E 124 -53.76 46.07 -29.74
C LYS E 124 -53.37 47.24 -28.85
N GLU E 125 -54.19 47.46 -27.82
CA GLU E 125 -53.94 48.55 -26.89
C GLU E 125 -52.72 48.36 -26.02
N LYS E 126 -52.71 47.29 -25.23
CA LYS E 126 -51.59 47.04 -24.31
C LYS E 126 -50.39 46.27 -24.85
N GLY E 127 -50.49 45.74 -26.06
CA GLY E 127 -49.35 45.01 -26.58
C GLY E 127 -49.35 43.55 -26.18
N LEU E 128 -48.17 42.93 -26.19
CA LEU E 128 -48.01 41.51 -25.89
C LEU E 128 -47.54 41.08 -24.52
N PHE E 129 -47.16 42.03 -23.67
CA PHE E 129 -46.66 41.68 -22.35
C PHE E 129 -47.28 42.52 -21.24
N SER E 130 -48.52 42.95 -21.49
CA SER E 130 -49.24 43.76 -20.52
C SER E 130 -49.24 43.17 -19.14
N PHE E 131 -49.30 41.84 -19.05
CA PHE E 131 -49.32 41.18 -17.74
C PHE E 131 -48.14 41.57 -16.87
N TYR E 132 -47.05 42.00 -17.50
CA TYR E 132 -45.88 42.40 -16.72
C TYR E 132 -46.19 43.65 -15.91
N ARG E 133 -46.94 44.58 -16.50
CA ARG E 133 -47.28 45.82 -15.80
C ARG E 133 -48.68 45.85 -15.19
N ASP E 134 -49.59 45.01 -15.67
CA ASP E 134 -50.95 44.97 -15.13
C ASP E 134 -51.25 43.75 -14.24
N GLY E 135 -50.42 42.71 -14.30
CA GLY E 135 -50.68 41.52 -13.53
C GLY E 135 -51.35 40.55 -14.50
N HIS E 136 -51.24 39.25 -14.26
CA HIS E 136 -51.81 38.25 -15.16
C HIS E 136 -53.33 38.22 -15.26
N GLY E 137 -53.99 38.94 -14.36
CA GLY E 137 -55.45 38.98 -14.38
C GLY E 137 -56.12 39.13 -15.73
N GLU E 138 -55.95 40.28 -16.37
CA GLU E 138 -56.58 40.57 -17.65
C GLU E 138 -56.26 39.62 -18.80
N CYS E 139 -54.98 39.29 -18.98
CA CYS E 139 -54.59 38.40 -20.07
C CYS E 139 -55.14 36.98 -19.83
N CYS E 140 -54.94 36.44 -18.63
CA CYS E 140 -55.45 35.12 -18.29
C CYS E 140 -56.96 35.13 -18.46
N GLY E 141 -57.57 36.24 -18.08
CA GLY E 141 -59.01 36.35 -18.18
C GLY E 141 -59.48 36.10 -19.60
N ILE E 142 -58.67 36.52 -20.56
CA ILE E 142 -59.00 36.39 -21.97
C ILE E 142 -58.42 35.17 -22.67
N ARG E 143 -57.21 34.76 -22.30
CA ARG E 143 -56.59 33.61 -22.93
C ARG E 143 -56.90 32.26 -22.29
N LYS E 144 -57.29 32.24 -21.02
CA LYS E 144 -57.58 30.98 -20.35
C LYS E 144 -59.01 30.91 -19.85
N ILE E 145 -59.30 31.72 -18.84
CA ILE E 145 -60.60 31.75 -18.21
C ILE E 145 -61.79 31.77 -19.14
N GLU E 146 -61.88 32.79 -19.99
CA GLU E 146 -63.03 32.90 -20.89
C GLU E 146 -63.19 31.68 -21.78
N PRO E 147 -62.10 31.21 -22.41
CA PRO E 147 -62.33 30.03 -23.24
C PRO E 147 -62.68 28.80 -22.37
N LEU E 148 -62.26 28.83 -21.12
CA LEU E 148 -62.56 27.73 -20.21
C LEU E 148 -64.06 27.74 -19.92
N LYS E 149 -64.57 28.92 -19.58
CA LYS E 149 -65.97 29.09 -19.26
C LYS E 149 -66.86 28.55 -20.38
N ARG E 150 -66.56 28.94 -21.62
CA ARG E 150 -67.34 28.48 -22.76
C ARG E 150 -67.42 26.95 -22.76
N LYS E 151 -66.28 26.29 -22.61
CA LYS E 151 -66.24 24.83 -22.59
C LYS E 151 -67.10 24.29 -21.45
N LEU E 152 -66.70 24.61 -20.23
CA LEU E 152 -67.42 24.16 -19.04
C LEU E 152 -68.92 24.41 -19.13
N ALA E 153 -69.31 25.44 -19.87
CA ALA E 153 -70.72 25.77 -20.01
C ALA E 153 -71.56 24.54 -20.40
N GLY E 154 -71.02 23.70 -21.26
CA GLY E 154 -71.75 22.51 -21.67
C GLY E 154 -71.12 21.25 -21.13
N VAL E 155 -70.97 21.20 -19.81
CA VAL E 155 -70.38 20.05 -19.15
C VAL E 155 -71.05 19.85 -17.79
N ARG E 156 -71.08 18.62 -17.31
CA ARG E 156 -71.71 18.32 -16.03
C ARG E 156 -70.68 18.30 -14.90
N ALA E 157 -69.46 17.88 -15.22
CA ALA E 157 -68.39 17.80 -14.23
C ALA E 157 -67.03 17.70 -14.91
N TRP E 158 -65.99 18.23 -14.25
CA TRP E 158 -64.64 18.18 -14.80
C TRP E 158 -63.65 17.93 -13.67
N ALA E 159 -62.37 17.74 -14.01
CA ALA E 159 -61.35 17.47 -13.00
C ALA E 159 -60.04 18.17 -13.31
N THR E 160 -59.26 18.48 -12.26
CA THR E 160 -57.98 19.15 -12.47
C THR E 160 -56.94 18.50 -11.60
N GLY E 161 -55.66 18.74 -11.94
CA GLY E 161 -54.57 18.16 -11.18
C GLY E 161 -54.08 19.05 -10.05
N GLN E 162 -54.94 19.96 -9.62
CA GLN E 162 -54.63 20.89 -8.55
C GLN E 162 -54.34 20.12 -7.26
N ARG E 163 -53.28 20.52 -6.54
CA ARG E 163 -52.91 19.85 -5.31
C ARG E 163 -52.63 20.88 -4.21
N ARG E 164 -52.99 20.56 -2.97
CA ARG E 164 -52.75 21.46 -1.86
C ARG E 164 -51.27 21.86 -1.85
N ASP E 165 -50.45 20.94 -2.33
CA ASP E 165 -49.01 21.08 -2.43
C ASP E 165 -48.56 22.32 -3.20
N GLN E 166 -49.25 22.57 -4.31
CA GLN E 166 -48.94 23.66 -5.23
C GLN E 166 -48.92 25.10 -4.72
N SER E 167 -49.44 25.31 -3.52
CA SER E 167 -49.42 26.65 -2.95
C SER E 167 -48.81 26.50 -1.57
N PRO E 168 -48.17 27.56 -1.04
CA PRO E 168 -47.59 27.41 0.29
C PRO E 168 -48.66 27.24 1.38
N GLY E 169 -49.65 26.39 1.11
CA GLY E 169 -50.72 26.14 2.06
C GLY E 169 -51.34 27.39 2.64
N THR E 170 -52.00 28.18 1.79
CA THR E 170 -52.62 29.43 2.19
C THR E 170 -54.05 29.25 2.72
N ARG E 171 -54.79 30.37 2.81
CA ARG E 171 -56.16 30.42 3.33
C ARG E 171 -57.18 29.42 2.78
N SER E 172 -57.11 29.09 1.49
CA SER E 172 -58.06 28.15 0.91
C SER E 172 -57.37 26.89 0.38
N GLN E 173 -57.89 25.73 0.77
CA GLN E 173 -57.33 24.46 0.33
C GLN E 173 -58.20 23.83 -0.74
N VAL E 174 -57.71 22.75 -1.35
CA VAL E 174 -58.42 22.08 -2.43
C VAL E 174 -59.32 20.93 -2.01
N ALA E 175 -60.59 21.05 -2.36
CA ALA E 175 -61.58 20.02 -2.06
C ALA E 175 -61.43 18.92 -3.13
N VAL E 176 -61.58 17.66 -2.72
CA VAL E 176 -61.48 16.58 -3.69
C VAL E 176 -62.70 16.64 -4.62
N LEU E 177 -63.85 17.04 -4.07
CA LEU E 177 -65.08 17.17 -4.83
C LEU E 177 -65.70 18.47 -4.37
N GLU E 178 -66.19 19.29 -5.29
CA GLU E 178 -66.78 20.56 -4.91
C GLU E 178 -67.67 21.12 -6.00
N ILE E 179 -68.55 22.03 -5.61
CA ILE E 179 -69.42 22.68 -6.57
C ILE E 179 -68.55 23.80 -7.12
N ASP E 180 -68.45 23.89 -8.43
CA ASP E 180 -67.63 24.93 -9.04
C ASP E 180 -68.41 26.25 -9.05
N GLY E 181 -68.13 27.09 -8.08
CA GLY E 181 -68.83 28.36 -8.00
C GLY E 181 -68.43 29.32 -9.09
N ALA E 182 -67.20 29.19 -9.58
CA ALA E 182 -66.72 30.08 -10.62
C ALA E 182 -67.52 29.97 -11.91
N PHE E 183 -67.84 28.75 -12.32
CA PHE E 183 -68.55 28.54 -13.59
C PHE E 183 -69.91 27.86 -13.55
N SER E 184 -70.70 28.07 -12.50
CA SER E 184 -72.01 27.41 -12.48
C SER E 184 -73.07 28.20 -11.72
N THR E 185 -74.15 28.52 -12.42
CA THR E 185 -75.25 29.27 -11.82
C THR E 185 -75.87 28.48 -10.68
N PRO E 186 -76.30 29.16 -9.61
CA PRO E 186 -76.91 28.48 -8.48
C PRO E 186 -77.89 27.39 -8.93
N GLU E 187 -78.80 27.75 -9.84
CA GLU E 187 -79.78 26.82 -10.35
C GLU E 187 -79.18 25.65 -11.14
N LYS E 188 -78.21 25.94 -12.00
CA LYS E 188 -77.56 24.91 -12.80
C LYS E 188 -76.08 24.74 -12.40
N PRO E 189 -75.82 23.84 -11.42
CA PRO E 189 -74.47 23.56 -10.92
C PRO E 189 -73.54 22.72 -11.79
N LEU E 190 -72.26 22.92 -11.57
CA LEU E 190 -71.18 22.23 -12.26
C LEU E 190 -70.36 21.59 -11.15
N TYR E 191 -69.90 20.36 -11.35
CA TYR E 191 -69.12 19.70 -10.31
C TYR E 191 -67.66 19.56 -10.69
N LYS E 192 -66.80 19.84 -9.72
CA LYS E 192 -65.38 19.82 -9.96
C LYS E 192 -64.65 18.85 -9.04
N PHE E 193 -63.84 17.98 -9.65
CA PHE E 193 -63.06 17.00 -8.91
C PHE E 193 -61.57 17.30 -8.99
N ASN E 194 -60.90 17.23 -7.84
CA ASN E 194 -59.45 17.45 -7.80
C ASN E 194 -58.83 16.19 -7.18
N PRO E 195 -58.80 15.09 -7.93
CA PRO E 195 -58.24 13.83 -7.45
C PRO E 195 -56.89 13.91 -6.75
N LEU E 196 -55.96 14.66 -7.35
CA LEU E 196 -54.62 14.80 -6.79
C LEU E 196 -54.55 15.77 -5.62
N SER E 197 -55.70 16.26 -5.18
CA SER E 197 -55.75 17.21 -4.09
C SER E 197 -54.74 16.91 -3.00
N SER E 198 -54.79 15.69 -2.49
CA SER E 198 -53.91 15.26 -1.42
C SER E 198 -52.55 14.71 -1.84
N MET E 199 -52.38 14.39 -3.13
CA MET E 199 -51.11 13.84 -3.61
C MET E 199 -50.01 14.91 -3.62
N THR E 200 -48.84 14.59 -3.06
CA THR E 200 -47.73 15.56 -3.00
C THR E 200 -46.79 15.47 -4.20
N SER E 201 -46.14 16.59 -4.49
CA SER E 201 -45.19 16.73 -5.60
C SER E 201 -44.25 15.54 -5.68
N GLU E 202 -43.69 15.16 -4.54
CA GLU E 202 -42.79 14.03 -4.50
C GLU E 202 -43.51 12.79 -5.01
N GLU E 203 -44.72 12.57 -4.51
CA GLU E 203 -45.52 11.42 -4.92
C GLU E 203 -45.86 11.49 -6.40
N VAL E 204 -46.18 12.69 -6.87
CA VAL E 204 -46.49 12.89 -8.27
C VAL E 204 -45.29 12.45 -9.11
N TRP E 205 -44.11 12.93 -8.75
CA TRP E 205 -42.94 12.56 -9.52
C TRP E 205 -42.50 11.12 -9.36
N GLY E 206 -42.76 10.55 -8.18
CA GLY E 206 -42.43 9.15 -7.98
C GLY E 206 -43.28 8.43 -9.00
N TYR E 207 -44.57 8.71 -8.98
CA TYR E 207 -45.51 8.09 -9.91
C TYR E 207 -45.01 8.25 -11.34
N ILE E 208 -44.68 9.47 -11.73
CA ILE E 208 -44.20 9.74 -13.08
C ILE E 208 -43.03 8.84 -13.43
N ARG E 209 -41.99 8.92 -12.59
CA ARG E 209 -40.77 8.15 -12.80
C ARG E 209 -40.94 6.64 -12.69
N MET E 210 -41.79 6.20 -11.76
CA MET E 210 -42.03 4.77 -11.58
C MET E 210 -42.71 4.14 -12.78
N LEU E 211 -43.81 4.71 -13.24
CA LEU E 211 -44.53 4.14 -14.38
C LEU E 211 -43.95 4.66 -15.69
N GLU E 212 -42.79 5.29 -15.59
CA GLU E 212 -42.11 5.84 -16.75
C GLU E 212 -43.03 6.66 -17.65
N LEU E 213 -43.94 7.41 -17.03
CA LEU E 213 -44.85 8.27 -17.79
C LEU E 213 -44.06 9.29 -18.60
N PRO E 214 -44.71 9.95 -19.57
CA PRO E 214 -43.98 10.95 -20.36
C PRO E 214 -44.22 12.29 -19.66
N TYR E 215 -43.20 13.14 -19.61
CA TYR E 215 -43.36 14.45 -18.97
C TYR E 215 -42.81 15.58 -19.82
N ASN E 216 -43.19 16.80 -19.46
CA ASN E 216 -42.75 18.00 -20.16
C ASN E 216 -41.22 18.15 -20.08
N SER E 217 -40.61 18.64 -21.17
CA SER E 217 -39.16 18.84 -21.21
C SER E 217 -38.69 19.86 -20.18
N LEU E 218 -39.45 20.93 -20.05
CA LEU E 218 -39.08 21.99 -19.12
C LEU E 218 -38.68 21.45 -17.75
N HIS E 219 -39.28 20.32 -17.38
CA HIS E 219 -39.01 19.69 -16.08
C HIS E 219 -37.57 19.21 -15.93
N GLU E 220 -36.86 19.10 -17.04
CA GLU E 220 -35.47 18.69 -17.00
C GLU E 220 -34.59 19.95 -17.10
N ARG E 221 -35.18 21.13 -16.88
CA ARG E 221 -34.42 22.36 -16.98
C ARG E 221 -34.72 23.32 -15.86
N GLY E 222 -35.16 22.79 -14.72
CA GLY E 222 -35.45 23.64 -13.58
C GLY E 222 -36.90 23.98 -13.31
N TYR E 223 -37.78 23.76 -14.29
CA TYR E 223 -39.19 24.07 -14.09
C TYR E 223 -39.89 23.03 -13.23
N ILE E 224 -40.81 23.49 -12.38
CA ILE E 224 -41.60 22.58 -11.56
C ILE E 224 -43.02 22.88 -11.96
N SER E 225 -43.49 24.07 -11.60
CA SER E 225 -44.82 24.52 -11.98
C SER E 225 -44.64 25.00 -13.43
N ILE E 226 -45.65 24.79 -14.27
CA ILE E 226 -45.53 25.19 -15.68
C ILE E 226 -46.72 25.92 -16.27
N GLY E 227 -46.58 27.22 -16.46
CA GLY E 227 -47.65 28.01 -17.07
C GLY E 227 -47.20 28.42 -18.46
N CYS E 228 -47.63 29.60 -18.92
CA CYS E 228 -47.23 30.09 -20.24
C CYS E 228 -45.76 30.48 -20.25
N GLU E 229 -45.14 30.45 -21.42
CA GLU E 229 -43.74 30.80 -21.56
C GLU E 229 -43.29 32.14 -20.94
N PRO E 230 -44.05 33.23 -21.15
CA PRO E 230 -43.68 34.53 -20.58
C PRO E 230 -43.92 34.79 -19.08
N CYS E 231 -44.81 34.01 -18.47
CA CYS E 231 -45.14 34.20 -17.05
C CYS E 231 -44.65 33.05 -16.18
N THR E 232 -43.66 32.32 -16.69
CA THR E 232 -43.12 31.19 -15.98
C THR E 232 -41.61 31.20 -16.07
N ARG E 233 -40.94 30.79 -14.99
CA ARG E 233 -39.49 30.71 -14.95
C ARG E 233 -39.11 29.55 -14.06
N PRO E 234 -37.93 28.96 -14.28
CA PRO E 234 -37.52 27.84 -13.43
C PRO E 234 -37.20 28.36 -12.03
N VAL E 235 -37.26 27.49 -11.03
CA VAL E 235 -36.94 27.90 -9.67
C VAL E 235 -35.59 27.33 -9.25
N LEU E 236 -34.98 27.95 -8.24
CA LEU E 236 -33.69 27.51 -7.74
C LEU E 236 -33.86 26.34 -6.76
N PRO E 237 -32.77 25.64 -6.45
CA PRO E 237 -32.83 24.51 -5.52
C PRO E 237 -33.51 24.91 -4.22
N ASN E 238 -34.55 24.18 -3.84
CA ASN E 238 -35.30 24.40 -2.60
C ASN E 238 -36.27 25.57 -2.60
N GLN E 239 -36.30 26.33 -3.68
CA GLN E 239 -37.23 27.46 -3.78
C GLN E 239 -38.63 26.91 -4.09
N HIS E 240 -39.66 27.35 -3.36
CA HIS E 240 -40.99 26.85 -3.62
C HIS E 240 -41.39 27.02 -5.08
N GLU E 241 -42.13 26.05 -5.60
CA GLU E 241 -42.53 26.07 -7.00
C GLU E 241 -43.46 27.21 -7.45
N ARG E 242 -44.27 27.73 -6.54
CA ARG E 242 -45.19 28.80 -6.90
C ARG E 242 -44.43 30.08 -7.23
N GLU E 243 -43.21 30.18 -6.71
CA GLU E 243 -42.36 31.34 -6.93
C GLU E 243 -41.83 31.40 -8.36
N GLY E 244 -42.29 30.47 -9.20
CA GLY E 244 -41.86 30.45 -10.58
C GLY E 244 -42.96 30.92 -11.51
N ARG E 245 -44.03 31.44 -10.94
CA ARG E 245 -45.17 31.92 -11.73
C ARG E 245 -45.56 33.34 -11.32
N TRP E 246 -45.61 34.25 -12.30
CA TRP E 246 -45.99 35.63 -12.04
C TRP E 246 -45.19 36.18 -10.86
N TRP E 247 -43.89 35.88 -10.89
CA TRP E 247 -42.95 36.30 -9.85
C TRP E 247 -42.88 37.80 -9.59
N TRP E 248 -43.31 38.59 -10.57
CA TRP E 248 -43.26 40.05 -10.44
C TRP E 248 -44.47 40.65 -9.71
N GLU E 249 -45.40 39.81 -9.28
CA GLU E 249 -46.58 40.31 -8.58
C GLU E 249 -46.47 40.27 -7.05
N PRO F 27 -0.27 25.69 17.76
CA PRO F 27 -0.12 24.89 19.00
C PRO F 27 -0.81 23.53 18.87
N PHE F 28 -0.31 22.55 19.62
CA PHE F 28 -0.85 21.19 19.59
C PHE F 28 -2.30 21.09 20.05
N ASP F 29 -3.01 20.10 19.51
CA ASP F 29 -4.41 19.86 19.85
C ASP F 29 -4.70 18.37 19.72
N LEU F 30 -5.85 17.96 20.24
CA LEU F 30 -6.27 16.56 20.18
C LEU F 30 -7.52 16.42 19.33
N PRO F 31 -7.67 15.29 18.61
CA PRO F 31 -8.83 15.03 17.74
C PRO F 31 -10.17 14.99 18.49
N ALA F 32 -10.17 15.43 19.74
CA ALA F 32 -11.39 15.48 20.53
C ALA F 32 -12.05 16.80 20.16
N LEU F 33 -11.31 17.61 19.41
CA LEU F 33 -11.77 18.90 18.93
C LEU F 33 -12.89 18.64 17.93
N ALA F 34 -12.65 17.64 17.07
CA ALA F 34 -13.62 17.24 16.06
C ALA F 34 -14.91 16.76 16.70
N SER F 35 -14.84 16.45 18.00
CA SER F 35 -16.01 15.99 18.76
C SER F 35 -16.65 17.22 19.37
N SER F 36 -15.83 18.24 19.60
CA SER F 36 -16.26 19.51 20.17
C SER F 36 -17.04 20.35 19.16
N LEU F 37 -16.57 20.36 17.92
CA LEU F 37 -17.18 21.15 16.87
C LEU F 37 -18.35 20.45 16.16
N ALA F 38 -18.55 19.18 16.47
CA ALA F 38 -19.61 18.39 15.87
C ALA F 38 -20.91 19.14 15.58
N ASP F 39 -21.49 19.76 16.60
CA ASP F 39 -22.76 20.47 16.45
C ASP F 39 -22.67 21.97 16.30
N LYS F 40 -21.45 22.51 16.36
CA LYS F 40 -21.27 23.95 16.23
C LYS F 40 -21.57 24.40 14.81
N SER F 41 -21.96 25.67 14.65
CA SER F 41 -22.28 26.21 13.34
C SER F 41 -21.08 26.12 12.42
N PRO F 42 -21.30 26.27 11.10
CA PRO F 42 -20.19 26.19 10.15
C PRO F 42 -19.20 27.31 10.40
N GLN F 43 -19.72 28.51 10.67
CA GLN F 43 -18.86 29.66 10.92
C GLN F 43 -17.94 29.43 12.10
N ASP F 44 -18.47 28.88 13.19
CA ASP F 44 -17.62 28.61 14.34
C ASP F 44 -16.57 27.60 13.95
N ILE F 45 -16.98 26.56 13.22
CA ILE F 45 -16.03 25.54 12.80
C ILE F 45 -14.93 26.19 11.96
N LEU F 46 -15.25 27.26 11.26
CA LEU F 46 -14.24 27.95 10.46
C LEU F 46 -13.33 28.74 11.38
N LYS F 47 -13.93 29.45 12.33
CA LYS F 47 -13.15 30.23 13.29
C LYS F 47 -12.16 29.27 13.93
N ALA F 48 -12.69 28.14 14.40
CA ALA F 48 -11.88 27.11 15.04
C ALA F 48 -10.70 26.78 14.14
N ALA F 49 -10.99 26.49 12.87
CA ALA F 49 -9.95 26.15 11.91
C ALA F 49 -8.97 27.30 11.70
N PHE F 50 -9.49 28.51 11.55
CA PHE F 50 -8.63 29.68 11.34
C PHE F 50 -7.71 29.96 12.53
N GLU F 51 -8.16 29.61 13.74
CA GLU F 51 -7.36 29.83 14.94
C GLU F 51 -6.12 28.95 14.90
N HIS F 52 -6.34 27.64 14.77
CA HIS F 52 -5.26 26.66 14.74
C HIS F 52 -4.33 26.70 13.53
N PHE F 53 -4.87 26.98 12.35
CA PHE F 53 -4.06 26.98 11.14
C PHE F 53 -3.93 28.31 10.43
N GLY F 54 -4.49 29.37 11.03
CA GLY F 54 -4.42 30.71 10.46
C GLY F 54 -4.53 30.84 8.96
N ASP F 55 -3.81 31.80 8.40
CA ASP F 55 -3.85 32.04 6.95
C ASP F 55 -3.40 30.83 6.13
N GLU F 56 -2.96 29.77 6.82
CA GLU F 56 -2.52 28.57 6.12
C GLU F 56 -3.68 27.69 5.65
N LEU F 57 -4.84 27.85 6.28
CA LEU F 57 -6.02 27.07 5.93
C LEU F 57 -6.49 27.37 4.50
N TRP F 58 -6.56 26.32 3.68
CA TRP F 58 -7.00 26.47 2.31
C TRP F 58 -8.45 26.05 2.12
N ILE F 59 -9.18 26.84 1.36
CA ILE F 59 -10.58 26.58 1.08
C ILE F 59 -10.74 25.97 -0.31
N SER F 60 -11.39 24.82 -0.38
CA SER F 60 -11.62 24.15 -1.64
C SER F 60 -12.90 24.71 -2.23
N PHE F 61 -12.83 25.32 -3.42
CA PHE F 61 -14.01 25.90 -4.05
C PHE F 61 -14.30 25.29 -5.43
N SER F 62 -15.37 24.50 -5.52
CA SER F 62 -15.75 23.82 -6.77
C SER F 62 -16.64 24.61 -7.72
N GLY F 63 -16.95 25.85 -7.38
CA GLY F 63 -17.80 26.65 -8.24
C GLY F 63 -19.27 26.27 -8.19
N ALA F 64 -19.72 25.69 -7.08
CA ALA F 64 -21.12 25.29 -6.91
C ALA F 64 -21.73 25.95 -5.68
N GLU F 65 -22.69 25.27 -5.04
CA GLU F 65 -23.34 25.85 -3.87
C GLU F 65 -22.34 26.05 -2.73
N ASP F 66 -21.16 25.47 -2.87
CA ASP F 66 -20.14 25.60 -1.85
C ASP F 66 -19.60 27.04 -1.85
N VAL F 67 -20.28 27.93 -2.55
CA VAL F 67 -19.87 29.33 -2.57
C VAL F 67 -20.17 29.86 -1.17
N VAL F 68 -20.95 29.09 -0.42
CA VAL F 68 -21.32 29.46 0.94
C VAL F 68 -20.10 29.36 1.86
N LEU F 69 -19.29 28.34 1.67
CA LEU F 69 -18.09 28.17 2.49
C LEU F 69 -17.20 29.38 2.23
N VAL F 70 -17.04 29.71 0.94
CA VAL F 70 -16.23 30.85 0.55
C VAL F 70 -16.70 32.12 1.23
N ASP F 71 -18.02 32.33 1.27
CA ASP F 71 -18.57 33.54 1.89
C ASP F 71 -18.25 33.58 3.39
N MET F 72 -18.56 32.51 4.10
CA MET F 72 -18.31 32.45 5.53
C MET F 72 -16.83 32.67 5.84
N ALA F 73 -15.98 31.85 5.23
CA ALA F 73 -14.54 31.95 5.43
C ALA F 73 -14.03 33.36 5.12
N TRP F 74 -14.42 33.91 3.98
CA TRP F 74 -13.97 35.24 3.61
C TRP F 74 -14.49 36.29 4.58
N LYS F 75 -15.68 36.07 5.10
CA LYS F 75 -16.25 37.03 6.04
C LYS F 75 -15.39 37.01 7.30
N LEU F 76 -14.96 35.84 7.73
CA LEU F 76 -14.14 35.73 8.92
C LEU F 76 -12.72 36.22 8.67
N ASN F 77 -12.16 35.83 7.53
CA ASN F 77 -10.79 36.19 7.15
C ASN F 77 -10.71 36.77 5.72
N ARG F 78 -10.57 38.08 5.60
CA ARG F 78 -10.49 38.69 4.26
C ARG F 78 -9.25 38.28 3.48
N ASN F 79 -8.38 37.50 4.10
CA ASN F 79 -7.16 37.06 3.42
C ASN F 79 -7.17 35.57 3.12
N VAL F 80 -8.31 34.93 3.39
CA VAL F 80 -8.51 33.50 3.17
C VAL F 80 -7.97 33.03 1.83
N LYS F 81 -7.25 31.92 1.85
CA LYS F 81 -6.70 31.34 0.64
C LYS F 81 -7.66 30.28 0.12
N VAL F 82 -7.95 30.32 -1.18
CA VAL F 82 -8.87 29.35 -1.77
C VAL F 82 -8.47 28.91 -3.18
N PHE F 83 -8.58 27.62 -3.45
CA PHE F 83 -8.22 27.07 -4.76
C PHE F 83 -9.40 26.33 -5.40
N SER F 84 -9.35 26.20 -6.72
CA SER F 84 -10.37 25.50 -7.48
C SER F 84 -9.69 24.56 -8.46
N LEU F 85 -10.12 23.30 -8.47
CA LEU F 85 -9.54 22.32 -9.37
C LEU F 85 -10.20 22.42 -10.74
N ASP F 86 -9.48 23.02 -11.70
CA ASP F 86 -9.98 23.19 -13.06
C ASP F 86 -9.60 21.96 -13.90
N THR F 87 -10.50 21.00 -13.98
CA THR F 87 -10.28 19.76 -14.72
C THR F 87 -10.04 19.95 -16.21
N GLY F 88 -10.38 21.11 -16.75
CA GLY F 88 -10.21 21.34 -18.17
C GLY F 88 -11.50 20.99 -18.89
N ARG F 89 -12.49 20.51 -18.13
CA ARG F 89 -13.79 20.14 -18.68
C ARG F 89 -14.94 20.66 -17.83
N LEU F 90 -14.85 21.91 -17.37
CA LEU F 90 -15.92 22.48 -16.56
C LEU F 90 -16.91 23.22 -17.46
N HIS F 91 -18.12 23.46 -16.95
CA HIS F 91 -19.10 24.19 -17.74
C HIS F 91 -18.63 25.63 -17.93
N PRO F 92 -18.90 26.20 -19.09
CA PRO F 92 -18.46 27.59 -19.24
C PRO F 92 -19.11 28.36 -18.09
N GLU F 93 -20.30 27.91 -17.68
CA GLU F 93 -21.04 28.55 -16.59
C GLU F 93 -20.18 28.58 -15.33
N THR F 94 -19.50 27.48 -15.06
CA THR F 94 -18.66 27.40 -13.89
C THR F 94 -17.44 28.33 -13.99
N TYR F 95 -16.88 28.49 -15.19
CA TYR F 95 -15.73 29.38 -15.35
C TYR F 95 -16.17 30.79 -15.02
N ARG F 96 -17.25 31.23 -15.64
CA ARG F 96 -17.76 32.57 -15.39
C ARG F 96 -18.07 32.78 -13.90
N PHE F 97 -18.48 31.72 -13.20
CA PHE F 97 -18.81 31.85 -11.79
C PHE F 97 -17.59 31.95 -10.88
N ILE F 98 -16.62 31.06 -11.07
CA ILE F 98 -15.41 31.07 -10.25
C ILE F 98 -14.79 32.46 -10.34
N ASP F 99 -14.74 33.00 -11.55
CA ASP F 99 -14.18 34.33 -11.77
C ASP F 99 -15.04 35.36 -11.05
N GLN F 100 -16.35 35.17 -11.08
CA GLN F 100 -17.26 36.09 -10.42
C GLN F 100 -16.94 36.19 -8.93
N VAL F 101 -16.91 35.04 -8.26
CA VAL F 101 -16.61 35.02 -6.83
C VAL F 101 -15.29 35.75 -6.61
N ARG F 102 -14.34 35.52 -7.52
CA ARG F 102 -13.03 36.15 -7.47
C ARG F 102 -13.15 37.68 -7.46
N GLU F 103 -13.78 38.23 -8.49
CA GLU F 103 -13.95 39.67 -8.60
C GLU F 103 -15.05 40.20 -7.66
N HIS F 104 -15.64 39.32 -6.87
CA HIS F 104 -16.68 39.76 -5.96
C HIS F 104 -16.13 39.93 -4.56
N TYR F 105 -15.44 38.91 -4.08
CA TYR F 105 -14.85 38.97 -2.74
C TYR F 105 -13.43 39.51 -2.81
N GLY F 106 -12.95 39.77 -4.02
CA GLY F 106 -11.60 40.27 -4.18
C GLY F 106 -10.64 39.22 -3.66
N ILE F 107 -10.70 38.03 -4.26
CA ILE F 107 -9.85 36.91 -3.89
C ILE F 107 -9.10 36.38 -5.12
N ALA F 108 -7.82 36.12 -4.96
CA ALA F 108 -7.02 35.59 -6.06
C ALA F 108 -7.09 34.07 -5.94
N ILE F 109 -8.18 33.50 -6.44
CA ILE F 109 -8.38 32.05 -6.39
C ILE F 109 -7.28 31.28 -7.11
N ASP F 110 -6.86 30.17 -6.50
CA ASP F 110 -5.84 29.32 -7.09
C ASP F 110 -6.52 28.32 -8.02
N VAL F 111 -6.43 28.59 -9.32
CA VAL F 111 -7.03 27.73 -10.33
C VAL F 111 -6.00 26.70 -10.80
N LEU F 112 -6.16 25.45 -10.36
CA LEU F 112 -5.22 24.40 -10.72
C LEU F 112 -5.64 23.56 -11.93
N SER F 113 -4.67 23.27 -12.79
CA SER F 113 -4.92 22.48 -14.00
C SER F 113 -4.17 21.14 -13.98
N PRO F 114 -4.58 20.20 -14.85
CA PRO F 114 -4.00 18.87 -14.98
C PRO F 114 -2.61 18.84 -15.65
N ASP F 115 -1.86 17.78 -15.36
CA ASP F 115 -0.52 17.60 -15.89
C ASP F 115 -0.60 16.91 -17.24
N PRO F 116 -0.25 17.64 -18.31
CA PRO F 116 -0.27 17.12 -19.67
C PRO F 116 0.37 15.74 -19.79
N ARG F 117 1.56 15.59 -19.23
CA ARG F 117 2.29 14.32 -19.27
C ARG F 117 1.46 13.17 -18.70
N LEU F 118 0.39 13.50 -17.98
CA LEU F 118 -0.51 12.51 -17.38
C LEU F 118 -1.81 12.40 -18.18
N LEU F 119 -2.34 13.56 -18.52
CA LEU F 119 -3.58 13.68 -19.26
C LEU F 119 -3.42 13.24 -20.72
N GLU F 120 -2.56 13.95 -21.44
CA GLU F 120 -2.32 13.68 -22.85
C GLU F 120 -2.28 12.22 -23.29
N PRO F 121 -1.62 11.34 -22.51
CA PRO F 121 -1.60 9.95 -22.94
C PRO F 121 -2.96 9.27 -22.75
N LEU F 122 -3.67 9.61 -21.68
CA LEU F 122 -4.99 9.00 -21.43
C LEU F 122 -5.93 9.29 -22.57
N VAL F 123 -6.06 10.57 -22.91
CA VAL F 123 -6.94 10.98 -23.98
C VAL F 123 -6.47 10.38 -25.29
N LYS F 124 -5.16 10.32 -25.49
CA LYS F 124 -4.60 9.79 -26.73
C LYS F 124 -5.16 8.42 -27.11
N GLU F 125 -5.26 7.53 -26.14
CA GLU F 125 -5.76 6.20 -26.44
C GLU F 125 -7.20 5.94 -26.01
N LYS F 126 -7.85 6.91 -25.37
CA LYS F 126 -9.22 6.68 -24.93
C LYS F 126 -10.25 7.73 -25.29
N GLY F 127 -9.81 8.82 -25.93
CA GLY F 127 -10.75 9.86 -26.30
C GLY F 127 -11.03 10.84 -25.17
N LEU F 128 -12.04 11.68 -25.35
CA LEU F 128 -12.39 12.68 -24.35
C LEU F 128 -13.60 12.33 -23.50
N PHE F 129 -14.08 11.10 -23.60
CA PHE F 129 -15.25 10.68 -22.84
C PHE F 129 -15.14 9.23 -22.36
N SER F 130 -13.92 8.76 -22.15
CA SER F 130 -13.69 7.39 -21.71
C SER F 130 -14.47 7.04 -20.43
N PHE F 131 -14.62 8.00 -19.54
CA PHE F 131 -15.34 7.79 -18.29
C PHE F 131 -16.75 7.22 -18.50
N TYR F 132 -17.26 7.28 -19.72
CA TYR F 132 -18.59 6.76 -20.02
C TYR F 132 -18.61 5.25 -19.99
N ARG F 133 -17.50 4.63 -20.40
CA ARG F 133 -17.43 3.17 -20.41
C ARG F 133 -16.46 2.63 -19.35
N ASP F 134 -15.47 3.42 -18.95
CA ASP F 134 -14.51 2.99 -17.95
C ASP F 134 -14.89 3.44 -16.55
N GLY F 135 -15.78 4.42 -16.45
CA GLY F 135 -16.17 4.94 -15.17
C GLY F 135 -15.43 6.25 -14.99
N HIS F 136 -15.83 7.07 -14.02
CA HIS F 136 -15.16 8.36 -13.84
C HIS F 136 -13.82 8.30 -13.13
N GLY F 137 -13.65 7.26 -12.31
CA GLY F 137 -12.42 7.08 -11.55
C GLY F 137 -11.12 7.50 -12.20
N GLU F 138 -10.82 6.93 -13.36
CA GLU F 138 -9.58 7.23 -14.07
C GLU F 138 -9.43 8.71 -14.46
N CYS F 139 -10.35 9.20 -15.30
CA CYS F 139 -10.27 10.59 -15.73
C CYS F 139 -10.23 11.53 -14.51
N CYS F 140 -11.07 11.28 -13.52
CA CYS F 140 -11.09 12.10 -12.31
C CYS F 140 -9.68 12.09 -11.71
N GLY F 141 -9.14 10.90 -11.54
CA GLY F 141 -7.81 10.76 -10.97
C GLY F 141 -6.76 11.64 -11.59
N ILE F 142 -6.79 11.79 -12.91
CA ILE F 142 -5.79 12.60 -13.61
C ILE F 142 -6.11 14.11 -13.66
N ARG F 143 -7.34 14.44 -13.99
CA ARG F 143 -7.77 15.84 -14.11
C ARG F 143 -8.15 16.48 -12.77
N LYS F 144 -8.56 15.67 -11.81
CA LYS F 144 -9.00 16.21 -10.53
C LYS F 144 -8.18 15.79 -9.32
N ILE F 145 -8.10 14.49 -9.07
CA ILE F 145 -7.38 13.99 -7.91
C ILE F 145 -5.87 14.26 -7.85
N GLU F 146 -5.17 13.95 -8.94
CA GLU F 146 -3.73 14.16 -8.97
C GLU F 146 -3.36 15.59 -8.60
N PRO F 147 -3.86 16.59 -9.34
CA PRO F 147 -3.52 17.97 -9.00
C PRO F 147 -3.94 18.34 -7.57
N LEU F 148 -5.00 17.72 -7.08
CA LEU F 148 -5.45 17.98 -5.70
C LEU F 148 -4.38 17.48 -4.74
N LYS F 149 -3.81 16.32 -5.06
CA LYS F 149 -2.77 15.74 -4.23
C LYS F 149 -1.59 16.68 -4.17
N ARG F 150 -1.18 17.15 -5.35
CA ARG F 150 -0.05 18.06 -5.49
C ARG F 150 -0.21 19.35 -4.70
N LYS F 151 -1.42 19.90 -4.68
CA LYS F 151 -1.66 21.14 -3.95
C LYS F 151 -1.59 20.96 -2.43
N LEU F 152 -2.34 19.99 -1.93
CA LEU F 152 -2.36 19.73 -0.49
C LEU F 152 -1.02 19.24 0.04
N ALA F 153 -0.02 19.20 -0.83
CA ALA F 153 1.31 18.79 -0.42
C ALA F 153 1.80 19.81 0.59
N GLY F 154 2.03 21.03 0.11
CA GLY F 154 2.49 22.09 0.99
C GLY F 154 1.33 22.71 1.73
N VAL F 155 0.57 21.87 2.44
CA VAL F 155 -0.58 22.33 3.22
C VAL F 155 -0.68 21.57 4.53
N ARG F 156 -1.20 22.23 5.55
CA ARG F 156 -1.34 21.63 6.87
C ARG F 156 -2.75 21.11 7.08
N ALA F 157 -3.73 21.87 6.56
CA ALA F 157 -5.13 21.50 6.67
C ALA F 157 -5.98 22.34 5.69
N TRP F 158 -7.12 21.79 5.29
CA TRP F 158 -7.99 22.49 4.36
C TRP F 158 -9.47 22.22 4.68
N ALA F 159 -10.35 22.96 4.02
CA ALA F 159 -11.78 22.79 4.25
C ALA F 159 -12.55 22.76 2.94
N THR F 160 -13.51 21.83 2.87
CA THR F 160 -14.38 21.68 1.72
C THR F 160 -15.81 21.84 2.24
N GLY F 161 -16.73 22.16 1.34
CA GLY F 161 -18.11 22.35 1.73
C GLY F 161 -18.96 21.10 1.55
N GLN F 162 -18.34 19.94 1.66
CA GLN F 162 -19.06 18.69 1.54
C GLN F 162 -20.14 18.70 2.62
N ARG F 163 -21.35 18.33 2.26
CA ARG F 163 -22.45 18.31 3.22
C ARG F 163 -23.02 16.90 3.36
N ARG F 164 -23.48 16.58 4.57
CA ARG F 164 -24.04 15.27 4.85
C ARG F 164 -25.21 14.89 3.96
N ASP F 165 -26.17 15.79 3.78
CA ASP F 165 -27.35 15.48 2.97
C ASP F 165 -27.14 15.43 1.47
N GLN F 166 -26.01 15.94 0.98
CA GLN F 166 -25.81 15.91 -0.45
C GLN F 166 -25.43 14.51 -0.89
N SER F 167 -25.41 13.60 0.09
CA SER F 167 -25.07 12.19 -0.13
C SER F 167 -26.34 11.38 -0.31
N PRO F 168 -26.32 10.40 -1.24
CA PRO F 168 -27.45 9.52 -1.55
C PRO F 168 -28.40 9.31 -0.37
N GLY F 169 -27.85 8.84 0.74
CA GLY F 169 -28.66 8.60 1.91
C GLY F 169 -28.08 7.49 2.78
N THR F 170 -26.92 6.98 2.38
CA THR F 170 -26.24 5.92 3.12
C THR F 170 -25.91 6.44 4.53
N ARG F 171 -26.58 7.52 4.91
CA ARG F 171 -26.44 8.18 6.20
C ARG F 171 -25.35 9.25 6.25
N SER F 172 -25.14 9.81 7.43
CA SER F 172 -24.16 10.87 7.65
C SER F 172 -22.78 10.29 7.94
N GLN F 173 -21.91 10.35 6.94
CA GLN F 173 -20.57 9.80 7.10
C GLN F 173 -19.54 10.89 7.34
N VAL F 174 -19.82 12.12 6.90
CA VAL F 174 -18.88 13.21 7.06
C VAL F 174 -18.88 13.87 8.44
N ALA F 175 -17.67 14.05 8.96
CA ALA F 175 -17.46 14.69 10.25
C ALA F 175 -16.97 16.11 9.98
N VAL F 176 -17.22 17.01 10.93
CA VAL F 176 -16.81 18.40 10.76
C VAL F 176 -15.30 18.58 10.73
N LEU F 177 -14.59 17.65 11.37
CA LEU F 177 -13.13 17.70 11.43
C LEU F 177 -12.54 16.30 11.47
N GLU F 178 -11.54 16.03 10.64
CA GLU F 178 -10.93 14.72 10.62
C GLU F 178 -9.59 14.72 9.91
N ILE F 179 -8.87 13.61 10.03
CA ILE F 179 -7.57 13.46 9.39
C ILE F 179 -7.84 13.05 7.96
N ASP F 180 -7.22 13.76 7.02
CA ASP F 180 -7.43 13.47 5.62
C ASP F 180 -7.05 12.03 5.30
N GLY F 181 -8.05 11.15 5.34
CA GLY F 181 -7.83 9.74 5.07
C GLY F 181 -7.44 9.37 3.65
N ALA F 182 -6.98 10.33 2.87
CA ALA F 182 -6.59 10.04 1.50
C ALA F 182 -5.22 10.62 1.14
N PHE F 183 -4.87 11.75 1.76
CA PHE F 183 -3.58 12.39 1.51
C PHE F 183 -2.69 12.47 2.74
N SER F 184 -3.30 12.29 3.92
CA SER F 184 -2.55 12.34 5.16
C SER F 184 -1.61 11.14 5.26
N THR F 185 -0.54 11.31 6.02
CA THR F 185 0.45 10.24 6.22
C THR F 185 0.96 10.37 7.65
N PRO F 186 1.17 9.24 8.36
CA PRO F 186 1.66 9.32 9.73
C PRO F 186 2.80 10.33 9.84
N GLU F 187 3.60 10.39 8.77
CA GLU F 187 4.74 11.28 8.67
C GLU F 187 4.26 12.73 8.60
N LYS F 188 3.68 13.10 7.45
CA LYS F 188 3.16 14.44 7.26
C LYS F 188 1.63 14.38 7.20
N PRO F 189 0.96 14.63 8.34
CA PRO F 189 -0.50 14.60 8.42
C PRO F 189 -1.17 15.83 7.77
N LEU F 190 -2.43 15.66 7.41
CA LEU F 190 -3.22 16.73 6.79
C LEU F 190 -4.62 16.69 7.38
N TYR F 191 -4.98 17.70 8.15
CA TYR F 191 -6.30 17.73 8.77
C TYR F 191 -7.29 18.37 7.83
N LYS F 192 -8.52 17.85 7.80
CA LYS F 192 -9.54 18.40 6.91
C LYS F 192 -10.79 18.85 7.67
N PHE F 193 -11.32 20.00 7.27
CA PHE F 193 -12.52 20.55 7.87
C PHE F 193 -13.69 20.46 6.90
N ASN F 194 -14.85 20.12 7.43
CA ASN F 194 -16.07 20.03 6.62
C ASN F 194 -17.12 20.86 7.35
N PRO F 195 -16.99 22.20 7.31
CA PRO F 195 -17.89 23.16 7.95
C PRO F 195 -19.38 23.02 7.67
N LEU F 196 -19.71 22.70 6.41
CA LEU F 196 -21.10 22.57 5.99
C LEU F 196 -21.68 21.17 6.13
N SER F 197 -20.97 20.30 6.85
CA SER F 197 -21.41 18.93 7.04
C SER F 197 -22.88 18.81 7.45
N SER F 198 -23.21 19.38 8.60
CA SER F 198 -24.57 19.33 9.13
C SER F 198 -25.55 20.34 8.52
N MET F 199 -25.11 21.08 7.52
CA MET F 199 -25.98 22.07 6.89
C MET F 199 -26.80 21.44 5.76
N THR F 200 -28.12 21.63 5.84
CA THR F 200 -29.06 21.08 4.85
C THR F 200 -29.12 21.90 3.58
N SER F 201 -29.32 21.20 2.46
CA SER F 201 -29.41 21.81 1.15
C SER F 201 -30.29 23.06 1.19
N GLU F 202 -31.44 22.94 1.86
CA GLU F 202 -32.36 24.06 1.99
C GLU F 202 -31.75 25.21 2.75
N GLU F 203 -30.93 24.92 3.74
CA GLU F 203 -30.29 25.96 4.53
C GLU F 203 -29.22 26.63 3.69
N VAL F 204 -28.50 25.84 2.90
CA VAL F 204 -27.47 26.38 2.03
C VAL F 204 -28.09 27.41 1.09
N TRP F 205 -29.18 27.03 0.44
CA TRP F 205 -29.82 27.96 -0.48
C TRP F 205 -30.56 29.10 0.21
N GLY F 206 -30.99 28.87 1.44
CA GLY F 206 -31.65 29.93 2.16
C GLY F 206 -30.60 30.99 2.46
N TYR F 207 -29.40 30.53 2.78
CA TYR F 207 -28.29 31.41 3.08
C TYR F 207 -27.93 32.19 1.83
N ILE F 208 -27.51 31.48 0.79
CA ILE F 208 -27.12 32.13 -0.45
C ILE F 208 -28.19 33.14 -0.94
N ARG F 209 -29.46 32.77 -0.89
CA ARG F 209 -30.51 33.67 -1.34
C ARG F 209 -30.70 34.87 -0.41
N MET F 210 -30.66 34.63 0.89
CA MET F 210 -30.82 35.69 1.88
C MET F 210 -29.82 36.81 1.78
N LEU F 211 -28.53 36.45 1.84
CA LEU F 211 -27.45 37.41 1.76
C LEU F 211 -27.11 37.78 0.32
N GLU F 212 -27.92 37.30 -0.61
CA GLU F 212 -27.74 37.57 -2.03
C GLU F 212 -26.35 37.28 -2.59
N LEU F 213 -25.81 36.13 -2.23
CA LEU F 213 -24.50 35.70 -2.70
C LEU F 213 -24.64 35.37 -4.18
N PRO F 214 -23.56 35.52 -4.95
CA PRO F 214 -23.65 35.20 -6.37
C PRO F 214 -23.62 33.68 -6.47
N TYR F 215 -24.27 33.11 -7.48
CA TYR F 215 -24.27 31.65 -7.63
C TYR F 215 -24.15 31.21 -9.09
N ASN F 216 -23.80 29.95 -9.28
CA ASN F 216 -23.64 29.39 -10.61
C ASN F 216 -24.93 29.50 -11.39
N SER F 217 -24.84 29.96 -12.65
CA SER F 217 -26.00 30.11 -13.52
C SER F 217 -26.73 28.79 -13.74
N LEU F 218 -26.02 27.68 -13.55
CA LEU F 218 -26.62 26.38 -13.73
C LEU F 218 -27.72 26.05 -12.73
N HIS F 219 -27.75 26.76 -11.60
CA HIS F 219 -28.77 26.51 -10.59
C HIS F 219 -30.16 26.97 -11.03
N GLU F 220 -30.18 27.83 -12.04
CA GLU F 220 -31.43 28.34 -12.59
C GLU F 220 -31.80 27.53 -13.83
N ARG F 221 -31.15 26.38 -13.98
CA ARG F 221 -31.38 25.51 -15.12
C ARG F 221 -31.63 24.06 -14.69
N GLY F 222 -31.90 23.85 -13.41
CA GLY F 222 -32.17 22.50 -12.96
C GLY F 222 -31.02 21.77 -12.30
N TYR F 223 -29.85 22.41 -12.25
CA TYR F 223 -28.68 21.81 -11.63
C TYR F 223 -28.63 22.11 -10.14
N ILE F 224 -28.51 21.05 -9.33
CA ILE F 224 -28.41 21.20 -7.89
C ILE F 224 -26.97 20.93 -7.51
N SER F 225 -26.49 19.73 -7.86
CA SER F 225 -25.11 19.33 -7.62
C SER F 225 -24.38 19.59 -8.93
N ILE F 226 -23.20 20.20 -8.87
CA ILE F 226 -22.46 20.50 -10.09
C ILE F 226 -21.06 19.90 -10.17
N GLY F 227 -20.73 19.38 -11.34
CA GLY F 227 -19.41 18.80 -11.54
C GLY F 227 -18.95 19.24 -12.92
N CYS F 228 -18.13 18.43 -13.56
CA CYS F 228 -17.68 18.78 -14.90
C CYS F 228 -18.89 18.68 -15.84
N GLU F 229 -18.79 19.37 -16.97
CA GLU F 229 -19.85 19.40 -17.95
C GLU F 229 -20.29 18.02 -18.47
N PRO F 230 -19.34 17.22 -18.98
CA PRO F 230 -19.76 15.90 -19.47
C PRO F 230 -20.23 14.88 -18.44
N CYS F 231 -20.00 15.12 -17.16
CA CYS F 231 -20.44 14.17 -16.13
C CYS F 231 -21.54 14.69 -15.22
N THR F 232 -22.08 15.84 -15.57
CA THR F 232 -23.15 16.41 -14.76
C THR F 232 -24.39 16.71 -15.60
N ARG F 233 -25.55 16.53 -15.01
CA ARG F 233 -26.81 16.80 -15.71
C ARG F 233 -27.83 17.26 -14.69
N PRO F 234 -28.83 18.03 -15.12
CA PRO F 234 -29.84 18.49 -14.16
C PRO F 234 -30.69 17.32 -13.68
N VAL F 235 -31.38 17.51 -12.56
CA VAL F 235 -32.25 16.46 -12.04
C VAL F 235 -33.70 16.92 -12.02
N LEU F 236 -34.63 15.97 -12.02
CA LEU F 236 -36.06 16.27 -12.04
C LEU F 236 -36.57 16.78 -10.70
N PRO F 237 -37.84 17.17 -10.63
CA PRO F 237 -38.37 17.65 -9.36
C PRO F 237 -38.31 16.53 -8.32
N ASN F 238 -37.81 16.85 -7.13
CA ASN F 238 -37.73 15.87 -6.04
C ASN F 238 -36.68 14.78 -6.22
N GLN F 239 -36.10 14.67 -7.41
CA GLN F 239 -35.07 13.66 -7.64
C GLN F 239 -33.84 14.05 -6.81
N HIS F 240 -33.29 13.11 -6.05
CA HIS F 240 -32.13 13.43 -5.23
C HIS F 240 -31.00 14.03 -6.07
N GLU F 241 -30.33 15.05 -5.51
CA GLU F 241 -29.25 15.74 -6.24
C GLU F 241 -28.07 14.90 -6.70
N ARG F 242 -27.73 13.86 -5.95
CA ARG F 242 -26.59 13.03 -6.31
C ARG F 242 -26.78 12.32 -7.66
N GLU F 243 -28.04 12.05 -8.01
CA GLU F 243 -28.34 11.37 -9.27
C GLU F 243 -28.00 12.20 -10.50
N GLY F 244 -27.53 13.43 -10.29
CA GLY F 244 -27.15 14.26 -11.42
C GLY F 244 -25.67 14.10 -11.76
N ARG F 245 -24.99 13.25 -10.99
CA ARG F 245 -23.55 13.00 -11.16
C ARG F 245 -23.24 11.56 -11.54
N TRP F 246 -22.52 11.38 -12.65
CA TRP F 246 -22.16 10.04 -13.13
C TRP F 246 -23.36 9.13 -13.02
N TRP F 247 -24.46 9.58 -13.63
CA TRP F 247 -25.72 8.87 -13.61
C TRP F 247 -25.65 7.49 -14.26
N TRP F 248 -24.72 7.33 -15.22
CA TRP F 248 -24.58 6.07 -15.94
C TRP F 248 -23.92 4.95 -15.15
N GLU F 249 -23.35 5.28 -13.99
CA GLU F 249 -22.67 4.27 -13.17
C GLU F 249 -23.59 3.54 -12.18
N PHE G 28 -55.98 55.38 -58.82
CA PHE G 28 -54.63 55.63 -59.42
C PHE G 28 -54.42 54.73 -60.65
N ASP G 29 -53.19 54.71 -61.18
CA ASP G 29 -52.90 53.91 -62.36
C ASP G 29 -51.96 52.73 -62.05
N LEU G 30 -52.55 51.57 -61.76
CA LEU G 30 -51.77 50.37 -61.42
C LEU G 30 -50.64 50.04 -62.39
N PRO G 31 -50.96 49.76 -63.67
CA PRO G 31 -49.91 49.43 -64.63
C PRO G 31 -48.80 50.47 -64.80
N ALA G 32 -49.17 51.73 -64.93
CA ALA G 32 -48.17 52.78 -65.10
C ALA G 32 -47.28 52.83 -63.86
N LEU G 33 -47.91 52.91 -62.70
CA LEU G 33 -47.19 52.99 -61.44
C LEU G 33 -46.32 51.77 -61.15
N ALA G 34 -46.83 50.59 -61.51
CA ALA G 34 -46.09 49.35 -61.30
C ALA G 34 -44.79 49.32 -62.10
N SER G 35 -44.82 49.91 -63.29
CA SER G 35 -43.66 49.93 -64.14
C SER G 35 -42.64 50.94 -63.62
N SER G 36 -43.08 52.17 -63.38
CA SER G 36 -42.16 53.20 -62.90
C SER G 36 -41.46 52.82 -61.60
N LEU G 37 -42.19 52.18 -60.69
CA LEU G 37 -41.63 51.77 -59.39
C LEU G 37 -40.73 50.55 -59.46
N ALA G 38 -40.76 49.83 -60.57
CA ALA G 38 -39.97 48.62 -60.74
C ALA G 38 -38.53 48.71 -60.26
N ASP G 39 -37.79 49.70 -60.75
CA ASP G 39 -36.38 49.84 -60.40
C ASP G 39 -36.09 50.90 -59.33
N LYS G 40 -37.12 51.46 -58.72
CA LYS G 40 -36.90 52.48 -57.71
C LYS G 40 -36.49 51.90 -56.36
N SER G 41 -36.06 52.76 -55.46
CA SER G 41 -35.62 52.32 -54.15
C SER G 41 -36.83 51.90 -53.31
N PRO G 42 -36.57 51.15 -52.23
CA PRO G 42 -37.65 50.69 -51.35
C PRO G 42 -38.40 51.89 -50.77
N GLN G 43 -37.66 52.88 -50.28
CA GLN G 43 -38.28 54.07 -49.70
C GLN G 43 -39.12 54.81 -50.73
N ASP G 44 -38.64 54.85 -51.98
CA ASP G 44 -39.39 55.52 -53.04
C ASP G 44 -40.70 54.80 -53.32
N ILE G 45 -40.63 53.46 -53.32
CA ILE G 45 -41.83 52.67 -53.55
C ILE G 45 -42.79 52.94 -52.39
N LEU G 46 -42.27 52.99 -51.17
CA LEU G 46 -43.13 53.28 -50.03
C LEU G 46 -43.72 54.71 -50.16
N LYS G 47 -42.87 55.69 -50.49
CA LYS G 47 -43.33 57.08 -50.67
C LYS G 47 -44.54 57.11 -51.57
N ALA G 48 -44.40 56.44 -52.72
CA ALA G 48 -45.45 56.35 -53.72
C ALA G 48 -46.69 55.68 -53.15
N ALA G 49 -46.49 54.56 -52.46
CA ALA G 49 -47.61 53.82 -51.88
C ALA G 49 -48.39 54.68 -50.89
N PHE G 50 -47.67 55.35 -50.00
CA PHE G 50 -48.30 56.22 -49.01
C PHE G 50 -49.05 57.38 -49.67
N GLU G 51 -48.48 57.89 -50.74
CA GLU G 51 -49.06 58.99 -51.51
C GLU G 51 -50.44 58.63 -52.08
N HIS G 52 -50.61 57.38 -52.52
CA HIS G 52 -51.89 56.98 -53.10
C HIS G 52 -52.90 56.37 -52.14
N PHE G 53 -52.45 55.88 -51.00
CA PHE G 53 -53.38 55.28 -50.05
C PHE G 53 -53.30 55.86 -48.64
N GLY G 54 -52.26 56.66 -48.40
CA GLY G 54 -52.07 57.30 -47.10
C GLY G 54 -52.25 56.43 -45.88
N ASP G 55 -53.10 56.89 -44.97
CA ASP G 55 -53.40 56.18 -43.72
C ASP G 55 -54.33 54.98 -43.90
N GLU G 56 -54.21 54.33 -45.05
CA GLU G 56 -55.01 53.16 -45.34
C GLU G 56 -54.14 52.06 -45.95
N LEU G 57 -52.83 52.29 -45.93
CA LEU G 57 -51.84 51.36 -46.46
C LEU G 57 -51.26 50.53 -45.33
N TRP G 58 -51.75 49.32 -45.17
CA TRP G 58 -51.25 48.46 -44.11
C TRP G 58 -49.94 47.78 -44.42
N ILE G 59 -49.08 47.75 -43.41
CA ILE G 59 -47.79 47.11 -43.53
C ILE G 59 -47.89 45.79 -42.76
N SER G 60 -47.43 44.72 -43.39
CA SER G 60 -47.46 43.39 -42.78
C SER G 60 -46.10 43.06 -42.17
N PHE G 61 -46.07 42.95 -40.85
CA PHE G 61 -44.83 42.65 -40.14
C PHE G 61 -44.87 41.21 -39.56
N SER G 62 -43.98 40.34 -40.08
CA SER G 62 -43.92 38.95 -39.64
C SER G 62 -43.00 38.70 -38.46
N GLY G 63 -42.44 39.78 -37.89
CA GLY G 63 -41.55 39.66 -36.75
C GLY G 63 -40.15 39.21 -37.12
N ALA G 64 -39.78 39.40 -38.38
CA ALA G 64 -38.45 39.02 -38.83
C ALA G 64 -37.70 40.21 -39.44
N GLU G 65 -36.80 39.90 -40.36
CA GLU G 65 -36.00 40.92 -41.04
C GLU G 65 -36.83 42.00 -41.74
N ASP G 66 -38.13 41.76 -41.90
CA ASP G 66 -38.98 42.76 -42.54
C ASP G 66 -39.17 43.95 -41.61
N VAL G 67 -38.33 44.01 -40.59
CA VAL G 67 -38.38 45.12 -39.64
C VAL G 67 -37.84 46.32 -40.42
N VAL G 68 -37.01 46.02 -41.42
CA VAL G 68 -36.43 47.03 -42.28
C VAL G 68 -37.56 47.76 -42.97
N LEU G 69 -38.59 47.01 -43.36
CA LEU G 69 -39.75 47.60 -44.02
C LEU G 69 -40.48 48.50 -43.02
N VAL G 70 -40.67 48.00 -41.80
CA VAL G 70 -41.36 48.77 -40.79
C VAL G 70 -40.62 50.09 -40.57
N ASP G 71 -39.32 50.00 -40.32
CA ASP G 71 -38.49 51.19 -40.08
C ASP G 71 -38.64 52.23 -41.22
N MET G 72 -38.42 51.79 -42.45
CA MET G 72 -38.53 52.67 -43.60
C MET G 72 -39.91 53.34 -43.65
N ALA G 73 -40.96 52.54 -43.64
CA ALA G 73 -42.30 53.08 -43.72
C ALA G 73 -42.63 53.97 -42.53
N TRP G 74 -41.97 53.72 -41.40
CA TRP G 74 -42.22 54.51 -40.20
C TRP G 74 -41.55 55.88 -40.29
N LYS G 75 -40.42 55.94 -40.98
CA LYS G 75 -39.71 57.19 -41.14
C LYS G 75 -40.42 58.07 -42.17
N LEU G 76 -41.14 57.44 -43.09
CA LEU G 76 -41.89 58.16 -44.10
C LEU G 76 -43.21 58.57 -43.47
N ASN G 77 -43.75 57.71 -42.63
CA ASN G 77 -45.02 57.98 -41.94
C ASN G 77 -44.94 57.43 -40.52
N ARG G 78 -45.27 58.26 -39.55
CA ARG G 78 -45.23 57.85 -38.14
C ARG G 78 -46.46 57.04 -37.77
N ASN G 79 -47.60 57.41 -38.34
CA ASN G 79 -48.85 56.73 -38.06
C ASN G 79 -49.03 55.45 -38.86
N VAL G 80 -47.99 55.03 -39.59
CA VAL G 80 -48.05 53.82 -40.39
C VAL G 80 -48.76 52.65 -39.69
N LYS G 81 -49.86 52.17 -40.27
CA LYS G 81 -50.59 51.05 -39.70
C LYS G 81 -49.79 49.78 -39.93
N VAL G 82 -49.79 48.89 -38.94
CA VAL G 82 -49.05 47.64 -39.05
C VAL G 82 -49.75 46.50 -38.35
N PHE G 83 -49.76 45.32 -38.98
CA PHE G 83 -50.39 44.17 -38.35
C PHE G 83 -49.47 42.95 -38.42
N SER G 84 -49.59 42.08 -37.43
CA SER G 84 -48.78 40.87 -37.36
C SER G 84 -49.70 39.66 -37.22
N LEU G 85 -49.43 38.62 -38.00
CA LEU G 85 -50.23 37.40 -37.95
C LEU G 85 -49.72 36.50 -36.86
N ASP G 86 -50.45 36.43 -35.75
CA ASP G 86 -50.05 35.58 -34.63
C ASP G 86 -50.70 34.21 -34.76
N THR G 87 -50.01 33.31 -35.46
CA THR G 87 -50.47 31.96 -35.69
C THR G 87 -50.72 31.22 -34.38
N GLY G 88 -50.18 31.76 -33.30
CA GLY G 88 -50.34 31.12 -32.01
C GLY G 88 -49.25 30.09 -31.80
N ARG G 89 -48.28 30.06 -32.70
CA ARG G 89 -47.17 29.11 -32.61
C ARG G 89 -45.85 29.78 -32.98
N LEU G 90 -45.74 31.08 -32.72
CA LEU G 90 -44.52 31.80 -33.02
C LEU G 90 -43.47 31.58 -31.94
N HIS G 91 -42.21 31.78 -32.28
CA HIS G 91 -41.14 31.64 -31.29
C HIS G 91 -41.35 32.68 -30.20
N PRO G 92 -41.07 32.33 -28.93
CA PRO G 92 -41.24 33.33 -27.87
C PRO G 92 -40.42 34.58 -28.26
N GLU G 93 -39.24 34.37 -28.85
CA GLU G 93 -38.39 35.49 -29.28
C GLU G 93 -39.19 36.37 -30.24
N THR G 94 -39.90 35.75 -31.18
CA THR G 94 -40.69 36.51 -32.13
C THR G 94 -41.76 37.35 -31.42
N TYR G 95 -42.30 36.83 -30.32
CA TYR G 95 -43.31 37.57 -29.58
C TYR G 95 -42.64 38.75 -28.89
N ARG G 96 -41.43 38.51 -28.39
CA ARG G 96 -40.70 39.57 -27.72
C ARG G 96 -40.29 40.61 -28.75
N PHE G 97 -39.82 40.17 -29.92
CA PHE G 97 -39.40 41.10 -30.95
C PHE G 97 -40.53 42.00 -31.45
N ILE G 98 -41.66 41.40 -31.82
CA ILE G 98 -42.79 42.19 -32.29
C ILE G 98 -43.12 43.27 -31.29
N ASP G 99 -43.23 42.90 -30.02
CA ASP G 99 -43.56 43.87 -28.99
C ASP G 99 -42.46 44.89 -28.81
N GLN G 100 -41.21 44.46 -28.97
CA GLN G 100 -40.07 45.36 -28.85
C GLN G 100 -40.18 46.44 -29.93
N VAL G 101 -40.47 46.03 -31.17
CA VAL G 101 -40.63 46.96 -32.27
C VAL G 101 -41.79 47.91 -31.98
N ARG G 102 -42.89 47.35 -31.48
CA ARG G 102 -44.07 48.13 -31.13
C ARG G 102 -43.64 49.30 -30.25
N GLU G 103 -42.99 48.95 -29.15
CA GLU G 103 -42.52 49.94 -28.19
C GLU G 103 -41.52 50.90 -28.79
N HIS G 104 -40.55 50.37 -29.51
CA HIS G 104 -39.51 51.19 -30.11
C HIS G 104 -40.02 52.32 -30.99
N TYR G 105 -40.82 51.98 -32.00
CA TYR G 105 -41.33 53.01 -32.89
C TYR G 105 -42.65 53.57 -32.38
N GLY G 106 -43.10 53.08 -31.24
CA GLY G 106 -44.36 53.55 -30.70
C GLY G 106 -45.50 53.30 -31.67
N ILE G 107 -45.59 52.07 -32.16
CA ILE G 107 -46.61 51.68 -33.10
C ILE G 107 -47.54 50.67 -32.45
N ALA G 108 -48.83 50.98 -32.42
CA ALA G 108 -49.79 50.06 -31.83
C ALA G 108 -50.10 49.00 -32.88
N ILE G 109 -49.19 48.03 -33.02
CA ILE G 109 -49.35 46.94 -33.98
C ILE G 109 -50.63 46.11 -33.77
N ASP G 110 -51.29 45.77 -34.87
CA ASP G 110 -52.50 44.96 -34.79
C ASP G 110 -52.09 43.50 -34.87
N VAL G 111 -52.01 42.83 -33.73
CA VAL G 111 -51.64 41.41 -33.70
C VAL G 111 -52.92 40.60 -33.88
N LEU G 112 -52.97 39.81 -34.95
CA LEU G 112 -54.15 39.02 -35.29
C LEU G 112 -54.07 37.52 -34.94
N SER G 113 -55.14 36.99 -34.35
CA SER G 113 -55.18 35.56 -33.98
C SER G 113 -56.11 34.70 -34.84
N PRO G 114 -55.93 33.36 -34.77
CA PRO G 114 -56.75 32.42 -35.54
C PRO G 114 -58.17 32.34 -34.99
N ASP G 115 -59.10 31.85 -35.81
CA ASP G 115 -60.49 31.69 -35.40
C ASP G 115 -60.60 30.34 -34.71
N PRO G 116 -60.92 30.34 -33.40
CA PRO G 116 -61.04 29.04 -32.71
C PRO G 116 -62.04 28.09 -33.35
N ARG G 117 -63.08 28.63 -33.98
CA ARG G 117 -64.08 27.78 -34.62
C ARG G 117 -63.49 27.00 -35.79
N LEU G 118 -62.32 27.41 -36.25
CA LEU G 118 -61.67 26.74 -37.37
C LEU G 118 -60.43 25.95 -36.94
N LEU G 119 -59.67 26.52 -36.01
CA LEU G 119 -58.45 25.87 -35.54
C LEU G 119 -58.73 24.71 -34.60
N GLU G 120 -59.72 24.88 -33.73
CA GLU G 120 -60.05 23.84 -32.78
C GLU G 120 -60.32 22.46 -33.38
N PRO G 121 -61.18 22.39 -34.39
CA PRO G 121 -61.46 21.09 -35.00
C PRO G 121 -60.27 20.45 -35.70
N LEU G 122 -59.31 21.25 -36.14
CA LEU G 122 -58.13 20.69 -36.81
C LEU G 122 -57.18 20.07 -35.80
N VAL G 123 -57.01 20.74 -34.67
CA VAL G 123 -56.11 20.22 -33.65
C VAL G 123 -56.77 19.03 -32.97
N LYS G 124 -58.10 19.05 -32.92
CA LYS G 124 -58.88 17.98 -32.29
C LYS G 124 -58.66 16.68 -33.03
N GLU G 125 -58.83 16.72 -34.35
CA GLU G 125 -58.66 15.52 -35.15
C GLU G 125 -57.20 15.19 -35.42
N LYS G 126 -56.50 16.12 -36.06
CA LYS G 126 -55.10 15.90 -36.43
C LYS G 126 -54.01 16.20 -35.40
N GLY G 127 -54.38 16.77 -34.26
CA GLY G 127 -53.35 17.05 -33.27
C GLY G 127 -52.69 18.42 -33.42
N LEU G 128 -51.47 18.55 -32.86
CA LEU G 128 -50.75 19.82 -32.89
C LEU G 128 -49.60 19.94 -33.86
N PHE G 129 -49.31 18.89 -34.60
CA PHE G 129 -48.20 18.90 -35.52
C PHE G 129 -48.52 18.23 -36.84
N SER G 130 -49.80 18.27 -37.21
CA SER G 130 -50.24 17.66 -38.45
C SER G 130 -49.40 18.10 -39.66
N PHE G 131 -48.88 19.33 -39.61
CA PHE G 131 -48.08 19.85 -40.71
C PHE G 131 -46.85 19.00 -41.01
N TYR G 132 -46.38 18.25 -40.02
CA TYR G 132 -45.21 17.39 -40.22
C TYR G 132 -45.52 16.26 -41.20
N ARG G 133 -46.77 15.80 -41.22
CA ARG G 133 -47.17 14.72 -42.11
C ARG G 133 -48.11 15.12 -43.26
N ASP G 134 -48.82 16.25 -43.13
CA ASP G 134 -49.71 16.69 -44.20
C ASP G 134 -49.17 17.89 -45.00
N GLY G 135 -48.09 18.50 -44.52
CA GLY G 135 -47.57 19.67 -45.20
C GLY G 135 -48.19 20.87 -44.49
N HIS G 136 -47.56 22.03 -44.57
CA HIS G 136 -48.09 23.21 -43.87
C HIS G 136 -49.36 23.81 -44.46
N GLY G 137 -49.74 23.37 -45.65
CA GLY G 137 -50.92 23.89 -46.29
C GLY G 137 -52.09 24.09 -45.34
N GLU G 138 -52.59 22.99 -44.79
CA GLU G 138 -53.74 23.05 -43.90
C GLU G 138 -53.58 23.97 -42.70
N CYS G 139 -52.57 23.71 -41.87
CA CYS G 139 -52.37 24.54 -40.68
C CYS G 139 -52.18 26.02 -41.02
N CYS G 140 -51.25 26.31 -41.94
CA CYS G 140 -51.03 27.70 -42.36
C CYS G 140 -52.34 28.31 -42.84
N GLY G 141 -53.10 27.53 -43.60
CA GLY G 141 -54.36 28.02 -44.12
C GLY G 141 -55.28 28.54 -43.02
N ILE G 142 -55.23 27.89 -41.86
CA ILE G 142 -56.11 28.27 -40.76
C ILE G 142 -55.49 29.26 -39.78
N ARG G 143 -54.19 29.09 -39.50
CA ARG G 143 -53.52 29.99 -38.57
C ARG G 143 -53.03 31.30 -39.19
N LYS G 144 -52.52 31.27 -40.42
CA LYS G 144 -52.02 32.49 -41.07
C LYS G 144 -52.97 33.09 -42.10
N ILE G 145 -53.21 32.34 -43.18
CA ILE G 145 -54.05 32.77 -44.28
C ILE G 145 -55.46 33.21 -43.96
N GLU G 146 -56.26 32.34 -43.37
CA GLU G 146 -57.64 32.70 -43.08
C GLU G 146 -57.72 34.01 -42.31
N PRO G 147 -56.93 34.17 -41.24
CA PRO G 147 -57.00 35.43 -40.50
C PRO G 147 -56.43 36.61 -41.28
N LEU G 148 -55.62 36.33 -42.29
CA LEU G 148 -55.07 37.39 -43.13
C LEU G 148 -56.21 37.91 -44.01
N LYS G 149 -56.86 36.98 -44.70
CA LYS G 149 -57.96 37.29 -45.58
C LYS G 149 -58.98 38.19 -44.90
N ARG G 150 -59.39 37.83 -43.67
CA ARG G 150 -60.37 38.63 -42.94
C ARG G 150 -59.90 40.07 -42.83
N LYS G 151 -58.64 40.24 -42.43
CA LYS G 151 -58.05 41.56 -42.27
C LYS G 151 -58.12 42.33 -43.57
N LEU G 152 -57.39 41.85 -44.56
CA LEU G 152 -57.34 42.49 -45.88
C LEU G 152 -58.71 42.68 -46.49
N ALA G 153 -59.71 41.97 -45.98
CA ALA G 153 -61.06 42.09 -46.51
C ALA G 153 -61.46 43.56 -46.62
N GLY G 154 -61.16 44.33 -45.58
CA GLY G 154 -61.49 45.74 -45.58
C GLY G 154 -60.25 46.59 -45.54
N VAL G 155 -59.48 46.54 -46.62
CA VAL G 155 -58.25 47.29 -46.75
C VAL G 155 -58.04 47.60 -48.22
N ARG G 156 -57.54 48.80 -48.53
CA ARG G 156 -57.31 49.16 -49.93
C ARG G 156 -55.98 48.65 -50.45
N ALA G 157 -54.93 48.75 -49.63
CA ALA G 157 -53.61 48.29 -50.05
C ALA G 157 -52.76 47.88 -48.87
N TRP G 158 -51.71 47.10 -49.12
CA TRP G 158 -50.81 46.65 -48.07
C TRP G 158 -49.46 46.36 -48.66
N ALA G 159 -48.48 46.13 -47.80
CA ALA G 159 -47.12 45.83 -48.27
C ALA G 159 -46.44 44.79 -47.41
N THR G 160 -45.49 44.08 -48.00
CA THR G 160 -44.76 43.04 -47.26
C THR G 160 -43.27 43.19 -47.50
N GLY G 161 -42.47 42.44 -46.75
CA GLY G 161 -41.03 42.51 -46.90
C GLY G 161 -40.46 41.43 -47.78
N GLN G 162 -41.34 40.78 -48.53
CA GLN G 162 -40.93 39.71 -49.42
C GLN G 162 -39.95 40.22 -50.46
N ARG G 163 -38.86 39.49 -50.66
CA ARG G 163 -37.82 39.87 -51.61
C ARG G 163 -37.39 38.72 -52.52
N ARG G 164 -37.14 39.04 -53.80
CA ARG G 164 -36.70 38.04 -54.77
C ARG G 164 -35.65 37.15 -54.12
N ASP G 165 -34.78 37.81 -53.37
CA ASP G 165 -33.69 37.17 -52.66
C ASP G 165 -34.06 35.96 -51.79
N GLN G 166 -35.27 36.00 -51.21
CA GLN G 166 -35.74 34.96 -50.29
C GLN G 166 -36.03 33.55 -50.82
N SER G 167 -36.21 33.42 -52.12
CA SER G 167 -36.46 32.11 -52.72
C SER G 167 -35.28 31.90 -53.67
N PRO G 168 -34.90 30.65 -53.92
CA PRO G 168 -33.77 30.42 -54.83
C PRO G 168 -34.09 30.85 -56.26
N GLY G 169 -34.68 32.04 -56.41
CA GLY G 169 -35.04 32.56 -57.71
C GLY G 169 -35.80 31.58 -58.57
N THR G 170 -36.98 31.16 -58.11
CA THR G 170 -37.81 30.19 -58.82
C THR G 170 -38.61 30.81 -59.98
N ARG G 171 -39.67 30.10 -60.38
CA ARG G 171 -40.54 30.51 -61.49
C ARG G 171 -41.27 31.84 -61.34
N SER G 172 -41.56 32.26 -60.12
CA SER G 172 -42.26 33.52 -59.90
C SER G 172 -41.44 34.47 -59.02
N GLN G 173 -41.26 35.70 -59.52
CA GLN G 173 -40.51 36.71 -58.78
C GLN G 173 -41.45 37.77 -58.20
N VAL G 174 -40.92 38.52 -57.23
CA VAL G 174 -41.70 39.55 -56.56
C VAL G 174 -41.82 40.85 -57.33
N ALA G 175 -43.04 41.33 -57.46
CA ALA G 175 -43.29 42.58 -58.16
C ALA G 175 -43.36 43.65 -57.07
N VAL G 176 -42.69 44.77 -57.28
CA VAL G 176 -42.70 45.84 -56.30
C VAL G 176 -44.13 46.29 -56.05
N LEU G 177 -44.94 46.29 -57.11
CA LEU G 177 -46.35 46.69 -57.02
C LEU G 177 -47.15 45.68 -57.83
N GLU G 178 -48.24 45.16 -57.25
CA GLU G 178 -49.05 44.17 -57.96
C GLU G 178 -50.47 44.13 -57.42
N ILE G 179 -51.35 43.48 -58.18
CA ILE G 179 -52.73 43.32 -57.77
C ILE G 179 -52.69 42.04 -56.95
N ASP G 180 -53.29 42.06 -55.76
CA ASP G 180 -53.30 40.86 -54.93
C ASP G 180 -54.42 39.95 -55.40
N GLY G 181 -54.07 38.98 -56.24
CA GLY G 181 -55.06 38.06 -56.77
C GLY G 181 -55.60 37.10 -55.73
N ALA G 182 -54.77 36.78 -54.75
CA ALA G 182 -55.18 35.87 -53.69
C ALA G 182 -56.34 36.39 -52.85
N PHE G 183 -56.40 37.70 -52.62
CA PHE G 183 -57.46 38.26 -51.77
C PHE G 183 -58.32 39.39 -52.36
N SER G 184 -58.35 39.53 -53.68
CA SER G 184 -59.15 40.61 -54.25
C SER G 184 -59.99 40.11 -55.43
N THR G 185 -61.30 40.24 -55.31
CA THR G 185 -62.21 39.82 -56.37
C THR G 185 -61.99 40.72 -57.59
N PRO G 186 -62.13 40.15 -58.80
CA PRO G 186 -61.95 40.95 -60.02
C PRO G 186 -62.56 42.36 -59.89
N GLU G 187 -63.83 42.41 -59.52
CA GLU G 187 -64.52 43.68 -59.35
C GLU G 187 -63.88 44.60 -58.32
N LYS G 188 -63.68 44.08 -57.10
CA LYS G 188 -63.06 44.86 -56.01
C LYS G 188 -61.61 44.46 -55.79
N PRO G 189 -60.67 45.18 -56.42
CA PRO G 189 -59.25 44.89 -56.28
C PRO G 189 -58.62 45.34 -54.96
N LEU G 190 -57.43 44.77 -54.70
CA LEU G 190 -56.62 45.06 -53.52
C LEU G 190 -55.19 45.14 -54.04
N TYR G 191 -54.45 46.17 -53.63
CA TYR G 191 -53.09 46.31 -54.13
C TYR G 191 -52.02 45.92 -53.11
N LYS G 192 -50.97 45.29 -53.59
CA LYS G 192 -49.92 44.81 -52.72
C LYS G 192 -48.54 45.32 -53.12
N PHE G 193 -47.89 46.04 -52.22
CA PHE G 193 -46.56 46.58 -52.47
C PHE G 193 -45.50 45.71 -51.82
N ASN G 194 -44.39 45.49 -52.52
CA ASN G 194 -43.30 44.71 -51.97
C ASN G 194 -42.02 45.52 -52.13
N PRO G 195 -41.91 46.62 -51.38
CA PRO G 195 -40.77 47.55 -51.38
C PRO G 195 -39.41 46.90 -51.45
N LEU G 196 -39.17 45.93 -50.56
CA LEU G 196 -37.88 45.26 -50.49
C LEU G 196 -37.65 44.25 -51.60
N SER G 197 -38.61 44.14 -52.51
CA SER G 197 -38.49 43.20 -53.62
C SER G 197 -37.07 43.01 -54.12
N SER G 198 -36.43 44.11 -54.50
CA SER G 198 -35.08 44.03 -55.02
C SER G 198 -33.93 44.11 -54.02
N MET G 199 -34.23 44.48 -52.78
CA MET G 199 -33.19 44.59 -51.76
C MET G 199 -32.71 43.21 -51.30
N THR G 200 -31.41 42.95 -51.47
CA THR G 200 -30.86 41.64 -51.08
C THR G 200 -30.71 41.48 -49.57
N SER G 201 -30.49 40.25 -49.12
CA SER G 201 -30.33 39.92 -47.71
C SER G 201 -29.18 40.77 -47.14
N GLU G 202 -28.04 40.69 -47.80
CA GLU G 202 -26.86 41.43 -47.38
C GLU G 202 -27.17 42.90 -47.18
N GLU G 203 -27.92 43.48 -48.11
CA GLU G 203 -28.28 44.89 -47.99
C GLU G 203 -29.19 45.07 -46.79
N VAL G 204 -30.14 44.16 -46.64
CA VAL G 204 -31.08 44.20 -45.54
C VAL G 204 -30.34 44.26 -44.20
N TRP G 205 -29.41 43.34 -44.01
CA TRP G 205 -28.68 43.31 -42.75
C TRP G 205 -27.73 44.49 -42.59
N GLY G 206 -27.28 45.05 -43.70
CA GLY G 206 -26.42 46.21 -43.60
C GLY G 206 -27.29 47.28 -42.97
N TYR G 207 -28.44 47.51 -43.58
CA TYR G 207 -29.38 48.51 -43.08
C TYR G 207 -29.61 48.29 -41.60
N ILE G 208 -30.01 47.08 -41.24
CA ILE G 208 -30.28 46.72 -39.85
C ILE G 208 -29.10 47.06 -38.93
N ARG G 209 -27.91 46.59 -39.32
CA ARG G 209 -26.71 46.84 -38.53
C ARG G 209 -26.26 48.30 -38.56
N MET G 210 -26.33 48.93 -39.73
CA MET G 210 -25.93 50.32 -39.86
C MET G 210 -26.75 51.27 -39.01
N LEU G 211 -28.08 51.17 -39.12
CA LEU G 211 -28.94 52.06 -38.35
C LEU G 211 -29.24 51.47 -36.98
N GLU G 212 -28.49 50.45 -36.60
CA GLU G 212 -28.68 49.82 -35.31
C GLU G 212 -30.15 49.51 -35.00
N LEU G 213 -30.88 49.01 -36.00
CA LEU G 213 -32.28 48.65 -35.83
C LEU G 213 -32.41 47.44 -34.90
N PRO G 214 -33.58 47.24 -34.27
CA PRO G 214 -33.78 46.09 -33.39
C PRO G 214 -34.13 44.88 -34.26
N TYR G 215 -33.60 43.72 -33.92
CA TYR G 215 -33.90 42.53 -34.69
C TYR G 215 -34.18 41.33 -33.80
N ASN G 216 -34.91 40.35 -34.37
CA ASN G 216 -35.27 39.13 -33.67
C ASN G 216 -34.02 38.44 -33.13
N SER G 217 -34.12 37.95 -31.90
CA SER G 217 -33.00 37.27 -31.23
C SER G 217 -32.54 36.04 -31.99
N LEU G 218 -33.49 35.31 -32.56
CA LEU G 218 -33.16 34.10 -33.29
C LEU G 218 -32.06 34.31 -34.31
N HIS G 219 -31.97 35.52 -34.87
CA HIS G 219 -30.95 35.84 -35.87
C HIS G 219 -29.52 35.68 -35.35
N GLU G 220 -29.39 35.66 -34.03
CA GLU G 220 -28.09 35.49 -33.41
C GLU G 220 -27.88 33.99 -33.13
N ARG G 221 -28.89 33.17 -33.39
CA ARG G 221 -28.78 31.74 -33.12
C ARG G 221 -28.74 30.87 -34.37
N GLY G 222 -28.61 31.50 -35.54
CA GLY G 222 -28.54 30.73 -36.77
C GLY G 222 -29.73 30.84 -37.69
N TYR G 223 -30.77 31.54 -37.24
CA TYR G 223 -31.94 31.70 -38.06
C TYR G 223 -31.80 32.87 -39.02
N ILE G 224 -32.10 32.64 -40.29
CA ILE G 224 -32.07 33.70 -41.29
C ILE G 224 -33.54 33.92 -41.59
N SER G 225 -34.21 32.88 -42.05
CA SER G 225 -35.65 32.94 -42.33
C SER G 225 -36.37 32.59 -41.03
N ILE G 226 -37.47 33.28 -40.73
CA ILE G 226 -38.17 33.05 -39.47
C ILE G 226 -39.67 32.88 -39.57
N GLY G 227 -40.14 31.64 -39.39
CA GLY G 227 -41.57 31.38 -39.42
C GLY G 227 -41.95 30.86 -38.05
N CYS G 228 -43.08 30.17 -37.93
CA CYS G 228 -43.49 29.62 -36.64
C CYS G 228 -42.37 28.72 -36.08
N GLU G 229 -42.35 28.59 -34.75
CA GLU G 229 -41.34 27.79 -34.06
C GLU G 229 -41.19 26.34 -34.53
N PRO G 230 -42.30 25.61 -34.70
CA PRO G 230 -42.19 24.21 -35.15
C PRO G 230 -41.89 23.99 -36.65
N CYS G 231 -42.00 25.04 -37.46
CA CYS G 231 -41.75 24.89 -38.89
C CYS G 231 -40.53 25.66 -39.39
N THR G 232 -39.71 26.11 -38.45
CA THR G 232 -38.50 26.84 -38.78
C THR G 232 -37.33 26.20 -38.05
N ARG G 233 -36.14 26.35 -38.60
CA ARG G 233 -34.92 25.80 -37.98
C ARG G 233 -33.73 26.56 -38.54
N PRO G 234 -32.69 26.75 -37.73
CA PRO G 234 -31.52 27.48 -38.22
C PRO G 234 -30.88 26.73 -39.39
N VAL G 235 -30.10 27.46 -40.19
CA VAL G 235 -29.43 26.86 -41.34
C VAL G 235 -27.92 26.87 -41.12
N LEU G 236 -27.22 25.94 -41.76
CA LEU G 236 -25.78 25.84 -41.63
C LEU G 236 -25.13 26.95 -42.45
N PRO G 237 -23.80 27.12 -42.32
CA PRO G 237 -23.11 28.16 -43.09
C PRO G 237 -23.28 27.94 -44.58
N ASN G 238 -23.67 28.98 -45.30
CA ASN G 238 -23.82 28.94 -46.76
C ASN G 238 -25.06 28.21 -47.29
N GLN G 239 -25.85 27.63 -46.40
CA GLN G 239 -27.07 26.93 -46.81
C GLN G 239 -28.12 28.00 -47.10
N HIS G 240 -28.85 27.87 -48.20
CA HIS G 240 -29.85 28.90 -48.50
C HIS G 240 -30.88 28.95 -47.37
N GLU G 241 -31.39 30.15 -47.11
CA GLU G 241 -32.35 30.34 -46.04
C GLU G 241 -33.69 29.64 -46.19
N ARG G 242 -34.16 29.45 -47.42
CA ARG G 242 -35.45 28.80 -47.63
C ARG G 242 -35.39 27.39 -47.04
N GLU G 243 -34.20 26.82 -47.05
CA GLU G 243 -33.96 25.48 -46.55
C GLU G 243 -34.20 25.35 -45.05
N GLY G 244 -34.56 26.45 -44.41
CA GLY G 244 -34.81 26.42 -42.97
C GLY G 244 -36.28 26.49 -42.63
N ARG G 245 -37.13 26.39 -43.64
CA ARG G 245 -38.58 26.43 -43.46
C ARG G 245 -39.20 25.21 -44.14
N TRP G 246 -40.02 24.47 -43.40
CA TRP G 246 -40.68 23.30 -43.95
C TRP G 246 -39.69 22.40 -44.68
N TRP G 247 -38.54 22.21 -44.05
CA TRP G 247 -37.47 21.38 -44.58
C TRP G 247 -37.86 19.94 -44.89
N TRP G 248 -38.92 19.44 -44.27
CA TRP G 248 -39.32 18.07 -44.49
C TRP G 248 -40.17 17.84 -45.74
N GLU G 249 -40.59 18.92 -46.38
CA GLU G 249 -41.42 18.83 -47.58
C GLU G 249 -40.63 18.65 -48.88
N PRO H 27 13.37 12.94 -49.47
CA PRO H 27 14.37 13.50 -50.40
C PRO H 27 14.31 15.03 -50.45
N PHE H 28 15.37 15.66 -50.94
CA PHE H 28 15.43 17.11 -51.03
C PHE H 28 14.52 17.68 -52.12
N ASP H 29 14.08 18.92 -51.91
CA ASP H 29 13.21 19.60 -52.86
C ASP H 29 13.43 21.10 -52.73
N LEU H 30 12.83 21.87 -53.64
CA LEU H 30 12.97 23.32 -53.61
C LEU H 30 11.62 24.00 -53.38
N PRO H 31 11.63 25.21 -52.79
CA PRO H 31 10.42 25.97 -52.52
C PRO H 31 9.66 26.40 -53.78
N ALA H 32 10.04 25.83 -54.91
CA ALA H 32 9.36 26.13 -56.16
C ALA H 32 8.10 25.27 -56.16
N LEU H 33 8.16 24.19 -55.41
CA LEU H 33 7.04 23.25 -55.26
C LEU H 33 5.83 24.03 -54.76
N ALA H 34 6.07 24.91 -53.81
CA ALA H 34 5.02 25.74 -53.24
C ALA H 34 4.38 26.57 -54.35
N SER H 35 5.17 26.91 -55.36
CA SER H 35 4.69 27.69 -56.50
C SER H 35 3.94 26.73 -57.42
N SER H 36 4.37 25.48 -57.42
CA SER H 36 3.74 24.45 -58.23
C SER H 36 2.34 24.14 -57.72
N LEU H 37 2.25 23.80 -56.44
CA LEU H 37 1.00 23.45 -55.78
C LEU H 37 0.07 24.64 -55.57
N ALA H 38 0.47 25.81 -56.05
CA ALA H 38 -0.31 27.02 -55.91
C ALA H 38 -1.79 26.85 -56.24
N ASP H 39 -2.09 26.39 -57.44
CA ASP H 39 -3.49 26.22 -57.86
C ASP H 39 -4.03 24.82 -57.77
N LYS H 40 -3.17 23.85 -57.47
CA LYS H 40 -3.62 22.48 -57.39
C LYS H 40 -4.68 22.31 -56.30
N SER H 41 -5.46 21.25 -56.41
CA SER H 41 -6.53 20.96 -55.46
C SER H 41 -5.96 20.60 -54.09
N PRO H 42 -6.78 20.74 -53.04
CA PRO H 42 -6.36 20.43 -51.67
C PRO H 42 -5.87 18.99 -51.53
N GLN H 43 -6.54 18.07 -52.21
CA GLN H 43 -6.17 16.66 -52.16
C GLN H 43 -4.80 16.44 -52.79
N ASP H 44 -4.49 17.19 -53.84
CA ASP H 44 -3.19 17.07 -54.51
C ASP H 44 -2.13 17.67 -53.60
N ILE H 45 -2.40 18.87 -53.08
CA ILE H 45 -1.47 19.51 -52.18
C ILE H 45 -1.17 18.55 -51.02
N LEU H 46 -2.17 17.79 -50.62
CA LEU H 46 -1.96 16.83 -49.53
C LEU H 46 -1.14 15.63 -50.03
N LYS H 47 -1.43 15.19 -51.26
CA LYS H 47 -0.69 14.06 -51.82
C LYS H 47 0.77 14.48 -51.89
N ALA H 48 1.03 15.65 -52.46
CA ALA H 48 2.38 16.18 -52.57
C ALA H 48 3.03 16.14 -51.21
N ALA H 49 2.34 16.67 -50.21
CA ALA H 49 2.86 16.70 -48.85
C ALA H 49 3.16 15.29 -48.36
N PHE H 50 2.19 14.38 -48.48
CA PHE H 50 2.39 13.01 -48.04
C PHE H 50 3.59 12.34 -48.71
N GLU H 51 3.76 12.59 -50.00
CA GLU H 51 4.87 12.00 -50.74
C GLU H 51 6.21 12.31 -50.07
N HIS H 52 6.47 13.60 -49.85
CA HIS H 52 7.71 14.06 -49.25
C HIS H 52 7.90 13.76 -47.78
N PHE H 53 6.82 13.81 -47.00
CA PHE H 53 6.93 13.61 -45.56
C PHE H 53 6.24 12.38 -44.98
N GLY H 54 5.64 11.57 -45.85
CA GLY H 54 4.97 10.36 -45.41
C GLY H 54 4.14 10.48 -44.16
N ASP H 55 4.16 9.42 -43.34
CA ASP H 55 3.38 9.41 -42.11
C ASP H 55 3.92 10.40 -41.07
N GLU H 56 4.97 11.14 -41.43
CA GLU H 56 5.54 12.12 -40.51
C GLU H 56 4.79 13.44 -40.54
N LEU H 57 3.95 13.62 -41.57
CA LEU H 57 3.16 14.84 -41.71
C LEU H 57 2.05 14.87 -40.67
N TRP H 58 1.98 15.95 -39.90
CA TRP H 58 0.95 16.07 -38.88
C TRP H 58 -0.17 16.98 -39.34
N ILE H 59 -1.39 16.62 -38.95
CA ILE H 59 -2.56 17.38 -39.30
C ILE H 59 -3.06 18.15 -38.08
N SER H 60 -3.32 19.43 -38.28
CA SER H 60 -3.79 20.28 -37.21
C SER H 60 -5.32 20.33 -37.32
N PHE H 61 -6.01 19.85 -36.29
CA PHE H 61 -7.48 19.83 -36.27
C PHE H 61 -8.07 20.64 -35.10
N SER H 62 -8.77 21.75 -35.43
CA SER H 62 -9.35 22.63 -34.42
C SER H 62 -10.80 22.37 -34.03
N GLY H 63 -11.34 21.22 -34.44
CA GLY H 63 -12.71 20.90 -34.11
C GLY H 63 -13.72 21.79 -34.81
N ALA H 64 -13.36 22.31 -35.99
CA ALA H 64 -14.26 23.18 -36.75
C ALA H 64 -14.44 22.68 -38.19
N GLU H 65 -14.75 23.60 -39.10
CA GLU H 65 -14.95 23.22 -40.49
C GLU H 65 -13.67 22.67 -41.11
N ASP H 66 -12.57 22.76 -40.38
CA ASP H 66 -11.30 22.24 -40.88
C ASP H 66 -11.40 20.72 -40.89
N VAL H 67 -12.57 20.20 -40.53
CA VAL H 67 -12.81 18.75 -40.52
C VAL H 67 -12.58 18.25 -41.95
N VAL H 68 -12.90 19.10 -42.92
CA VAL H 68 -12.70 18.75 -44.30
C VAL H 68 -11.28 18.26 -44.52
N LEU H 69 -10.30 19.02 -44.03
CA LEU H 69 -8.91 18.65 -44.17
C LEU H 69 -8.67 17.26 -43.61
N VAL H 70 -9.17 17.02 -42.39
CA VAL H 70 -9.02 15.73 -41.74
C VAL H 70 -9.60 14.62 -42.62
N ASP H 71 -10.69 14.94 -43.32
CA ASP H 71 -11.34 13.97 -44.20
C ASP H 71 -10.47 13.68 -45.43
N MET H 72 -10.07 14.74 -46.14
CA MET H 72 -9.23 14.60 -47.32
C MET H 72 -7.95 13.84 -46.97
N ALA H 73 -7.30 14.25 -45.89
CA ALA H 73 -6.06 13.61 -45.47
C ALA H 73 -6.25 12.13 -45.14
N TRP H 74 -7.25 11.82 -44.33
CA TRP H 74 -7.51 10.44 -43.94
C TRP H 74 -7.91 9.57 -45.13
N LYS H 75 -8.57 10.17 -46.11
CA LYS H 75 -8.97 9.43 -47.29
C LYS H 75 -7.70 8.96 -48.01
N LEU H 76 -6.69 9.84 -48.05
CA LEU H 76 -5.44 9.52 -48.70
C LEU H 76 -4.58 8.60 -47.85
N ASN H 77 -4.47 8.91 -46.56
CA ASN H 77 -3.64 8.10 -45.66
C ASN H 77 -4.42 7.68 -44.40
N ARG H 78 -4.87 6.44 -44.36
CA ARG H 78 -5.63 5.95 -43.20
C ARG H 78 -4.81 5.99 -41.92
N ASN H 79 -3.50 6.17 -42.05
CA ASN H 79 -2.62 6.22 -40.88
C ASN H 79 -2.24 7.65 -40.49
N VAL H 80 -2.86 8.61 -41.17
CA VAL H 80 -2.59 10.02 -40.93
C VAL H 80 -2.57 10.36 -39.44
N LYS H 81 -1.59 11.17 -39.06
CA LYS H 81 -1.44 11.61 -37.68
C LYS H 81 -2.06 12.99 -37.56
N VAL H 82 -2.82 13.22 -36.49
CA VAL H 82 -3.45 14.52 -36.30
C VAL H 82 -3.53 14.92 -34.83
N PHE H 83 -3.33 16.21 -34.57
CA PHE H 83 -3.39 16.71 -33.20
C PHE H 83 -4.36 17.87 -33.09
N SER H 84 -4.88 18.07 -31.89
CA SER H 84 -5.81 19.15 -31.62
C SER H 84 -5.35 19.83 -30.35
N LEU H 85 -5.32 21.16 -30.36
CA LEU H 85 -4.89 21.93 -29.19
C LEU H 85 -6.07 22.22 -28.28
N ASP H 86 -6.14 21.47 -27.19
CA ASP H 86 -7.19 21.61 -26.18
C ASP H 86 -6.72 22.69 -25.20
N THR H 87 -7.23 23.91 -25.38
CA THR H 87 -6.86 25.04 -24.54
C THR H 87 -7.48 24.96 -23.16
N GLY H 88 -8.26 23.90 -22.91
CA GLY H 88 -8.90 23.76 -21.63
C GLY H 88 -10.09 24.69 -21.49
N ARG H 89 -10.44 25.35 -22.59
CA ARG H 89 -11.56 26.29 -22.63
C ARG H 89 -12.40 26.15 -23.90
N LEU H 90 -12.40 24.97 -24.48
CA LEU H 90 -13.18 24.73 -25.70
C LEU H 90 -14.65 24.52 -25.35
N HIS H 91 -15.55 24.77 -26.30
CA HIS H 91 -16.96 24.55 -26.03
C HIS H 91 -17.17 23.07 -25.79
N PRO H 92 -18.11 22.69 -24.91
CA PRO H 92 -18.29 21.25 -24.74
C PRO H 92 -18.63 20.68 -26.12
N GLU H 93 -19.35 21.48 -26.92
CA GLU H 93 -19.72 21.06 -28.27
C GLU H 93 -18.50 20.55 -29.01
N THR H 94 -17.42 21.33 -28.95
CA THR H 94 -16.18 20.99 -29.62
C THR H 94 -15.53 19.71 -29.10
N TYR H 95 -15.55 19.49 -27.78
CA TYR H 95 -14.94 18.27 -27.25
C TYR H 95 -15.65 17.06 -27.83
N ARG H 96 -16.98 17.14 -27.92
CA ARG H 96 -17.76 16.05 -28.46
C ARG H 96 -17.48 15.83 -29.95
N PHE H 97 -17.31 16.91 -30.71
CA PHE H 97 -17.05 16.76 -32.14
C PHE H 97 -15.67 16.18 -32.41
N ILE H 98 -14.67 16.58 -31.62
CA ILE H 98 -13.31 16.05 -31.80
C ILE H 98 -13.34 14.54 -31.57
N ASP H 99 -13.94 14.13 -30.45
CA ASP H 99 -14.03 12.73 -30.09
C ASP H 99 -14.81 11.97 -31.17
N GLN H 100 -15.76 12.67 -31.81
CA GLN H 100 -16.56 12.05 -32.87
C GLN H 100 -15.67 11.77 -34.08
N VAL H 101 -14.93 12.78 -34.53
CA VAL H 101 -14.04 12.61 -35.67
C VAL H 101 -13.07 11.48 -35.34
N ARG H 102 -12.67 11.41 -34.08
CA ARG H 102 -11.77 10.37 -33.60
C ARG H 102 -12.41 9.02 -33.88
N GLU H 103 -13.53 8.75 -33.22
CA GLU H 103 -14.22 7.48 -33.39
C GLU H 103 -14.87 7.27 -34.76
N HIS H 104 -15.09 8.34 -35.51
CA HIS H 104 -15.69 8.20 -36.82
C HIS H 104 -14.69 7.82 -37.90
N TYR H 105 -13.43 8.21 -37.75
CA TYR H 105 -12.44 7.88 -38.75
C TYR H 105 -11.46 6.84 -38.28
N GLY H 106 -11.46 6.57 -36.97
CA GLY H 106 -10.52 5.60 -36.44
C GLY H 106 -9.16 6.26 -36.40
N ILE H 107 -9.13 7.46 -35.84
CA ILE H 107 -7.91 8.25 -35.71
C ILE H 107 -7.67 8.60 -34.25
N ALA H 108 -6.58 8.08 -33.70
CA ALA H 108 -6.22 8.35 -32.31
C ALA H 108 -5.65 9.76 -32.24
N ILE H 109 -6.54 10.75 -32.22
CA ILE H 109 -6.10 12.13 -32.18
C ILE H 109 -5.25 12.48 -30.97
N ASP H 110 -4.32 13.42 -31.19
CA ASP H 110 -3.43 13.88 -30.13
C ASP H 110 -4.01 15.15 -29.54
N VAL H 111 -4.57 15.03 -28.34
CA VAL H 111 -5.14 16.18 -27.66
C VAL H 111 -4.09 16.75 -26.73
N LEU H 112 -3.61 17.95 -27.07
CA LEU H 112 -2.57 18.59 -26.28
C LEU H 112 -3.15 19.61 -25.29
N SER H 113 -2.66 19.56 -24.06
CA SER H 113 -3.13 20.46 -23.02
C SER H 113 -2.05 21.43 -22.53
N PRO H 114 -2.48 22.55 -21.93
CA PRO H 114 -1.57 23.57 -21.41
C PRO H 114 -0.72 23.09 -20.23
N ASP H 115 0.45 23.72 -20.07
CA ASP H 115 1.37 23.38 -18.99
C ASP H 115 0.98 24.18 -17.75
N PRO H 116 0.59 23.50 -16.67
CA PRO H 116 0.19 24.17 -15.43
C PRO H 116 1.16 25.23 -14.99
N ARG H 117 2.45 24.89 -15.01
CA ARG H 117 3.53 25.79 -14.60
C ARG H 117 3.50 27.11 -15.36
N LEU H 118 2.73 27.18 -16.44
CA LEU H 118 2.63 28.39 -17.25
C LEU H 118 1.24 29.02 -17.12
N LEU H 119 0.22 28.17 -17.17
CA LEU H 119 -1.16 28.61 -17.09
C LEU H 119 -1.50 29.14 -15.70
N GLU H 120 -1.28 28.30 -14.69
CA GLU H 120 -1.59 28.64 -13.31
C GLU H 120 -1.21 30.05 -12.87
N PRO H 121 0.06 30.44 -13.04
CA PRO H 121 0.44 31.80 -12.63
C PRO H 121 -0.44 32.87 -13.29
N LEU H 122 -0.78 32.67 -14.56
CA LEU H 122 -1.60 33.64 -15.27
C LEU H 122 -2.97 33.82 -14.63
N VAL H 123 -3.67 32.72 -14.42
CA VAL H 123 -5.00 32.78 -13.83
C VAL H 123 -4.97 33.24 -12.38
N LYS H 124 -3.85 32.99 -11.69
CA LYS H 124 -3.74 33.41 -10.31
C LYS H 124 -3.82 34.92 -10.14
N GLU H 125 -3.11 35.67 -10.98
CA GLU H 125 -3.15 37.11 -10.84
C GLU H 125 -4.06 37.81 -11.83
N LYS H 126 -4.56 37.10 -12.83
CA LYS H 126 -5.42 37.75 -13.81
C LYS H 126 -6.84 37.21 -13.98
N GLY H 127 -7.11 36.04 -13.42
CA GLY H 127 -8.44 35.47 -13.54
C GLY H 127 -8.58 34.49 -14.69
N LEU H 128 -9.82 34.11 -14.99
CA LEU H 128 -10.08 33.16 -16.07
C LEU H 128 -10.55 33.84 -17.35
N PHE H 129 -10.69 35.16 -17.32
CA PHE H 129 -11.13 35.90 -18.50
C PHE H 129 -10.30 37.17 -18.74
N SER H 130 -9.00 37.11 -18.44
CA SER H 130 -8.14 38.27 -18.62
C SER H 130 -8.16 38.81 -20.05
N PHE H 131 -8.07 37.92 -21.03
CA PHE H 131 -8.07 38.30 -22.45
C PHE H 131 -9.09 39.38 -22.85
N TYR H 132 -10.14 39.56 -22.05
CA TYR H 132 -11.14 40.58 -22.36
C TYR H 132 -10.55 41.98 -22.26
N ARG H 133 -9.58 42.16 -21.38
CA ARG H 133 -8.95 43.46 -21.22
C ARG H 133 -7.50 43.50 -21.73
N ASP H 134 -6.74 42.44 -21.49
CA ASP H 134 -5.35 42.40 -21.94
C ASP H 134 -5.18 41.80 -23.33
N GLY H 135 -6.24 41.76 -24.11
CA GLY H 135 -6.15 41.16 -25.44
C GLY H 135 -6.01 39.66 -25.29
N HIS H 136 -6.17 38.91 -26.38
CA HIS H 136 -6.09 37.45 -26.30
C HIS H 136 -4.69 36.86 -26.45
N GLY H 137 -3.77 37.66 -26.99
CA GLY H 137 -2.40 37.21 -27.20
C GLY H 137 -1.78 36.43 -26.05
N GLU H 138 -1.95 36.93 -24.83
CA GLU H 138 -1.38 36.28 -23.65
C GLU H 138 -1.96 34.90 -23.33
N CYS H 139 -3.28 34.82 -23.13
CA CYS H 139 -3.91 33.54 -22.82
C CYS H 139 -3.69 32.58 -24.00
N CYS H 140 -3.89 33.06 -25.23
CA CYS H 140 -3.64 32.22 -26.41
C CYS H 140 -2.20 31.71 -26.35
N GLY H 141 -1.28 32.62 -25.99
CA GLY H 141 0.11 32.27 -25.90
C GLY H 141 0.44 31.11 -24.98
N ILE H 142 -0.28 31.00 -23.86
CA ILE H 142 -0.04 29.94 -22.89
C ILE H 142 -0.84 28.67 -23.13
N ARG H 143 -2.12 28.81 -23.44
CA ARG H 143 -2.99 27.65 -23.66
C ARG H 143 -2.93 27.07 -25.07
N LYS H 144 -2.72 27.93 -26.06
CA LYS H 144 -2.69 27.47 -27.45
C LYS H 144 -1.31 27.45 -28.12
N ILE H 145 -0.68 28.61 -28.23
CA ILE H 145 0.62 28.72 -28.90
C ILE H 145 1.81 27.97 -28.29
N GLU H 146 1.95 27.98 -26.96
CA GLU H 146 3.08 27.28 -26.35
C GLU H 146 3.04 25.79 -26.66
N PRO H 147 1.96 25.09 -26.25
CA PRO H 147 1.86 23.65 -26.52
C PRO H 147 1.94 23.29 -28.01
N LEU H 148 1.65 24.27 -28.88
CA LEU H 148 1.73 24.06 -30.32
C LEU H 148 3.20 24.00 -30.72
N LYS H 149 3.99 24.87 -30.10
CA LYS H 149 5.42 24.93 -30.37
C LYS H 149 6.05 23.62 -29.94
N ARG H 150 5.79 23.25 -28.70
CA ARG H 150 6.32 22.03 -28.12
C ARG H 150 6.06 20.81 -29.01
N LYS H 151 4.93 20.79 -29.71
CA LYS H 151 4.58 19.68 -30.59
C LYS H 151 5.38 19.73 -31.89
N LEU H 152 5.35 20.88 -32.55
CA LEU H 152 6.05 21.06 -33.82
C LEU H 152 7.56 20.93 -33.70
N ALA H 153 8.02 20.52 -32.52
CA ALA H 153 9.45 20.33 -32.29
C ALA H 153 9.90 19.16 -33.14
N GLY H 154 9.60 17.95 -32.66
CA GLY H 154 9.99 16.77 -33.40
C GLY H 154 9.11 16.57 -34.62
N VAL H 155 8.86 17.66 -35.34
CA VAL H 155 8.03 17.60 -36.54
C VAL H 155 8.72 18.23 -37.75
N ARG H 156 8.75 17.50 -38.86
CA ARG H 156 9.37 17.98 -40.08
C ARG H 156 8.44 18.95 -40.78
N ALA H 157 7.18 18.54 -40.96
CA ALA H 157 6.18 19.37 -41.62
C ALA H 157 4.79 19.13 -41.02
N TRP H 158 3.87 20.05 -41.30
CA TRP H 158 2.52 19.94 -40.79
C TRP H 158 1.56 20.74 -41.67
N ALA H 159 0.27 20.40 -41.62
CA ALA H 159 -0.74 21.07 -42.42
C ALA H 159 -1.92 21.58 -41.60
N THR H 160 -2.51 22.69 -42.06
CA THR H 160 -3.67 23.27 -41.39
C THR H 160 -4.71 23.62 -42.45
N GLY H 161 -5.96 23.77 -42.02
CA GLY H 161 -7.03 24.10 -42.94
C GLY H 161 -7.34 25.58 -42.98
N GLN H 162 -6.33 26.40 -42.76
CA GLN H 162 -6.52 27.84 -42.80
C GLN H 162 -6.94 28.18 -44.23
N ARG H 163 -7.85 29.12 -44.40
CA ARG H 163 -8.30 29.45 -45.74
C ARG H 163 -8.22 30.93 -46.03
N ARG H 164 -7.87 31.27 -47.28
CA ARG H 164 -7.76 32.66 -47.69
C ARG H 164 -9.01 33.47 -47.35
N ASP H 165 -10.18 32.97 -47.71
CA ASP H 165 -11.42 33.72 -47.46
C ASP H 165 -11.91 33.74 -46.02
N GLN H 166 -11.31 32.93 -45.15
CA GLN H 166 -11.76 32.94 -43.77
C GLN H 166 -11.06 34.07 -43.03
N SER H 167 -10.49 34.99 -43.81
CA SER H 167 -9.78 36.15 -43.28
C SER H 167 -10.60 37.38 -43.61
N PRO H 168 -10.57 38.39 -42.73
CA PRO H 168 -11.32 39.65 -42.92
C PRO H 168 -11.49 39.99 -44.39
N GLY H 169 -10.36 40.17 -45.07
CA GLY H 169 -10.39 40.51 -46.48
C GLY H 169 -9.12 41.25 -46.83
N THR H 170 -8.19 41.26 -45.87
CA THR H 170 -6.90 41.92 -46.06
C THR H 170 -6.14 41.22 -47.19
N ARG H 171 -6.92 40.69 -48.13
CA ARG H 171 -6.43 39.98 -49.31
C ARG H 171 -5.88 38.60 -48.96
N SER H 172 -5.42 37.89 -49.99
CA SER H 172 -4.88 36.54 -49.83
C SER H 172 -3.45 36.58 -49.29
N GLN H 173 -3.27 36.06 -48.08
CA GLN H 173 -1.95 36.06 -47.47
C GLN H 173 -1.40 34.65 -47.37
N VAL H 174 -2.29 33.65 -47.36
CA VAL H 174 -1.86 32.26 -47.23
C VAL H 174 -1.48 31.54 -48.52
N ALA H 175 -0.36 30.81 -48.43
CA ALA H 175 0.17 30.04 -49.54
C ALA H 175 0.07 28.56 -49.17
N VAL H 176 -0.28 27.73 -50.13
CA VAL H 176 -0.44 26.29 -49.90
C VAL H 176 0.76 25.59 -49.27
N LEU H 177 1.94 26.19 -49.43
CA LEU H 177 3.17 25.62 -48.88
C LEU H 177 4.16 26.73 -48.55
N GLU H 178 4.69 26.70 -47.34
CA GLU H 178 5.64 27.72 -46.92
C GLU H 178 6.45 27.21 -45.74
N ILE H 179 7.50 27.95 -45.40
CA ILE H 179 8.35 27.58 -44.28
C ILE H 179 7.63 28.20 -43.10
N ASP H 180 7.48 27.43 -42.03
CA ASP H 180 6.80 27.93 -40.86
C ASP H 180 7.48 29.16 -40.30
N GLY H 181 6.99 30.34 -40.68
CA GLY H 181 7.58 31.58 -40.22
C GLY H 181 7.39 31.91 -38.75
N ALA H 182 7.02 30.90 -37.96
CA ALA H 182 6.81 31.11 -36.54
C ALA H 182 7.60 30.12 -35.69
N PHE H 183 7.81 28.91 -36.20
CA PHE H 183 8.54 27.88 -35.45
C PHE H 183 9.76 27.34 -36.19
N SER H 184 9.90 27.73 -37.45
CA SER H 184 11.02 27.26 -38.25
C SER H 184 12.27 28.04 -37.87
N THR H 185 13.42 27.39 -38.01
CA THR H 185 14.71 28.00 -37.71
C THR H 185 15.70 27.51 -38.76
N PRO H 186 16.64 28.39 -39.20
CA PRO H 186 17.62 27.98 -40.22
C PRO H 186 18.21 26.63 -39.83
N GLU H 187 18.45 26.48 -38.54
CA GLU H 187 19.02 25.26 -37.97
C GLU H 187 18.11 24.07 -38.25
N LYS H 188 16.88 24.15 -37.75
CA LYS H 188 15.89 23.09 -37.95
C LYS H 188 14.62 23.67 -38.56
N PRO H 189 14.50 23.61 -39.90
CA PRO H 189 13.33 24.14 -40.60
C PRO H 189 12.06 23.32 -40.37
N LEU H 190 10.92 23.97 -40.58
CA LEU H 190 9.63 23.33 -40.42
C LEU H 190 8.75 23.80 -41.57
N TYR H 191 8.31 22.87 -42.40
CA TYR H 191 7.48 23.21 -43.55
C TYR H 191 6.00 23.07 -43.21
N LYS H 192 5.21 24.06 -43.61
CA LYS H 192 3.78 24.07 -43.34
C LYS H 192 2.94 24.09 -44.60
N PHE H 193 1.92 23.24 -44.66
CA PHE H 193 1.02 23.18 -45.80
C PHE H 193 -0.33 23.77 -45.44
N ASN H 194 -0.96 24.44 -46.40
CA ASN H 194 -2.28 25.03 -46.21
C ASN H 194 -3.17 24.61 -47.39
N PRO H 195 -3.53 23.32 -47.46
CA PRO H 195 -4.35 22.72 -48.52
C PRO H 195 -5.66 23.44 -48.86
N LEU H 196 -6.36 23.94 -47.84
CA LEU H 196 -7.63 24.64 -48.03
C LEU H 196 -7.50 26.13 -48.27
N SER H 197 -6.29 26.59 -48.57
CA SER H 197 -6.04 28.00 -48.82
C SER H 197 -7.00 28.60 -49.83
N SER H 198 -6.98 28.08 -51.05
CA SER H 198 -7.83 28.60 -52.11
C SER H 198 -9.29 28.17 -52.03
N MET H 199 -9.62 27.33 -51.04
CA MET H 199 -10.99 26.85 -50.89
C MET H 199 -11.90 27.86 -50.16
N THR H 200 -13.09 28.04 -50.70
CA THR H 200 -14.04 28.97 -50.11
C THR H 200 -14.93 28.32 -49.05
N SER H 201 -15.48 29.15 -48.17
CA SER H 201 -16.35 28.71 -47.09
C SER H 201 -17.47 27.86 -47.67
N GLU H 202 -18.17 28.42 -48.65
CA GLU H 202 -19.27 27.74 -49.32
C GLU H 202 -18.83 26.36 -49.80
N GLU H 203 -17.66 26.30 -50.43
CA GLU H 203 -17.14 25.04 -50.94
C GLU H 203 -16.86 24.08 -49.79
N VAL H 204 -16.29 24.61 -48.71
CA VAL H 204 -15.99 23.78 -47.54
C VAL H 204 -17.27 23.10 -47.08
N TRP H 205 -18.33 23.89 -46.96
CA TRP H 205 -19.60 23.36 -46.52
C TRP H 205 -20.33 22.54 -47.59
N GLY H 206 -20.02 22.82 -48.85
CA GLY H 206 -20.63 22.06 -49.91
C GLY H 206 -20.07 20.66 -49.78
N TYR H 207 -18.78 20.59 -49.49
CA TYR H 207 -18.07 19.34 -49.32
C TYR H 207 -18.56 18.57 -48.10
N ILE H 208 -18.46 19.18 -46.92
CA ILE H 208 -18.89 18.51 -45.71
C ILE H 208 -20.35 18.03 -45.77
N ARG H 209 -21.24 18.83 -46.34
CA ARG H 209 -22.64 18.42 -46.46
C ARG H 209 -22.78 17.28 -47.48
N MET H 210 -22.16 17.46 -48.64
CA MET H 210 -22.21 16.46 -49.70
C MET H 210 -21.86 15.05 -49.23
N LEU H 211 -20.62 14.86 -48.80
CA LEU H 211 -20.18 13.55 -48.35
C LEU H 211 -20.73 13.21 -46.96
N GLU H 212 -21.55 14.11 -46.42
CA GLU H 212 -22.14 13.91 -45.12
C GLU H 212 -21.13 13.66 -44.00
N LEU H 213 -20.19 14.58 -43.86
CA LEU H 213 -19.18 14.47 -42.82
C LEU H 213 -19.79 15.04 -41.54
N PRO H 214 -19.29 14.59 -40.39
CA PRO H 214 -19.82 15.11 -39.14
C PRO H 214 -19.25 16.51 -39.00
N TYR H 215 -19.91 17.37 -38.24
CA TYR H 215 -19.43 18.73 -38.05
C TYR H 215 -19.86 19.22 -36.67
N ASN H 216 -19.11 20.18 -36.14
CA ASN H 216 -19.42 20.73 -34.83
C ASN H 216 -20.87 21.20 -34.74
N SER H 217 -21.55 20.79 -33.67
CA SER H 217 -22.95 21.15 -33.42
C SER H 217 -23.19 22.65 -33.46
N LEU H 218 -22.15 23.43 -33.18
CA LEU H 218 -22.27 24.88 -33.16
C LEU H 218 -22.63 25.51 -34.51
N HIS H 219 -22.35 24.80 -35.59
CA HIS H 219 -22.65 25.30 -36.93
C HIS H 219 -24.16 25.41 -37.15
N GLU H 220 -24.91 24.73 -36.31
CA GLU H 220 -26.37 24.75 -36.37
C GLU H 220 -26.95 25.79 -35.42
N ARG H 221 -26.07 26.48 -34.70
CA ARG H 221 -26.48 27.51 -33.74
C ARG H 221 -26.00 28.90 -34.13
N GLY H 222 -25.48 29.07 -35.34
CA GLY H 222 -25.04 30.38 -35.76
C GLY H 222 -23.53 30.60 -35.87
N TYR H 223 -22.75 29.57 -35.54
CA TYR H 223 -21.30 29.66 -35.61
C TYR H 223 -20.74 29.30 -36.98
N ILE H 224 -19.97 30.21 -37.57
CA ILE H 224 -19.34 29.95 -38.85
C ILE H 224 -17.89 29.67 -38.54
N SER H 225 -17.31 30.51 -37.69
CA SER H 225 -15.92 30.36 -37.26
C SER H 225 -15.92 29.94 -35.79
N ILE H 226 -15.13 28.94 -35.44
CA ILE H 226 -15.10 28.45 -34.07
C ILE H 226 -13.75 28.51 -33.37
N GLY H 227 -13.76 29.09 -32.17
CA GLY H 227 -12.57 29.19 -31.36
C GLY H 227 -12.95 28.69 -29.99
N CYS H 228 -12.27 29.16 -28.94
CA CYS H 228 -12.62 28.73 -27.60
C CYS H 228 -14.00 29.33 -27.27
N GLU H 229 -14.65 28.80 -26.25
CA GLU H 229 -15.96 29.26 -25.84
C GLU H 229 -16.01 30.75 -25.41
N PRO H 230 -15.18 31.15 -24.43
CA PRO H 230 -15.21 32.55 -23.99
C PRO H 230 -14.88 33.62 -25.04
N CYS H 231 -14.15 33.25 -26.09
CA CYS H 231 -13.78 34.22 -27.11
C CYS H 231 -14.52 34.10 -28.43
N THR H 232 -15.38 33.10 -28.54
CA THR H 232 -16.13 32.93 -29.77
C THR H 232 -17.61 33.23 -29.59
N ARG H 233 -18.24 33.75 -30.63
CA ARG H 233 -19.66 34.05 -30.58
C ARG H 233 -20.25 33.90 -31.96
N PRO H 234 -21.51 33.46 -32.04
CA PRO H 234 -22.11 33.31 -33.37
C PRO H 234 -22.14 34.68 -34.07
N VAL H 235 -22.32 34.67 -35.39
CA VAL H 235 -22.36 35.92 -36.14
C VAL H 235 -23.69 36.02 -36.88
N LEU H 236 -24.13 37.24 -37.15
CA LEU H 236 -25.40 37.50 -37.83
C LEU H 236 -25.47 37.09 -39.31
N PRO H 237 -26.66 37.14 -39.90
CA PRO H 237 -26.77 36.76 -41.30
C PRO H 237 -25.91 37.71 -42.13
N ASN H 238 -24.99 37.16 -42.90
CA ASN H 238 -24.10 37.94 -43.76
C ASN H 238 -22.87 38.53 -43.08
N GLN H 239 -22.92 38.66 -41.76
CA GLN H 239 -21.78 39.21 -41.03
C GLN H 239 -20.57 38.31 -41.28
N HIS H 240 -19.40 38.91 -41.55
CA HIS H 240 -18.22 38.10 -41.81
C HIS H 240 -17.85 37.21 -40.64
N GLU H 241 -17.48 35.97 -40.96
CA GLU H 241 -17.14 34.99 -39.93
C GLU H 241 -16.03 35.35 -38.94
N ARG H 242 -15.13 36.25 -39.30
CA ARG H 242 -14.05 36.61 -38.40
C ARG H 242 -14.54 37.47 -37.23
N GLU H 243 -15.62 38.21 -37.45
CA GLU H 243 -16.20 39.05 -36.43
C GLU H 243 -16.80 38.26 -35.26
N GLY H 244 -16.67 36.94 -35.32
CA GLY H 244 -17.18 36.11 -34.25
C GLY H 244 -16.03 35.70 -33.34
N ARG H 245 -14.83 36.18 -33.69
CA ARG H 245 -13.62 35.87 -32.95
C ARG H 245 -12.98 37.12 -32.33
N TRP H 246 -12.82 37.11 -31.01
CA TRP H 246 -12.23 38.23 -30.29
C TRP H 246 -12.83 39.53 -30.83
N TRP H 247 -14.15 39.59 -30.77
CA TRP H 247 -14.89 40.73 -31.28
C TRP H 247 -14.63 42.04 -30.55
N TRP H 248 -14.30 41.96 -29.25
CA TRP H 248 -14.05 43.12 -28.41
C TRP H 248 -12.72 43.80 -28.71
N GLU H 249 -11.87 43.16 -29.52
CA GLU H 249 -10.58 43.72 -29.86
C GLU H 249 -10.63 44.59 -31.11
FE1 SF4 I . 47.47 -39.79 22.59
FE2 SF4 I . 50.02 -39.03 23.32
FE3 SF4 I . 49.07 -41.42 24.06
FE4 SF4 I . 48.05 -39.18 25.22
S1 SF4 I . 50.13 -40.05 25.39
S2 SF4 I . 46.96 -41.05 24.44
S3 SF4 I . 48.25 -37.77 23.40
S4 SF4 I . 49.39 -40.81 21.98
FE1 SF4 J . 7.03 -31.35 28.11
FE2 SF4 J . 7.21 -28.62 28.14
FE3 SF4 J . 8.76 -30.04 26.47
FE4 SF4 J . 9.26 -30.13 29.15
S1 SF4 J . 9.47 -28.38 27.70
S2 SF4 J . 9.23 -31.85 27.61
S3 SF4 J . 7.11 -29.90 29.90
S4 SF4 J . 6.58 -29.97 26.36
SB ADX K . 7.87 -39.11 25.74
O1B ADX K . 6.62 -39.15 26.42
O2B ADX K . 9.13 -39.48 26.29
O3B ADX K . 8.01 -37.67 25.21
PA ADX K . 8.95 -40.16 23.61
O1A ADX K . 9.62 -38.86 23.27
O2A ADX K . 9.94 -41.13 24.40
O3A ADX K . 7.62 -39.98 24.53
O5' ADX K . 8.42 -40.97 22.38
C5' ADX K . 9.32 -41.08 21.34
C4' ADX K . 8.51 -41.84 20.35
O4' ADX K . 7.20 -41.24 20.23
C3' ADX K . 9.25 -41.86 19.02
O3' ADX K . 9.41 -43.16 18.43
C2' ADX K . 8.39 -40.84 18.18
O2' ADX K . 7.92 -41.41 16.98
C1' ADX K . 7.17 -40.38 19.09
N9 ADX K . 7.17 -38.93 19.53
C8 ADX K . 7.32 -38.51 20.84
N7 ADX K . 7.29 -37.23 20.93
C5 ADX K . 7.12 -36.69 19.70
C6 ADX K . 7.02 -35.38 19.21
N6 ADX K . 7.09 -34.29 20.07
N1 ADX K . 6.85 -35.18 17.87
C2 ADX K . 6.77 -36.21 17.02
N3 ADX K . 6.87 -37.49 17.45
C4 ADX K . 7.04 -37.78 18.77
FE1 SF4 L . 48.10 -20.89 35.53
FE2 SF4 L . 50.22 -22.57 35.96
FE3 SF4 L . 50.67 -20.09 35.09
FE4 SF4 L . 49.52 -21.89 33.41
S1 SF4 L . 51.63 -21.86 34.27
S2 SF4 L . 48.98 -19.69 33.76
S3 SF4 L . 48.36 -23.10 34.98
S4 SF4 L . 49.76 -20.57 37.02
FE1 SF4 M . 14.33 -14.40 12.08
FE2 SF4 M . 13.50 -17.01 11.97
FE3 SF4 M . 14.64 -16.08 14.22
FE4 SF4 M . 16.18 -16.43 11.99
S1 SF4 M . 15.14 -17.98 13.30
S2 SF4 M . 16.15 -14.67 13.48
S3 SF4 M . 14.58 -15.94 10.41
S4 SF4 M . 12.74 -15.36 13.40
SB ADX N . 16.77 -7.52 15.18
O1B ADX N . 15.74 -7.45 14.17
O2B ADX N . 18.15 -7.27 14.96
O3B ADX N . 16.61 -8.89 15.82
PA ADX N . 17.11 -6.61 17.63
O1A ADX N . 17.10 -8.01 18.22
O2A ADX N . 18.61 -6.10 17.40
O3A ADX N . 16.32 -6.49 16.21
O5' ADX N . 16.37 -5.54 18.50
C5' ADX N . 16.68 -5.56 19.83
C4' ADX N . 15.78 -4.45 20.31
O4' ADX N . 14.47 -4.60 19.74
C3' ADX N . 15.77 -4.47 21.84
O3' ADX N . 16.10 -3.22 22.47
C2' ADX N . 14.30 -5.01 22.10
O2' ADX N . 13.54 -4.16 22.94
C1' ADX N . 13.59 -5.20 20.69
N9 ADX N . 13.34 -6.64 20.28
C8 ADX N . 13.88 -7.27 19.19
N7 ADX N . 13.50 -8.49 19.09
C5 ADX N . 12.65 -8.76 20.11
C6 ADX N . 11.92 -9.91 20.50
N6 ADX N . 12.00 -11.08 19.78
N1 ADX N . 11.13 -9.83 21.62
C2 ADX N . 11.04 -8.71 22.32
N3 ADX N . 11.71 -7.61 21.99
C4 ADX N . 12.53 -7.58 20.90
FE1 SF4 O . -49.39 35.20 -18.74
FE2 SF4 O . -51.40 35.61 -20.56
FE3 SF4 O . -51.96 34.40 -18.24
FE4 SF4 O . -50.48 33.07 -20.10
S1 SF4 O . -52.66 33.71 -20.18
S2 SF4 O . -50.18 33.20 -17.82
S3 SF4 O . -49.40 34.90 -21.02
S4 SF4 O . -51.24 36.46 -18.41
FE1 SF4 P . -14.22 13.30 -13.38
FE2 SF4 P . -13.20 13.59 -15.91
FE3 SF4 P . -14.52 15.63 -14.78
FE4 SF4 P . -15.91 13.41 -15.55
S1 SF4 P . -14.82 14.95 -16.83
S2 SF4 P . -16.08 14.65 -13.61
S3 SF4 P . -14.27 11.84 -15.15
S4 SF4 P . -12.64 14.80 -14.03
SB ADX Q . -17.57 15.26 -6.34
O1B ADX Q . -16.60 14.21 -6.33
O2B ADX Q . -18.96 15.11 -6.40
O3B ADX Q . -17.13 16.19 -7.49
PA ADX Q . -18.05 17.43 -4.94
O1A ADX Q . -17.90 18.29 -6.18
O2A ADX Q . -19.58 17.10 -4.65
O3A ADX Q . -17.26 16.00 -5.04
O5' ADX Q . -17.49 18.08 -3.62
C5' ADX Q . -17.88 19.38 -3.48
C4' ADX Q . -17.19 19.77 -2.23
O4' ADX Q . -15.82 19.36 -2.28
C3' ADX Q . -17.31 21.28 -2.06
O3' ADX Q . -17.81 21.72 -0.79
C2' ADX Q . -15.86 21.74 -2.41
O2' ADX Q . -15.27 22.51 -1.38
C1' ADX Q . -14.99 20.44 -2.69
N9 ADX Q . -14.56 20.25 -4.14
C8 ADX Q . -14.93 19.19 -4.93
N7 ADX Q . -14.42 19.28 -6.12
C5 ADX Q . -13.68 20.39 -6.19
C6 ADX Q . -12.90 20.99 -7.22
N6 ADX Q . -12.79 20.40 -8.46
N1 ADX Q . -12.25 22.16 -6.96
C2 ADX Q . -12.33 22.74 -5.76
N3 ADX Q . -13.06 22.21 -4.76
C4 ADX Q . -13.75 21.05 -4.93
FE1 SF4 R . -46.30 25.59 -39.26
FE2 SF4 R . -48.96 25.99 -38.73
FE3 SF4 R . -47.86 27.14 -40.88
FE4 SF4 R . -47.19 28.06 -38.42
S1 SF4 R . -49.17 28.17 -39.48
S2 SF4 R . -45.84 27.66 -40.23
S3 SF4 R . -47.34 26.06 -37.28
S4 SF4 R . -48.04 24.98 -40.58
FE1 SF4 S . -7.15 32.46 -26.86
FE2 SF4 S . -7.58 31.95 -24.20
FE3 SF4 S . -8.86 30.49 -26.06
FE4 SF4 S . -9.57 33.10 -25.71
S1 SF4 S . -9.80 31.33 -24.29
S2 SF4 S . -9.25 31.93 -27.66
S3 SF4 S . -7.50 33.91 -25.12
S4 SF4 S . -6.69 30.51 -25.78
SB ADX T . -7.30 31.20 -35.04
O1B ADX T . -6.15 32.07 -34.99
O2B ADX T . -8.63 31.61 -35.31
O3B ADX T . -7.31 30.44 -33.72
PA ADX T . -8.11 29.20 -36.52
O1A ADX T . -8.86 28.57 -35.38
O2A ADX T . -9.09 30.07 -37.45
O3A ADX T . -6.89 30.17 -36.07
O5' ADX T . -7.38 28.18 -37.44
C5' ADX T . -8.13 27.09 -37.82
C4' ADX T . -7.07 26.35 -38.58
O4' ADX T . -5.85 26.31 -37.82
C3' ADX T . -7.58 24.95 -38.92
O3' ADX T . -7.48 24.66 -40.32
C2' ADX T . -6.68 24.08 -37.98
O2' ADX T . -5.93 23.12 -38.72
C1' ADX T . -5.70 25.04 -37.19
N9 ADX T . -5.97 25.18 -35.71
C8 ADX T . -6.40 26.31 -35.06
N7 ADX T . -6.53 26.11 -33.80
C5 ADX T . -6.20 24.83 -33.51
C6 ADX T . -6.15 24.04 -32.34
N6 ADX T . -6.49 24.59 -31.11
N1 ADX T . -5.75 22.76 -32.43
C2 ADX T . -5.42 22.20 -33.60
N3 ADX T . -5.45 22.90 -34.74
C4 ADX T . -5.84 24.20 -34.75
#